data_5WZE
#
_entry.id   5WZE
#
_cell.length_a   111.197
_cell.length_b   123.432
_cell.length_c   149.485
_cell.angle_alpha   90.00
_cell.angle_beta   90.00
_cell.angle_gamma   90.00
#
_symmetry.space_group_name_H-M   'P 21 21 21'
#
loop_
_entity.id
_entity.type
_entity.pdbx_description
1 polymer 'Aminopeptidase P'
2 non-polymer 'SODIUM ION'
3 non-polymer GLYCEROL
4 non-polymer 'SULFATE ION'
5 non-polymer PROLINE
6 non-polymer ALANINE
7 non-polymer 'CALCIUM ION'
8 non-polymer 'MANGANESE (II) ION'
9 non-polymer 'TRIETHYLENE GLYCOL'
10 non-polymer 1,2-ETHANEDIOL
11 water water
#
_entity_poly.entity_id   1
_entity_poly.type   'polypeptide(L)'
_entity_poly.pdbx_seq_one_letter_code
;MIRIPKSEYARRRKALMAQMEPNSIAILPAAPMYIRNRDVEHVYRQDSDFQYLTGFPEPEAVMALIPGRAHGEYVLFCRE
RDPERELWDGLRAGQDGAIGQYGADDAFPIGDIDDILPGLIEGRDRVYYALGANPDFDRRLMDWINVIRSKARQGAQPPN
EFVALDHLLHDQRLYKSANEVKVMRYAAEVSARAHIRAMEVCRPGLFEYHLEAELEYEFRKGGAKMPAYGSIVAAGRNAC
ILHYRENDAAIKDGDLILIDAGCEIDCYASDITRTFPANGRFSPEQKAIYELVLEANMAAFDYIAPGRHWNEAHEATVRV
ITAGLVRLGLLEGDVDELIAHEAYKAFYMHRAGHWLGMDVHDVGEYRVGGEWRVLEPGMAMTVEPGIYIAPDNTTVAKKW
RGIGVRIEDDVVVTRNGCEVLTNGVPKTVAEIEALMAAAKSEAALEHHHHHH
;
_entity_poly.pdbx_strand_id   A,B,C,D
#
# COMPACT_ATOMS: atom_id res chain seq x y z
N MET A 1 35.03 -4.80 35.17
CA MET A 1 34.36 -3.68 34.53
C MET A 1 33.52 -2.94 35.56
N ILE A 2 32.88 -1.87 35.11
CA ILE A 2 31.93 -1.11 35.91
C ILE A 2 30.64 -1.91 36.00
N ARG A 3 30.08 -2.04 37.20
CA ARG A 3 28.96 -2.92 37.41
C ARG A 3 28.41 -2.65 38.81
N ILE A 4 27.20 -3.14 39.05
CA ILE A 4 26.59 -2.97 40.36
C ILE A 4 27.23 -3.95 41.34
N PRO A 5 27.68 -3.52 42.51
CA PRO A 5 28.37 -4.44 43.40
C PRO A 5 27.39 -5.36 44.13
N LYS A 6 27.92 -6.49 44.59
CA LYS A 6 27.05 -7.50 45.16
C LYS A 6 26.39 -6.98 46.44
N SER A 7 27.05 -6.07 47.15
CA SER A 7 26.44 -5.49 48.33
C SER A 7 25.19 -4.68 48.00
N GLU A 8 25.14 -4.08 46.81
CA GLU A 8 24.00 -3.23 46.51
C GLU A 8 22.74 -4.06 46.30
N TYR A 9 22.87 -5.21 45.64
CA TYR A 9 21.72 -6.09 45.48
C TYR A 9 21.16 -6.50 46.84
N ALA A 10 22.03 -6.78 47.81
CA ALA A 10 21.55 -7.12 49.15
C ALA A 10 20.84 -5.95 49.79
N ARG A 11 21.33 -4.76 49.60
CA ARG A 11 20.67 -3.61 50.13
C ARG A 11 19.28 -3.47 49.54
N ARG A 12 19.17 -3.67 48.24
CA ARG A 12 17.88 -3.53 47.59
C ARG A 12 16.88 -4.54 48.13
N ARG A 13 17.31 -5.78 48.34
CA ARG A 13 16.43 -6.78 48.93
C ARG A 13 15.98 -6.34 50.32
N LYS A 14 16.89 -5.78 51.11
CA LYS A 14 16.51 -5.33 52.44
C LYS A 14 15.49 -4.19 52.35
N ALA A 15 15.70 -3.24 51.44
CA ALA A 15 14.78 -2.12 51.33
C ALA A 15 13.38 -2.57 50.93
N LEU A 16 13.30 -3.52 49.99
CA LEU A 16 11.99 -4.03 49.60
C LEU A 16 11.33 -4.76 50.76
N MET A 17 12.05 -5.67 51.41
CA MET A 17 11.42 -6.43 52.50
C MET A 17 10.96 -5.50 53.60
N ALA A 18 11.65 -4.39 53.80
CA ALA A 18 11.21 -3.44 54.82
C ALA A 18 9.90 -2.77 54.47
N GLN A 19 9.47 -2.86 53.21
CA GLN A 19 8.20 -2.28 52.80
C GLN A 19 7.08 -3.31 52.72
N MET A 20 7.41 -4.59 52.83
CA MET A 20 6.41 -5.65 52.84
C MET A 20 5.80 -5.78 54.22
N GLU A 21 4.53 -6.15 54.25
CA GLU A 21 3.90 -6.40 55.53
C GLU A 21 4.41 -7.69 56.13
N PRO A 22 4.39 -7.82 57.45
CA PRO A 22 4.95 -9.00 58.09
C PRO A 22 4.28 -10.28 57.61
N ASN A 23 5.02 -11.37 57.75
CA ASN A 23 4.55 -12.71 57.42
C ASN A 23 4.05 -12.78 55.98
N SER A 24 4.82 -12.21 55.07
CA SER A 24 4.51 -12.25 53.66
C SER A 24 5.67 -12.85 52.89
N ILE A 25 5.51 -12.98 51.58
CA ILE A 25 6.53 -13.57 50.72
C ILE A 25 6.42 -12.92 49.34
N ALA A 26 7.57 -12.58 48.75
CA ALA A 26 7.62 -12.04 47.40
C ALA A 26 8.32 -13.04 46.49
N ILE A 27 7.83 -13.14 45.25
CA ILE A 27 8.30 -14.15 44.31
C ILE A 27 8.44 -13.52 42.92
N LEU A 28 9.61 -13.70 42.30
CA LEU A 28 9.96 -13.12 41.00
C LEU A 28 10.67 -14.17 40.17
N PRO A 29 10.19 -14.46 38.97
CA PRO A 29 10.86 -15.39 38.08
C PRO A 29 11.87 -14.69 37.18
N ALA A 30 12.81 -15.48 36.67
CA ALA A 30 13.70 -14.96 35.65
C ALA A 30 12.95 -14.75 34.34
N ALA A 31 13.60 -14.08 33.41
CA ALA A 31 13.01 -13.87 32.11
C ALA A 31 13.00 -15.19 31.31
N PRO A 32 11.99 -15.38 30.47
CA PRO A 32 11.96 -16.55 29.59
C PRO A 32 13.07 -16.52 28.55
N MET A 33 13.55 -17.68 28.15
CA MET A 33 14.18 -17.84 26.83
CA MET A 33 14.28 -17.92 26.87
C MET A 33 13.34 -18.03 25.53
N TYR A 34 13.85 -17.37 24.48
CA TYR A 34 13.14 -17.40 23.21
C TYR A 34 13.99 -18.05 22.13
N ILE A 35 13.35 -18.81 21.25
CA ILE A 35 14.02 -19.36 20.08
C ILE A 35 13.89 -18.36 18.93
N ARG A 36 15.01 -18.04 18.28
CA ARG A 36 14.98 -17.10 17.19
C ARG A 36 14.57 -17.78 15.88
N ASN A 37 15.21 -18.90 15.56
CA ASN A 37 14.85 -19.69 14.39
C ASN A 37 15.40 -21.11 14.60
N ARG A 38 14.54 -22.10 14.42
CA ARG A 38 14.86 -23.51 14.57
C ARG A 38 15.39 -23.81 15.97
N ASP A 39 16.70 -23.99 16.14
CA ASP A 39 17.28 -24.21 17.46
C ASP A 39 18.21 -23.09 17.88
N VAL A 40 18.23 -21.99 17.15
CA VAL A 40 19.06 -20.84 17.46
C VAL A 40 18.28 -19.94 18.41
N GLU A 41 18.83 -19.70 19.58
CA GLU A 41 18.12 -18.88 20.55
C GLU A 41 18.50 -17.41 20.41
N HIS A 42 17.58 -16.55 20.81
CA HIS A 42 17.84 -15.14 20.92
C HIS A 42 18.84 -14.88 22.04
N VAL A 43 19.54 -13.75 21.95
CA VAL A 43 20.42 -13.37 23.04
C VAL A 43 19.59 -13.25 24.30
N TYR A 44 20.10 -13.78 25.41
CA TYR A 44 19.35 -13.77 26.67
C TYR A 44 19.43 -12.40 27.34
N ARG A 45 18.31 -11.95 27.89
CA ARG A 45 18.25 -10.70 28.64
C ARG A 45 17.47 -10.91 29.92
N GLN A 46 18.14 -10.81 31.06
CA GLN A 46 17.45 -11.01 32.33
C GLN A 46 16.33 -9.98 32.49
N ASP A 47 15.25 -10.40 33.13
CA ASP A 47 14.18 -9.50 33.52
C ASP A 47 14.70 -8.40 34.44
N SER A 48 14.35 -7.15 34.16
CA SER A 48 14.97 -6.04 34.89
C SER A 48 14.66 -6.09 36.38
N ASP A 49 13.42 -6.43 36.76
CA ASP A 49 13.08 -6.51 38.17
C ASP A 49 13.83 -7.64 38.87
N PHE A 50 13.84 -8.82 38.27
CA PHE A 50 14.62 -9.94 38.82
C PHE A 50 16.09 -9.56 38.95
N GLN A 51 16.68 -9.04 37.86
CA GLN A 51 18.06 -8.55 37.90
C GLN A 51 18.26 -7.54 39.02
N TYR A 52 17.36 -6.57 39.13
CA TYR A 52 17.58 -5.48 40.08
C TYR A 52 17.76 -6.00 41.50
N LEU A 53 17.06 -7.06 41.85
CA LEU A 53 17.10 -7.63 43.19
C LEU A 53 18.14 -8.73 43.37
N THR A 54 18.65 -9.32 42.30
CA THR A 54 19.55 -10.48 42.46
C THR A 54 20.89 -10.36 41.77
N GLY A 55 20.97 -9.65 40.64
CA GLY A 55 22.18 -9.71 39.86
C GLY A 55 22.42 -11.04 39.19
N PHE A 56 21.43 -11.91 39.15
CA PHE A 56 21.64 -13.30 38.73
C PHE A 56 21.37 -13.42 37.25
N PRO A 57 22.33 -13.90 36.45
CA PRO A 57 22.23 -13.77 35.00
C PRO A 57 21.53 -14.91 34.27
N GLU A 58 21.09 -15.94 34.95
CA GLU A 58 20.64 -17.15 34.26
C GLU A 58 19.13 -17.21 34.12
N PRO A 59 18.65 -17.87 33.10
CA PRO A 59 17.24 -18.25 33.02
C PRO A 59 16.95 -19.41 33.97
N GLU A 60 15.70 -19.83 33.99
CA GLU A 60 15.23 -20.98 34.75
C GLU A 60 15.53 -20.82 36.24
N ALA A 61 15.17 -19.67 36.77
CA ALA A 61 15.37 -19.35 38.18
C ALA A 61 14.16 -18.61 38.71
N VAL A 62 13.98 -18.70 40.02
CA VAL A 62 12.90 -18.05 40.75
C VAL A 62 13.44 -17.64 42.11
N MET A 63 13.20 -16.40 42.49
CA MET A 63 13.64 -15.91 43.78
C MET A 63 12.45 -15.71 44.71
N ALA A 64 12.71 -15.81 46.00
CA ALA A 64 11.68 -15.61 47.01
C ALA A 64 12.29 -14.83 48.16
N LEU A 65 11.55 -13.85 48.66
CA LEU A 65 11.94 -13.05 49.81
C LEU A 65 10.92 -13.30 50.90
N ILE A 66 11.39 -13.77 52.05
CA ILE A 66 10.48 -14.15 53.13
C ILE A 66 10.89 -13.38 54.39
N PRO A 67 10.41 -12.16 54.58
CA PRO A 67 10.90 -11.32 55.66
C PRO A 67 10.73 -11.99 57.02
N GLY A 68 11.78 -11.91 57.82
CA GLY A 68 11.73 -12.50 59.12
C GLY A 68 11.84 -14.01 59.17
N ARG A 69 12.12 -14.67 58.06
CA ARG A 69 12.29 -16.11 58.10
C ARG A 69 13.57 -16.48 58.83
N ALA A 70 13.44 -17.36 59.82
CA ALA A 70 14.59 -17.73 60.63
C ALA A 70 15.66 -18.44 59.79
N HIS A 71 15.25 -19.39 58.97
CA HIS A 71 16.20 -20.16 58.19
C HIS A 71 16.73 -19.43 56.96
N GLY A 72 16.39 -18.16 56.78
CA GLY A 72 16.93 -17.39 55.67
C GLY A 72 15.90 -16.65 54.86
N GLU A 73 16.06 -15.33 54.72
CA GLU A 73 15.02 -14.55 54.08
C GLU A 73 15.08 -14.64 52.56
N TYR A 74 16.23 -14.91 51.99
CA TYR A 74 16.43 -14.86 50.55
C TYR A 74 16.73 -16.27 50.04
N VAL A 75 15.82 -16.81 49.26
CA VAL A 75 15.88 -18.14 48.71
C VAL A 75 15.89 -18.06 47.20
N LEU A 76 16.79 -18.80 46.55
CA LEU A 76 16.92 -18.82 45.11
C LEU A 76 16.79 -20.24 44.59
N PHE A 77 15.80 -20.47 43.73
CA PHE A 77 15.74 -21.66 42.90
C PHE A 77 16.45 -21.39 41.58
N CYS A 78 17.35 -22.27 41.19
CA CYS A 78 18.12 -22.10 39.96
C CYS A 78 18.60 -23.46 39.46
N ARG A 79 19.12 -23.48 38.24
CA ARG A 79 19.62 -24.73 37.67
C ARG A 79 20.72 -25.34 38.53
N GLU A 80 20.70 -26.66 38.66
CA GLU A 80 21.70 -27.35 39.47
C GLU A 80 22.90 -27.74 38.62
N ARG A 81 24.04 -27.83 39.29
CA ARG A 81 25.28 -28.23 38.64
C ARG A 81 25.11 -29.59 37.99
N ASP A 82 25.63 -29.71 36.76
CA ASP A 82 25.37 -30.87 35.92
C ASP A 82 26.48 -30.95 34.91
N PRO A 83 27.45 -31.78 35.14
CA PRO A 83 28.61 -31.81 34.26
C PRO A 83 28.37 -32.06 32.80
N GLU A 84 27.50 -32.98 32.43
CA GLU A 84 27.31 -33.21 31.03
C GLU A 84 26.75 -31.97 30.37
N ARG A 85 25.75 -31.36 30.97
CA ARG A 85 25.17 -30.17 30.38
C ARG A 85 26.08 -28.99 30.30
N GLU A 86 26.90 -28.83 31.30
CA GLU A 86 27.82 -27.73 31.34
C GLU A 86 28.84 -27.89 30.22
N LEU A 87 29.21 -29.13 29.88
CA LEU A 87 30.20 -29.33 28.83
C LEU A 87 29.73 -28.67 27.54
N TRP A 88 28.45 -28.77 27.25
CA TRP A 88 27.96 -28.10 26.09
C TRP A 88 27.52 -26.67 26.29
N ASP A 89 26.63 -26.50 27.24
CA ASP A 89 26.00 -25.23 27.55
C ASP A 89 26.71 -24.05 28.15
N GLY A 90 27.56 -24.26 29.12
CA GLY A 90 28.21 -23.16 29.75
C GLY A 90 28.12 -23.50 31.17
N LEU A 91 28.95 -22.87 31.98
CA LEU A 91 28.95 -23.17 33.37
C LEU A 91 27.75 -22.57 34.10
N ARG A 92 27.28 -23.28 35.12
CA ARG A 92 26.13 -22.85 35.89
C ARG A 92 26.58 -22.48 37.30
N ALA A 93 25.93 -21.48 37.88
CA ALA A 93 26.27 -21.10 39.24
C ALA A 93 25.91 -22.23 40.21
N GLY A 94 24.81 -22.92 39.96
CA GLY A 94 24.33 -23.96 40.83
C GLY A 94 23.93 -23.43 42.19
N GLN A 95 23.56 -24.36 43.06
CA GLN A 95 23.21 -23.98 44.42
C GLN A 95 24.42 -23.47 45.18
N ASP A 96 25.61 -23.94 44.83
CA ASP A 96 26.80 -23.41 45.49
C ASP A 96 26.98 -21.94 45.14
N GLY A 97 26.89 -21.61 43.85
CA GLY A 97 27.01 -20.22 43.45
C GLY A 97 25.95 -19.34 44.07
N ALA A 98 24.73 -19.85 44.16
CA ALA A 98 23.61 -19.05 44.62
C ALA A 98 23.86 -18.55 46.05
N ILE A 99 24.24 -19.43 46.95
CA ILE A 99 24.51 -19.04 48.33
C ILE A 99 25.89 -18.43 48.51
N GLY A 100 26.71 -18.64 47.52
CA GLY A 100 28.06 -18.20 47.50
C GLY A 100 28.20 -16.82 46.90
N GLN A 101 28.55 -16.69 45.63
CA GLN A 101 28.73 -15.37 45.08
C GLN A 101 27.50 -14.49 45.03
N TYR A 102 26.34 -15.10 44.90
CA TYR A 102 25.10 -14.35 44.79
C TYR A 102 24.40 -14.15 46.13
N GLY A 103 24.93 -14.68 47.23
CA GLY A 103 24.48 -14.27 48.54
C GLY A 103 23.15 -14.80 49.01
N ALA A 104 22.58 -15.79 48.35
CA ALA A 104 21.33 -16.36 48.82
C ALA A 104 21.52 -17.00 50.18
N ASP A 105 20.48 -16.94 51.01
CA ASP A 105 20.51 -17.63 52.29
C ASP A 105 20.27 -19.13 52.11
N ASP A 106 19.44 -19.51 51.16
CA ASP A 106 19.20 -20.91 50.85
C ASP A 106 18.98 -21.01 49.36
N ALA A 107 19.19 -22.19 48.81
CA ALA A 107 19.10 -22.37 47.37
C ALA A 107 18.70 -23.80 47.07
N PHE A 108 17.91 -23.98 46.02
CA PHE A 108 17.39 -25.27 45.64
C PHE A 108 17.39 -25.40 44.14
N PRO A 109 17.53 -26.62 43.62
CA PRO A 109 17.41 -26.82 42.18
C PRO A 109 16.02 -26.45 41.69
N ILE A 110 15.98 -25.80 40.53
CA ILE A 110 14.71 -25.32 40.00
C ILE A 110 13.80 -26.48 39.66
N GLY A 111 14.37 -27.67 39.44
CA GLY A 111 13.57 -28.86 39.19
C GLY A 111 12.75 -29.29 40.37
N ASP A 112 13.07 -28.84 41.57
CA ASP A 112 12.38 -29.24 42.77
C ASP A 112 11.46 -28.16 43.32
N ILE A 113 11.20 -27.11 42.54
CA ILE A 113 10.51 -25.95 43.10
C ILE A 113 9.09 -26.31 43.48
N ASP A 114 8.43 -27.15 42.70
CA ASP A 114 7.07 -27.55 43.02
C ASP A 114 6.99 -28.30 44.34
N ASP A 115 8.08 -28.85 44.83
CA ASP A 115 8.06 -29.58 46.09
C ASP A 115 8.56 -28.81 47.29
N ILE A 116 8.95 -27.57 47.07
CA ILE A 116 9.43 -26.73 48.14
C ILE A 116 8.69 -25.43 48.31
N LEU A 117 8.45 -24.74 47.21
CA LEU A 117 7.88 -23.42 47.30
C LEU A 117 6.55 -23.31 47.98
N PRO A 118 5.64 -24.32 47.68
CA PRO A 118 4.34 -24.21 48.35
C PRO A 118 4.45 -24.20 49.86
N GLY A 119 5.35 -25.00 50.38
CA GLY A 119 5.61 -25.00 51.80
C GLY A 119 6.09 -23.67 52.32
N LEU A 120 6.86 -22.93 51.52
CA LEU A 120 7.28 -21.59 51.93
C LEU A 120 6.12 -20.61 51.88
N ILE A 121 5.22 -20.76 50.90
CA ILE A 121 4.08 -19.88 50.78
C ILE A 121 3.06 -20.18 51.88
N GLU A 122 2.86 -21.45 52.20
CA GLU A 122 1.89 -21.83 53.21
C GLU A 122 2.18 -21.11 54.52
N GLY A 123 1.14 -20.58 55.14
CA GLY A 123 1.29 -19.88 56.40
C GLY A 123 1.56 -18.41 56.28
N ARG A 124 1.85 -17.91 55.09
CA ARG A 124 2.00 -16.47 54.88
C ARG A 124 0.66 -15.82 54.64
N ASP A 125 0.55 -14.55 55.05
CA ASP A 125 -0.66 -13.78 54.85
C ASP A 125 -0.80 -13.28 53.42
N ARG A 126 0.29 -12.80 52.84
CA ARG A 126 0.27 -12.14 51.53
C ARG A 126 1.32 -12.75 50.63
N VAL A 127 1.06 -12.68 49.33
CA VAL A 127 2.06 -12.99 48.32
C VAL A 127 2.21 -11.77 47.42
N TYR A 128 3.44 -11.29 47.30
CA TYR A 128 3.78 -10.17 46.43
C TYR A 128 4.39 -10.71 45.15
N TYR A 129 3.81 -10.34 44.02
CA TYR A 129 4.39 -10.71 42.73
C TYR A 129 3.85 -9.77 41.67
N ALA A 130 4.40 -9.88 40.47
CA ALA A 130 4.09 -8.97 39.38
C ALA A 130 2.91 -9.51 38.59
N LEU A 131 1.71 -9.22 39.10
CA LEU A 131 0.46 -9.65 38.48
C LEU A 131 0.45 -9.42 36.98
N GLY A 132 0.22 -10.49 36.22
CA GLY A 132 0.05 -10.38 34.79
C GLY A 132 1.31 -10.17 33.99
N ALA A 133 2.46 -9.94 34.63
CA ALA A 133 3.67 -9.68 33.87
C ALA A 133 4.16 -10.91 33.15
N ASN A 134 4.04 -12.08 33.77
CA ASN A 134 4.47 -13.34 33.18
C ASN A 134 3.33 -14.32 33.34
N PRO A 135 2.46 -14.45 32.34
CA PRO A 135 1.32 -15.36 32.46
C PRO A 135 1.71 -16.80 32.74
N ASP A 136 2.83 -17.27 32.20
CA ASP A 136 3.29 -18.61 32.54
C ASP A 136 3.58 -18.73 34.02
N PHE A 137 4.21 -17.73 34.61
CA PHE A 137 4.48 -17.78 36.03
C PHE A 137 3.18 -17.68 36.83
N ASP A 138 2.21 -16.93 36.32
CA ASP A 138 0.97 -16.75 37.05
C ASP A 138 0.25 -18.07 37.26
N ARG A 139 0.14 -18.89 36.21
CA ARG A 139 -0.58 -20.15 36.36
C ARG A 139 0.23 -21.10 37.24
N ARG A 140 1.57 -21.02 37.16
CA ARG A 140 2.41 -21.80 38.06
CA ARG A 140 2.43 -21.79 38.05
C ARG A 140 2.14 -21.40 39.52
N LEU A 141 1.97 -20.12 39.79
CA LEU A 141 1.67 -19.69 41.16
CA LEU A 141 1.69 -19.70 41.15
C LEU A 141 0.31 -20.20 41.59
N MET A 142 -0.67 -20.11 40.71
CA MET A 142 -2.00 -20.57 41.09
C MET A 142 -2.00 -22.07 41.40
N ASP A 143 -1.20 -22.83 40.67
CA ASP A 143 -1.05 -24.24 40.99
C ASP A 143 -0.46 -24.42 42.38
N TRP A 144 0.68 -23.76 42.64
CA TRP A 144 1.29 -23.85 43.97
C TRP A 144 0.30 -23.51 45.07
N ILE A 145 -0.58 -22.53 44.83
CA ILE A 145 -1.58 -22.19 45.84
C ILE A 145 -2.61 -23.30 45.96
N ASN A 146 -2.99 -23.89 44.83
CA ASN A 146 -3.99 -24.95 44.85
C ASN A 146 -3.50 -26.16 45.62
N VAL A 147 -2.21 -26.47 45.52
CA VAL A 147 -1.73 -27.63 46.29
C VAL A 147 -1.78 -27.32 47.78
N ILE A 148 -1.54 -26.07 48.16
CA ILE A 148 -1.74 -25.72 49.56
C ILE A 148 -3.20 -25.85 49.94
N ARG A 149 -4.10 -25.41 49.07
CA ARG A 149 -5.51 -25.43 49.43
C ARG A 149 -6.02 -26.86 49.55
N SER A 150 -5.42 -27.80 48.79
CA SER A 150 -5.81 -29.21 48.92
C SER A 150 -5.48 -29.75 50.30
N LYS A 151 -4.53 -29.14 51.00
CA LYS A 151 -4.18 -29.54 52.36
C LYS A 151 -4.92 -28.74 53.42
N ALA A 152 -5.97 -28.00 53.07
CA ALA A 152 -6.65 -27.18 54.07
C ALA A 152 -7.19 -28.02 55.21
N ARG A 153 -7.71 -29.20 54.90
CA ARG A 153 -8.24 -30.08 55.92
C ARG A 153 -7.22 -30.49 56.95
N GLN A 154 -6.02 -30.70 56.47
CA GLN A 154 -4.92 -31.11 57.35
C GLN A 154 -4.18 -29.93 57.95
N GLY A 155 -4.79 -28.73 57.95
CA GLY A 155 -4.27 -27.62 58.72
C GLY A 155 -3.56 -26.55 57.93
N ALA A 156 -3.41 -26.74 56.64
CA ALA A 156 -2.73 -25.76 55.79
C ALA A 156 -3.49 -24.49 55.54
N GLN A 157 -2.81 -23.36 55.63
CA GLN A 157 -3.48 -22.10 55.36
C GLN A 157 -2.85 -21.32 54.22
N PRO A 158 -3.53 -21.21 53.10
CA PRO A 158 -2.98 -20.46 51.99
C PRO A 158 -3.22 -18.98 52.16
N PRO A 159 -2.36 -18.17 51.59
CA PRO A 159 -2.57 -16.72 51.70
C PRO A 159 -3.85 -16.31 51.00
N ASN A 160 -4.45 -15.24 51.49
CA ASN A 160 -5.67 -14.74 50.91
C ASN A 160 -5.48 -13.44 50.13
N GLU A 161 -4.29 -12.87 50.17
CA GLU A 161 -4.02 -11.61 49.50
C GLU A 161 -2.86 -11.78 48.55
N PHE A 162 -2.98 -11.15 47.40
CA PHE A 162 -1.97 -11.18 46.36
C PHE A 162 -1.80 -9.74 45.90
N VAL A 163 -0.59 -9.23 46.01
CA VAL A 163 -0.33 -7.80 45.90
C VAL A 163 0.63 -7.54 44.75
N ALA A 164 0.31 -6.54 43.93
CA ALA A 164 1.16 -6.10 42.85
C ALA A 164 2.50 -5.63 43.39
N LEU A 165 3.53 -6.39 43.10
CA LEU A 165 4.89 -6.00 43.44
C LEU A 165 5.37 -4.79 42.65
N ASP A 166 4.90 -4.62 41.41
CA ASP A 166 5.41 -3.57 40.53
C ASP A 166 5.45 -2.23 41.24
N HIS A 167 4.40 -1.90 41.98
CA HIS A 167 4.24 -0.55 42.47
C HIS A 167 5.35 -0.18 43.46
N LEU A 168 5.64 -1.07 44.40
CA LEU A 168 6.75 -0.83 45.32
C LEU A 168 8.08 -0.89 44.59
N LEU A 169 8.29 -1.90 43.77
CA LEU A 169 9.62 -2.14 43.22
C LEU A 169 9.97 -1.10 42.17
N HIS A 170 9.03 -0.80 41.28
CA HIS A 170 9.29 0.21 40.27
C HIS A 170 9.53 1.59 40.89
N ASP A 171 8.92 1.88 42.04
CA ASP A 171 9.22 3.14 42.69
C ASP A 171 10.64 3.15 43.25
N GLN A 172 11.14 2.02 43.75
CA GLN A 172 12.54 1.93 44.12
C GLN A 172 13.44 2.21 42.92
N ARG A 173 13.14 1.58 41.79
CA ARG A 173 14.00 1.73 40.62
C ARG A 173 14.03 3.16 40.11
N LEU A 174 13.05 3.99 40.47
CA LEU A 174 12.97 5.35 39.94
C LEU A 174 14.03 6.26 40.55
N TYR A 175 14.51 5.94 41.73
CA TYR A 175 15.54 6.71 42.40
C TYR A 175 16.86 5.97 42.25
N LYS A 176 17.70 6.45 41.33
CA LYS A 176 18.98 5.81 41.02
C LYS A 176 20.00 6.09 42.11
N SER A 177 20.64 5.03 42.59
CA SER A 177 21.70 5.15 43.58
C SER A 177 22.97 5.72 42.97
N ALA A 178 23.93 6.01 43.85
CA ALA A 178 25.25 6.46 43.40
C ALA A 178 25.87 5.47 42.42
N ASN A 179 25.85 4.17 42.75
CA ASN A 179 26.43 3.19 41.84
C ASN A 179 25.65 3.09 40.54
N GLU A 180 24.32 3.20 40.60
CA GLU A 180 23.57 3.13 39.34
C GLU A 180 23.94 4.29 38.44
N VAL A 181 24.12 5.48 39.01
CA VAL A 181 24.53 6.62 38.19
C VAL A 181 25.89 6.36 37.58
N LYS A 182 26.81 5.78 38.36
CA LYS A 182 28.12 5.47 37.81
C LYS A 182 28.01 4.56 36.61
N VAL A 183 27.14 3.55 36.70
CA VAL A 183 27.01 2.62 35.58
C VAL A 183 26.41 3.32 34.36
N MET A 184 25.37 4.11 34.56
CA MET A 184 24.73 4.80 33.44
C MET A 184 25.69 5.80 32.80
N ARG A 185 26.46 6.50 33.61
CA ARG A 185 27.47 7.44 33.10
C ARG A 185 28.41 6.73 32.15
N TYR A 186 28.95 5.58 32.55
CA TYR A 186 29.84 4.81 31.69
C TYR A 186 29.14 4.37 30.42
N ALA A 187 27.92 3.86 30.53
CA ALA A 187 27.18 3.47 29.34
C ALA A 187 27.00 4.64 28.40
N ALA A 188 26.69 5.80 28.94
CA ALA A 188 26.57 7.01 28.11
C ALA A 188 27.91 7.35 27.45
N GLU A 189 29.02 7.24 28.19
CA GLU A 189 30.33 7.50 27.60
C GLU A 189 30.61 6.58 26.42
N VAL A 190 30.32 5.29 26.58
CA VAL A 190 30.53 4.35 25.49
C VAL A 190 29.69 4.75 24.29
N SER A 191 28.41 5.04 24.51
CA SER A 191 27.54 5.41 23.41
C SER A 191 28.00 6.69 22.74
N ALA A 192 28.49 7.66 23.54
CA ALA A 192 29.06 8.87 22.98
C ALA A 192 30.17 8.56 21.98
N ARG A 193 31.10 7.67 22.34
CA ARG A 193 32.18 7.36 21.41
C ARG A 193 31.64 6.71 20.16
N ALA A 194 30.60 5.89 20.30
CA ALA A 194 30.02 5.22 19.12
C ALA A 194 29.41 6.23 18.17
N HIS A 195 28.69 7.21 18.70
CA HIS A 195 28.08 8.21 17.84
C HIS A 195 29.15 9.01 17.10
N ILE A 196 30.22 9.38 17.79
CA ILE A 196 31.33 10.10 17.15
C ILE A 196 31.89 9.29 15.99
N ARG A 197 32.11 7.98 16.20
CA ARG A 197 32.64 7.16 15.12
C ARG A 197 31.70 7.11 13.93
N ALA A 198 30.39 7.02 14.16
CA ALA A 198 29.45 7.06 13.05
C ALA A 198 29.60 8.34 12.25
N MET A 199 29.69 9.48 12.93
CA MET A 199 29.89 10.74 12.23
C MET A 199 31.17 10.71 11.40
N GLU A 200 32.25 10.25 12.01
CA GLU A 200 33.58 10.29 11.38
C GLU A 200 33.64 9.40 10.14
N VAL A 201 32.94 8.28 10.15
CA VAL A 201 32.99 7.34 9.04
C VAL A 201 32.02 7.70 7.93
N CYS A 202 30.98 8.49 8.22
CA CYS A 202 29.89 8.65 7.27
C CYS A 202 30.36 9.31 5.99
N ARG A 203 29.87 8.82 4.86
CA ARG A 203 30.10 9.47 3.58
C ARG A 203 29.04 9.00 2.62
N PRO A 204 28.67 9.80 1.62
CA PRO A 204 27.76 9.31 0.59
C PRO A 204 28.31 8.06 -0.07
N GLY A 205 27.41 7.15 -0.43
CA GLY A 205 27.77 5.88 -1.00
C GLY A 205 27.74 4.73 -0.02
N LEU A 206 27.99 4.98 1.26
CA LEU A 206 27.75 3.96 2.26
C LEU A 206 26.25 3.71 2.39
N PHE A 207 25.91 2.68 3.17
CA PHE A 207 24.54 2.38 3.52
C PHE A 207 24.32 2.65 4.99
N GLU A 208 23.05 2.78 5.38
CA GLU A 208 22.72 2.99 6.78
C GLU A 208 23.37 1.94 7.66
N TYR A 209 23.48 0.69 7.18
CA TYR A 209 23.98 -0.36 8.05
C TYR A 209 25.49 -0.24 8.30
N HIS A 210 26.22 0.39 7.38
CA HIS A 210 27.63 0.67 7.67
C HIS A 210 27.77 1.53 8.93
N LEU A 211 26.85 2.47 9.13
CA LEU A 211 26.93 3.26 10.34
C LEU A 211 26.49 2.45 11.56
N GLU A 212 25.48 1.59 11.40
CA GLU A 212 25.09 0.71 12.49
C GLU A 212 26.24 -0.22 12.86
N ALA A 213 27.04 -0.60 11.88
CA ALA A 213 28.21 -1.43 12.17
C ALA A 213 29.16 -0.71 13.11
N GLU A 214 29.40 0.58 12.85
CA GLU A 214 30.29 1.33 13.73
C GLU A 214 29.73 1.39 15.13
N LEU A 215 28.41 1.55 15.26
CA LEU A 215 27.79 1.65 16.58
C LEU A 215 27.97 0.35 17.35
N GLU A 216 27.57 -0.76 16.74
CA GLU A 216 27.73 -2.05 17.41
C GLU A 216 29.19 -2.31 17.77
N TYR A 217 30.11 -2.01 16.84
CA TYR A 217 31.55 -2.17 17.09
C TYR A 217 31.98 -1.49 18.38
N GLU A 218 31.68 -0.19 18.50
CA GLU A 218 32.10 0.57 19.67
C GLU A 218 31.36 0.14 20.92
N PHE A 219 30.06 -0.15 20.78
CA PHE A 219 29.29 -0.72 21.89
C PHE A 219 30.00 -1.95 22.45
N ARG A 220 30.31 -2.91 21.59
CA ARG A 220 30.85 -4.19 22.06
C ARG A 220 32.26 -4.04 22.60
N LYS A 221 33.07 -3.18 21.99
CA LYS A 221 34.40 -2.92 22.52
C LYS A 221 34.32 -2.35 23.92
N GLY A 222 33.23 -1.65 24.25
CA GLY A 222 33.07 -1.15 25.60
C GLY A 222 32.50 -2.14 26.60
N GLY A 223 32.21 -3.37 26.18
CA GLY A 223 31.70 -4.37 27.08
C GLY A 223 30.20 -4.62 27.02
N ALA A 224 29.48 -3.96 26.12
CA ALA A 224 28.03 -4.13 26.06
C ALA A 224 27.68 -5.49 25.48
N LYS A 225 26.78 -6.21 26.14
CA LYS A 225 26.30 -7.48 25.63
C LYS A 225 25.22 -7.33 24.59
N MET A 226 24.64 -6.13 24.46
CA MET A 226 23.56 -5.84 23.53
C MET A 226 23.27 -4.35 23.61
N PRO A 227 22.68 -3.77 22.58
CA PRO A 227 22.21 -2.40 22.68
C PRO A 227 21.07 -2.29 23.68
N ALA A 228 20.84 -1.07 24.14
CA ALA A 228 19.67 -0.79 24.96
C ALA A 228 18.38 -0.89 24.16
N TYR A 229 18.46 -0.85 22.83
CA TYR A 229 17.32 -0.94 21.93
C TYR A 229 17.89 -1.07 20.53
N GLY A 230 17.08 -1.52 19.59
CA GLY A 230 17.57 -1.62 18.23
C GLY A 230 17.96 -0.27 17.67
N SER A 231 19.17 -0.13 17.15
CA SER A 231 19.65 1.16 16.66
C SER A 231 18.83 1.65 15.48
N ILE A 232 18.53 2.94 15.49
CA ILE A 232 17.86 3.63 14.41
C ILE A 232 18.90 4.42 13.62
N VAL A 233 19.08 4.10 12.34
CA VAL A 233 20.03 4.81 11.49
C VAL A 233 19.26 5.24 10.25
N ALA A 234 18.76 6.47 10.24
CA ALA A 234 17.76 6.88 9.26
C ALA A 234 18.33 7.99 8.39
N ALA A 235 18.50 7.70 7.11
CA ALA A 235 19.03 8.67 6.16
C ALA A 235 17.90 9.34 5.40
N GLY A 236 18.06 10.63 5.13
CA GLY A 236 17.13 11.31 4.24
C GLY A 236 15.72 11.27 4.79
N ARG A 237 14.76 10.96 3.93
CA ARG A 237 13.37 11.00 4.37
C ARG A 237 13.07 9.98 5.46
N ASN A 238 13.89 8.93 5.59
CA ASN A 238 13.71 7.99 6.67
C ASN A 238 13.79 8.63 8.04
N ALA A 239 14.40 9.80 8.16
CA ALA A 239 14.49 10.46 9.45
C ALA A 239 13.11 10.89 9.97
N CYS A 240 12.09 10.92 9.12
CA CYS A 240 10.74 11.23 9.59
C CYS A 240 10.01 10.02 10.15
N ILE A 241 10.62 8.84 10.08
CA ILE A 241 10.06 7.62 10.65
C ILE A 241 10.70 7.44 12.03
N LEU A 242 9.91 7.63 13.08
CA LEU A 242 10.45 7.87 14.41
C LEU A 242 11.25 6.69 14.94
N HIS A 243 10.84 5.46 14.61
CA HIS A 243 11.59 4.26 15.01
C HIS A 243 11.99 3.44 13.79
N TYR A 244 12.44 4.12 12.76
CA TYR A 244 12.94 3.45 11.56
C TYR A 244 14.03 2.45 11.94
N ARG A 245 13.86 1.22 11.47
CA ARG A 245 14.86 0.19 11.76
C ARG A 245 15.26 -0.63 10.54
N GLU A 246 14.76 -0.30 9.34
CA GLU A 246 15.22 -1.02 8.15
C GLU A 246 16.74 -0.90 8.01
N ASN A 247 17.27 0.29 8.21
CA ASN A 247 18.71 0.52 8.20
C ASN A 247 19.38 -0.08 6.97
N ASP A 248 18.71 0.02 5.82
CA ASP A 248 19.24 -0.62 4.62
C ASP A 248 19.31 0.29 3.41
N ALA A 249 19.19 1.60 3.58
CA ALA A 249 19.15 2.49 2.42
C ALA A 249 20.53 3.08 2.13
N ALA A 250 20.79 3.34 0.85
CA ALA A 250 22.02 4.02 0.46
C ALA A 250 21.99 5.48 0.87
N ILE A 251 23.09 5.93 1.46
CA ILE A 251 23.22 7.31 1.92
C ILE A 251 23.58 8.21 0.74
N LYS A 252 22.83 9.29 0.56
CA LYS A 252 23.01 10.17 -0.58
C LYS A 252 23.60 11.52 -0.15
N ASP A 253 24.37 12.11 -1.04
CA ASP A 253 24.84 13.47 -0.79
C ASP A 253 23.66 14.41 -0.64
N GLY A 254 23.69 15.25 0.38
CA GLY A 254 22.55 16.08 0.72
C GLY A 254 21.64 15.50 1.79
N ASP A 255 21.75 14.22 2.11
CA ASP A 255 20.94 13.64 3.17
C ASP A 255 21.39 14.12 4.54
N LEU A 256 20.43 14.34 5.43
CA LEU A 256 20.69 14.27 6.85
C LEU A 256 20.70 12.81 7.30
N ILE A 257 21.42 12.56 8.39
CA ILE A 257 21.47 11.26 9.05
C ILE A 257 20.98 11.47 10.47
N LEU A 258 19.93 10.75 10.86
CA LEU A 258 19.44 10.74 12.23
C LEU A 258 19.80 9.38 12.84
N ILE A 259 20.58 9.40 13.91
CA ILE A 259 21.01 8.17 14.58
C ILE A 259 20.53 8.19 16.01
N ASP A 260 19.65 7.26 16.34
CA ASP A 260 19.14 7.09 17.70
C ASP A 260 19.63 5.73 18.17
N ALA A 261 20.58 5.72 19.11
CA ALA A 261 21.22 4.47 19.48
C ALA A 261 21.90 4.64 20.81
N GLY A 262 22.04 3.52 21.52
CA GLY A 262 22.66 3.53 22.83
C GLY A 262 22.91 2.11 23.32
N CYS A 263 24.06 1.89 23.95
CA CYS A 263 24.40 0.60 24.54
C CYS A 263 23.74 0.48 25.91
N GLU A 264 23.71 -0.75 26.43
CA GLU A 264 23.43 -0.95 27.84
C GLU A 264 24.61 -1.66 28.49
N ILE A 265 24.84 -1.38 29.76
CA ILE A 265 25.94 -1.95 30.52
C ILE A 265 25.36 -2.51 31.81
N ASP A 266 25.58 -3.79 32.06
CA ASP A 266 25.08 -4.44 33.27
C ASP A 266 23.58 -4.20 33.41
N CYS A 267 22.88 -4.22 32.28
CA CYS A 267 21.43 -4.02 32.19
C CYS A 267 21.00 -2.58 32.49
N TYR A 268 21.87 -1.58 32.29
CA TYR A 268 21.48 -0.18 32.44
C TYR A 268 21.62 0.53 31.10
N ALA A 269 20.58 1.24 30.70
CA ALA A 269 20.49 1.82 29.38
C ALA A 269 21.22 3.16 29.29
N SER A 270 21.62 3.49 28.07
CA SER A 270 21.86 4.87 27.65
C SER A 270 21.07 5.07 26.37
N ASP A 271 20.86 6.34 25.96
CA ASP A 271 19.91 6.65 24.90
C ASP A 271 20.30 8.01 24.29
N ILE A 272 20.88 7.99 23.09
CA ILE A 272 21.41 9.19 22.45
C ILE A 272 20.88 9.28 21.02
N THR A 273 20.43 10.46 20.62
CA THR A 273 20.16 10.77 19.23
C THR A 273 20.99 11.97 18.81
N ARG A 274 21.63 11.86 17.67
CA ARG A 274 22.30 12.96 17.02
C ARG A 274 21.89 12.94 15.55
N THR A 275 21.78 14.14 14.96
CA THR A 275 21.50 14.29 13.55
C THR A 275 22.64 15.08 12.92
N PHE A 276 23.08 14.67 11.73
CA PHE A 276 24.24 15.30 11.11
C PHE A 276 24.15 15.13 9.60
N PRO A 277 24.78 16.04 8.84
CA PRO A 277 24.75 15.95 7.38
C PRO A 277 25.69 14.87 6.87
N ALA A 278 25.16 14.04 5.97
CA ALA A 278 25.98 12.98 5.37
C ALA A 278 27.25 13.52 4.75
N ASN A 279 27.22 14.72 4.17
CA ASN A 279 28.37 15.28 3.48
C ASN A 279 29.18 16.24 4.35
N GLY A 280 28.90 16.29 5.64
CA GLY A 280 29.67 17.13 6.53
C GLY A 280 29.26 18.59 6.60
N ARG A 281 28.30 19.02 5.79
CA ARG A 281 27.90 20.42 5.79
C ARG A 281 26.38 20.54 5.80
N PHE A 282 25.86 21.16 6.85
CA PHE A 282 24.43 21.44 6.92
C PHE A 282 24.03 22.41 5.82
N SER A 283 23.03 22.05 5.04
CA SER A 283 22.43 23.04 4.13
C SER A 283 21.77 24.14 4.94
N PRO A 284 21.49 25.28 4.31
CA PRO A 284 20.84 26.37 5.05
C PRO A 284 19.56 25.95 5.73
N GLU A 285 18.72 25.20 5.03
CA GLU A 285 17.47 24.75 5.63
C GLU A 285 17.72 23.70 6.71
N GLN A 286 18.61 22.73 6.42
CA GLN A 286 18.98 21.75 7.43
C GLN A 286 19.49 22.45 8.67
N LYS A 287 20.37 23.43 8.48
CA LYS A 287 20.91 24.18 9.61
C LYS A 287 19.81 24.86 10.41
N ALA A 288 18.89 25.55 9.73
CA ALA A 288 17.86 26.29 10.46
C ALA A 288 16.98 25.37 11.29
N ILE A 289 16.57 24.23 10.74
CA ILE A 289 15.79 23.29 11.53
C ILE A 289 16.61 22.73 12.67
N TYR A 290 17.85 22.29 12.37
CA TYR A 290 18.72 21.73 13.40
C TYR A 290 18.90 22.69 14.56
N GLU A 291 19.22 23.95 14.26
CA GLU A 291 19.48 24.91 15.32
C GLU A 291 18.25 25.13 16.19
N LEU A 292 17.07 25.05 15.59
CA LEU A 292 15.85 25.19 16.37
C LEU A 292 15.65 24.01 17.32
N VAL A 293 15.90 22.79 16.85
CA VAL A 293 15.79 21.65 17.77
C VAL A 293 16.81 21.79 18.89
N LEU A 294 18.02 22.26 18.55
CA LEU A 294 19.05 22.41 19.56
C LEU A 294 18.65 23.43 20.62
N GLU A 295 18.05 24.55 20.20
CA GLU A 295 17.54 25.49 21.18
C GLU A 295 16.52 24.83 22.09
N ALA A 296 15.66 23.98 21.53
CA ALA A 296 14.67 23.31 22.37
C ALA A 296 15.34 22.35 23.35
N ASN A 297 16.34 21.61 22.87
CA ASN A 297 17.10 20.70 23.73
C ASN A 297 17.72 21.43 24.92
N MET A 298 18.47 22.50 24.65
CA MET A 298 19.11 23.28 25.70
C MET A 298 18.10 23.90 26.65
N ALA A 299 16.96 24.36 26.12
CA ALA A 299 15.99 24.99 26.99
C ALA A 299 15.39 23.99 27.97
N ALA A 300 15.17 22.76 27.51
CA ALA A 300 14.58 21.73 28.37
C ALA A 300 15.34 21.61 29.69
N PHE A 301 16.66 21.66 29.64
CA PHE A 301 17.45 21.41 30.85
C PHE A 301 17.12 22.41 31.95
N ASP A 302 16.79 23.66 31.60
CA ASP A 302 16.51 24.70 32.59
C ASP A 302 15.26 24.40 33.42
N TYR A 303 14.44 23.45 33.01
CA TYR A 303 13.24 23.09 33.72
C TYR A 303 13.31 21.68 34.30
N ILE A 304 14.52 21.18 34.50
CA ILE A 304 14.74 19.89 35.16
C ILE A 304 15.54 20.16 36.42
N ALA A 305 14.91 19.97 37.57
CA ALA A 305 15.49 20.23 38.88
C ALA A 305 14.51 19.74 39.93
N PRO A 306 14.97 19.53 41.17
CA PRO A 306 14.03 19.14 42.23
C PRO A 306 12.97 20.21 42.43
N GLY A 307 11.72 19.77 42.54
CA GLY A 307 10.59 20.67 42.66
C GLY A 307 9.88 20.92 41.37
N ARG A 308 10.59 20.90 40.25
CA ARG A 308 9.95 20.89 38.95
C ARG A 308 9.11 19.65 38.79
N HIS A 309 7.99 19.78 38.13
CA HIS A 309 7.27 18.57 37.68
CA HIS A 309 7.23 18.61 37.65
C HIS A 309 7.69 18.01 36.19
N TRP A 310 7.33 16.75 36.11
CA TRP A 310 7.88 15.98 35.00
C TRP A 310 7.67 16.65 33.65
N ASN A 311 6.50 17.23 33.42
CA ASN A 311 6.14 17.74 32.11
C ASN A 311 6.69 19.13 31.82
N GLU A 312 7.38 19.77 32.75
CA GLU A 312 7.83 21.13 32.51
C GLU A 312 8.88 21.19 31.39
N ALA A 313 9.80 20.25 31.36
CA ALA A 313 10.75 20.16 30.26
C ALA A 313 10.04 20.04 28.92
N HIS A 314 9.05 19.15 28.83
CA HIS A 314 8.37 18.96 27.57
C HIS A 314 7.65 20.24 27.13
N GLU A 315 7.00 20.91 28.08
CA GLU A 315 6.30 22.15 27.77
C GLU A 315 7.25 23.20 27.23
N ALA A 316 8.47 23.24 27.78
CA ALA A 316 9.48 24.17 27.30
C ALA A 316 9.84 23.89 25.84
N THR A 317 10.05 22.62 25.49
CA THR A 317 10.40 22.31 24.11
C THR A 317 9.26 22.65 23.16
N VAL A 318 8.02 22.44 23.58
CA VAL A 318 6.87 22.80 22.76
C VAL A 318 6.84 24.30 22.51
N ARG A 319 7.06 25.08 23.57
CA ARG A 319 7.05 26.53 23.47
C ARG A 319 8.13 27.01 22.51
N VAL A 320 9.35 26.50 22.67
CA VAL A 320 10.49 26.91 21.85
C VAL A 320 10.29 26.49 20.41
N ILE A 321 9.80 25.28 20.18
CA ILE A 321 9.69 24.81 18.81
C ILE A 321 8.59 25.56 18.07
N THR A 322 7.46 25.83 18.74
CA THR A 322 6.37 26.54 18.07
C THR A 322 6.80 27.94 17.66
N ALA A 323 7.42 28.68 18.58
CA ALA A 323 7.93 30.00 18.28
C ALA A 323 8.91 29.96 17.11
N GLY A 324 9.78 28.95 17.08
CA GLY A 324 10.74 28.86 16.00
C GLY A 324 10.12 28.52 14.67
N LEU A 325 9.06 27.71 14.69
CA LEU A 325 8.35 27.42 13.45
C LEU A 325 7.63 28.67 12.94
N VAL A 326 7.09 29.47 13.84
CA VAL A 326 6.50 30.74 13.44
C VAL A 326 7.58 31.64 12.81
N ARG A 327 8.71 31.77 13.49
CA ARG A 327 9.77 32.61 12.98
C ARG A 327 10.25 32.15 11.61
N LEU A 328 10.33 30.87 11.42
CA LEU A 328 10.76 30.34 10.13
C LEU A 328 9.65 30.34 9.10
N GLY A 329 8.40 30.54 9.51
CA GLY A 329 7.31 30.57 8.57
C GLY A 329 6.68 29.23 8.26
N LEU A 330 7.06 28.16 8.98
CA LEU A 330 6.38 26.89 8.78
C LEU A 330 5.01 26.88 9.44
N LEU A 331 4.80 27.67 10.48
CA LEU A 331 3.49 27.93 11.05
C LEU A 331 3.19 29.43 10.98
N GLU A 332 1.92 29.76 10.93
CA GLU A 332 1.50 31.13 10.96
C GLU A 332 0.41 31.36 12.01
N GLY A 333 0.53 32.42 12.78
CA GLY A 333 -0.49 32.80 13.72
C GLY A 333 0.11 33.26 15.02
N ASP A 334 -0.73 33.31 16.04
CA ASP A 334 -0.28 33.66 17.37
C ASP A 334 0.32 32.43 18.04
N VAL A 335 1.52 32.60 18.58
CA VAL A 335 2.25 31.47 19.17
C VAL A 335 1.45 30.84 20.30
N ASP A 336 0.82 31.66 21.14
CA ASP A 336 0.12 31.07 22.27
C ASP A 336 -1.11 30.32 21.81
N GLU A 337 -1.80 30.82 20.78
CA GLU A 337 -2.95 30.09 20.26
C GLU A 337 -2.50 28.82 19.54
N LEU A 338 -1.38 28.90 18.81
CA LEU A 338 -0.86 27.73 18.13
C LEU A 338 -0.46 26.66 19.13
N ILE A 339 0.10 27.07 20.27
CA ILE A 339 0.41 26.10 21.31
C ILE A 339 -0.87 25.51 21.88
N ALA A 340 -1.83 26.36 22.20
CA ALA A 340 -3.06 25.88 22.83
C ALA A 340 -3.81 24.92 21.92
N HIS A 341 -3.74 25.13 20.62
CA HIS A 341 -4.43 24.25 19.69
C HIS A 341 -3.50 23.23 19.02
N GLU A 342 -2.29 23.08 19.54
CA GLU A 342 -1.41 21.95 19.21
C GLU A 342 -1.01 21.95 17.74
N ALA A 343 -0.87 23.12 17.16
CA ALA A 343 -0.43 23.21 15.77
C ALA A 343 0.93 22.58 15.56
N TYR A 344 1.77 22.56 16.59
CA TYR A 344 3.12 22.03 16.45
C TYR A 344 3.13 20.53 16.20
N LYS A 345 2.05 19.82 16.54
CA LYS A 345 2.06 18.37 16.43
C LYS A 345 2.16 17.89 14.99
N ALA A 346 1.87 18.76 14.01
CA ALA A 346 2.15 18.40 12.63
C ALA A 346 3.64 18.16 12.40
N PHE A 347 4.49 18.72 13.25
CA PHE A 347 5.92 18.62 13.05
C PHE A 347 6.65 17.98 14.21
N TYR A 348 6.05 17.96 15.39
CA TYR A 348 6.70 17.50 16.61
C TYR A 348 5.63 16.72 17.35
N MET A 349 5.53 15.42 17.05
CA MET A 349 4.38 14.62 17.42
C MET A 349 4.68 13.58 18.49
N HIS A 350 5.76 13.73 19.24
CA HIS A 350 6.06 12.83 20.34
C HIS A 350 6.47 13.61 21.57
N ARG A 351 6.63 12.90 22.68
CA ARG A 351 6.99 13.54 23.93
C ARG A 351 8.48 13.89 23.96
N ALA A 352 8.82 14.80 24.86
CA ALA A 352 10.19 15.27 24.96
C ALA A 352 11.08 14.33 25.75
N GLY A 353 10.55 13.26 26.35
CA GLY A 353 11.41 12.35 27.09
C GLY A 353 10.65 11.29 27.84
N HIS A 354 11.42 10.50 28.58
CA HIS A 354 10.92 9.36 29.34
C HIS A 354 11.91 9.05 30.45
N TRP A 355 11.44 8.35 31.49
CA TRP A 355 12.38 7.85 32.49
C TRP A 355 13.43 6.97 31.82
N LEU A 356 14.60 6.91 32.42
CA LEU A 356 15.73 6.16 31.89
C LEU A 356 16.32 5.29 32.98
N GLY A 357 16.58 4.04 32.66
CA GLY A 357 17.15 3.15 33.66
C GLY A 357 17.43 1.77 33.10
N MET A 358 17.13 0.72 33.89
CA MET A 358 17.42 -0.62 33.42
C MET A 358 16.64 -0.97 32.18
N ASP A 359 15.46 -0.38 31.99
CA ASP A 359 14.77 -0.41 30.71
C ASP A 359 14.88 0.99 30.09
N VAL A 360 15.06 1.06 28.78
CA VAL A 360 15.34 2.38 28.19
C VAL A 360 14.15 3.32 28.37
N HIS A 361 12.93 2.81 28.30
CA HIS A 361 11.72 3.58 28.69
C HIS A 361 11.48 3.00 30.12
N ASP A 362 12.04 3.64 31.11
CA ASP A 362 12.15 2.99 32.41
C ASP A 362 10.82 3.05 33.17
N VAL A 363 10.72 2.23 34.21
CA VAL A 363 9.54 2.14 35.07
C VAL A 363 9.44 3.38 35.93
N GLY A 364 8.31 3.55 36.61
CA GLY A 364 8.09 4.66 37.52
C GLY A 364 6.87 5.46 37.11
N GLU A 365 6.16 6.04 38.07
CA GLU A 365 4.89 6.69 37.82
C GLU A 365 5.12 8.13 37.38
N TYR A 366 4.62 8.46 36.19
CA TYR A 366 4.68 9.83 35.70
C TYR A 366 3.68 10.75 36.40
N ARG A 367 2.62 10.20 37.00
CA ARG A 367 1.60 11.00 37.65
C ARG A 367 1.34 10.47 39.05
N VAL A 368 1.27 11.38 40.02
CA VAL A 368 0.95 11.06 41.41
C VAL A 368 -0.14 12.01 41.87
N GLY A 369 -1.24 11.46 42.37
CA GLY A 369 -2.34 12.30 42.85
C GLY A 369 -2.92 13.18 41.77
N GLY A 370 -3.09 12.64 40.56
CA GLY A 370 -3.65 13.40 39.47
C GLY A 370 -2.81 14.57 39.01
N GLU A 371 -1.54 14.58 39.36
CA GLU A 371 -0.66 15.64 38.96
C GLU A 371 0.62 15.06 38.39
N TRP A 372 1.32 15.83 37.59
CA TRP A 372 2.61 15.39 37.07
C TRP A 372 3.59 15.20 38.21
N ARG A 373 4.39 14.15 38.10
CA ARG A 373 5.33 13.81 39.15
C ARG A 373 6.29 14.95 39.43
N VAL A 374 6.49 15.25 40.70
CA VAL A 374 7.52 16.18 41.13
C VAL A 374 8.87 15.50 41.07
N LEU A 375 9.86 16.16 40.48
CA LEU A 375 11.19 15.59 40.35
C LEU A 375 11.97 15.65 41.67
N GLU A 376 12.79 14.64 41.90
CA GLU A 376 13.67 14.58 43.06
C GLU A 376 15.05 14.08 42.64
N PRO A 377 16.09 14.40 43.41
CA PRO A 377 17.43 13.92 43.06
C PRO A 377 17.46 12.41 42.89
N GLY A 378 18.23 11.94 41.92
CA GLY A 378 18.31 10.54 41.63
C GLY A 378 17.43 10.05 40.50
N MET A 379 16.38 10.79 40.13
CA MET A 379 15.60 10.38 38.98
C MET A 379 16.39 10.61 37.71
N ALA A 380 16.17 9.75 36.72
CA ALA A 380 16.89 9.83 35.45
C ALA A 380 15.93 9.83 34.28
N MET A 381 16.26 10.59 33.25
CA MET A 381 15.34 10.79 32.13
C MET A 381 16.08 11.26 30.90
N THR A 382 15.38 11.23 29.77
CA THR A 382 15.88 11.74 28.51
C THR A 382 15.25 13.08 28.18
N VAL A 383 15.89 13.79 27.26
CA VAL A 383 15.42 15.03 26.66
C VAL A 383 15.63 14.89 25.17
N GLU A 384 14.54 14.82 24.41
CA GLU A 384 14.72 14.51 23.00
C GLU A 384 13.71 15.22 22.08
N PRO A 385 13.71 16.55 22.04
CA PRO A 385 12.85 17.25 21.09
C PRO A 385 13.24 16.92 19.65
N GLY A 386 12.30 17.12 18.74
CA GLY A 386 12.59 16.92 17.33
C GLY A 386 11.58 17.62 16.45
N ILE A 387 11.93 17.76 15.18
CA ILE A 387 11.07 18.36 14.17
C ILE A 387 11.18 17.53 12.90
N TYR A 388 10.04 17.21 12.30
CA TYR A 388 10.00 16.29 11.15
C TYR A 388 9.06 16.85 10.10
N ILE A 389 9.63 17.11 8.92
CA ILE A 389 8.88 17.65 7.79
C ILE A 389 8.77 16.55 6.76
N ALA A 390 7.56 16.02 6.57
CA ALA A 390 7.35 14.95 5.62
C ALA A 390 7.67 15.41 4.21
N PRO A 391 8.08 14.49 3.33
CA PRO A 391 8.43 14.89 1.96
C PRO A 391 7.27 15.46 1.16
N ASP A 392 6.03 15.15 1.53
CA ASP A 392 4.88 15.58 0.75
C ASP A 392 4.04 16.59 1.51
N ASN A 393 4.63 17.27 2.48
CA ASN A 393 3.91 18.30 3.22
C ASN A 393 3.92 19.56 2.39
N THR A 394 2.86 19.79 1.63
CA THR A 394 2.78 20.97 0.79
C THR A 394 2.30 22.21 1.53
N THR A 395 2.09 22.13 2.84
CA THR A 395 1.77 23.34 3.58
C THR A 395 3.01 24.14 3.93
N VAL A 396 4.19 23.67 3.56
CA VAL A 396 5.40 24.45 3.79
C VAL A 396 6.19 24.50 2.49
N ALA A 397 7.18 25.38 2.46
CA ALA A 397 7.97 25.56 1.26
C ALA A 397 8.70 24.27 0.92
N LYS A 398 8.90 24.05 -0.38
CA LYS A 398 9.57 22.85 -0.83
C LYS A 398 10.91 22.65 -0.15
N LYS A 399 11.64 23.73 0.13
CA LYS A 399 12.99 23.58 0.65
C LYS A 399 13.04 22.95 2.04
N TRP A 400 11.91 22.83 2.73
CA TRP A 400 11.91 22.23 4.05
C TRP A 400 11.53 20.75 4.03
N ARG A 401 11.02 20.26 2.91
CA ARG A 401 10.39 18.95 2.93
C ARG A 401 11.43 17.83 3.00
N GLY A 402 11.14 16.82 3.81
CA GLY A 402 12.00 15.67 3.97
C GLY A 402 13.09 15.83 5.00
N ILE A 403 13.04 16.87 5.81
CA ILE A 403 14.03 17.12 6.84
C ILE A 403 13.50 16.58 8.16
N GLY A 404 14.28 15.72 8.80
CA GLY A 404 13.95 15.25 10.13
C GLY A 404 15.13 15.40 11.06
N VAL A 405 14.91 15.93 12.25
CA VAL A 405 15.97 16.24 13.20
C VAL A 405 15.51 15.87 14.60
N ARG A 406 16.36 15.15 15.34
CA ARG A 406 16.14 14.90 16.76
C ARG A 406 17.48 14.99 17.47
N ILE A 407 17.51 15.62 18.64
CA ILE A 407 18.72 15.79 19.43
C ILE A 407 18.42 15.35 20.85
N GLU A 408 19.00 14.23 21.28
CA GLU A 408 18.63 13.57 22.53
C GLU A 408 19.80 13.44 23.49
N ASP A 409 19.59 13.78 24.76
CA ASP A 409 20.56 13.59 25.81
C ASP A 409 19.94 12.84 26.99
N ASP A 410 20.81 12.29 27.83
CA ASP A 410 20.41 11.63 29.06
C ASP A 410 20.82 12.46 30.26
N VAL A 411 19.98 12.45 31.29
CA VAL A 411 20.06 13.41 32.37
C VAL A 411 19.74 12.76 33.70
N VAL A 412 20.41 13.22 34.76
CA VAL A 412 20.12 12.81 36.12
C VAL A 412 19.85 14.04 36.97
N VAL A 413 18.74 14.03 37.69
CA VAL A 413 18.40 15.13 38.59
C VAL A 413 19.37 15.14 39.75
N THR A 414 19.90 16.31 40.06
CA THR A 414 20.82 16.52 41.15
C THR A 414 20.18 17.43 42.18
N ARG A 415 20.93 17.74 43.24
CA ARG A 415 20.33 18.47 44.34
C ARG A 415 19.92 19.87 43.94
N ASN A 416 20.60 20.46 42.96
CA ASN A 416 20.30 21.81 42.53
C ASN A 416 19.89 21.91 41.08
N GLY A 417 19.73 20.80 40.38
CA GLY A 417 19.46 20.90 38.98
C GLY A 417 19.52 19.53 38.33
N CYS A 418 20.25 19.43 37.23
CA CYS A 418 20.45 18.13 36.62
C CYS A 418 21.86 18.05 36.07
N GLU A 419 22.29 16.82 35.82
CA GLU A 419 23.59 16.48 35.27
C GLU A 419 23.35 15.82 33.93
N VAL A 420 23.94 16.36 32.88
CA VAL A 420 23.85 15.76 31.55
C VAL A 420 24.97 14.73 31.41
N LEU A 421 24.61 13.51 31.04
CA LEU A 421 25.59 12.43 30.94
C LEU A 421 26.17 12.26 29.55
N THR A 422 25.63 12.95 28.56
CA THR A 422 25.90 12.64 27.18
C THR A 422 26.55 13.80 26.44
N ASN A 423 27.25 14.66 27.16
CA ASN A 423 27.99 15.75 26.55
C ASN A 423 29.21 15.30 25.78
N GLY A 424 29.58 14.03 25.87
CA GLY A 424 30.81 13.59 25.22
C GLY A 424 30.72 13.47 23.73
N VAL A 425 29.53 13.59 23.16
CA VAL A 425 29.36 13.62 21.71
C VAL A 425 28.71 14.95 21.36
N PRO A 426 29.38 15.80 20.59
CA PRO A 426 28.94 17.19 20.44
C PRO A 426 27.62 17.30 19.71
N LYS A 427 27.02 18.47 19.82
CA LYS A 427 25.77 18.75 19.15
C LYS A 427 25.68 20.12 18.49
N THR A 428 26.65 21.03 18.66
CA THR A 428 26.57 22.29 17.92
C THR A 428 26.95 22.05 16.47
N VAL A 429 26.41 22.89 15.59
CA VAL A 429 26.71 22.79 14.17
C VAL A 429 28.20 22.87 13.93
N ALA A 430 28.85 23.83 14.59
CA ALA A 430 30.29 24.02 14.40
C ALA A 430 31.07 22.78 14.79
N GLU A 431 30.82 22.23 15.98
CA GLU A 431 31.58 21.08 16.45
C GLU A 431 31.35 19.86 15.57
N ILE A 432 30.12 19.63 15.14
CA ILE A 432 29.84 18.51 14.27
C ILE A 432 30.57 18.67 12.95
N GLU A 433 30.45 19.83 12.32
CA GLU A 433 31.10 19.99 11.02
C GLU A 433 32.61 19.90 11.16
N ALA A 434 33.15 20.41 12.27
CA ALA A 434 34.59 20.33 12.49
C ALA A 434 35.02 18.89 12.71
N LEU A 435 34.23 18.14 13.47
CA LEU A 435 34.52 16.73 13.71
C LEU A 435 34.55 15.97 12.39
N MET A 436 33.59 16.24 11.51
CA MET A 436 33.53 15.49 10.26
C MET A 436 34.62 15.96 9.30
N ALA A 437 34.95 17.24 9.33
CA ALA A 437 36.01 17.75 8.46
C ALA A 437 37.35 17.15 8.83
N ALA A 438 37.65 17.11 10.13
CA ALA A 438 38.92 16.55 10.55
C ALA A 438 39.03 15.08 10.18
N ALA A 439 37.96 14.32 10.38
CA ALA A 439 38.04 12.90 10.04
C ALA A 439 38.21 12.68 8.54
N LYS A 440 37.55 13.50 7.72
CA LYS A 440 37.66 13.30 6.28
C LYS A 440 39.08 13.54 5.81
N SER A 441 39.76 14.53 6.40
CA SER A 441 41.10 14.87 5.95
C SER A 441 42.14 13.88 6.43
N GLU A 442 42.00 13.39 7.65
CA GLU A 442 42.99 12.45 8.12
C GLU A 442 42.69 11.08 7.54
N MET B 1 -3.36 3.09 -3.87
CA MET B 1 -4.38 4.09 -4.17
C MET B 1 -5.21 4.25 -2.92
N ILE B 2 -5.40 5.48 -2.58
CA ILE B 2 -6.06 5.88 -1.35
C ILE B 2 -7.56 5.67 -1.47
N ARG B 3 -8.21 5.31 -0.37
CA ARG B 3 -9.64 5.03 -0.42
C ARG B 3 -10.19 5.03 0.99
N ILE B 4 -11.50 5.17 1.09
CA ILE B 4 -12.15 5.07 2.40
C ILE B 4 -12.13 3.62 2.85
N PRO B 5 -11.68 3.32 4.06
CA PRO B 5 -11.64 1.93 4.51
C PRO B 5 -13.03 1.41 4.86
N LYS B 6 -13.16 0.08 4.77
CA LYS B 6 -14.39 -0.61 5.06
C LYS B 6 -14.96 -0.26 6.43
N SER B 7 -14.10 -0.11 7.43
CA SER B 7 -14.60 0.19 8.76
C SER B 7 -15.24 1.56 8.83
N GLU B 8 -14.83 2.50 7.99
CA GLU B 8 -15.40 3.84 8.11
C GLU B 8 -16.84 3.84 7.63
N TYR B 9 -17.15 3.13 6.56
CA TYR B 9 -18.54 3.02 6.13
C TYR B 9 -19.43 2.50 7.25
N ALA B 10 -18.93 1.54 8.03
CA ALA B 10 -19.70 1.01 9.14
C ALA B 10 -19.91 2.05 10.21
N ARG B 11 -18.88 2.85 10.50
CA ARG B 11 -19.02 3.90 11.50
C ARG B 11 -20.04 4.95 11.07
N ARG B 12 -20.12 5.23 9.78
CA ARG B 12 -21.10 6.22 9.31
C ARG B 12 -22.52 5.68 9.43
N ARG B 13 -22.71 4.41 9.09
CA ARG B 13 -23.99 3.75 9.29
C ARG B 13 -24.43 3.83 10.74
N LYS B 14 -23.51 3.56 11.67
CA LYS B 14 -23.82 3.62 13.09
C LYS B 14 -24.17 5.03 13.52
N ALA B 15 -23.39 6.03 13.08
CA ALA B 15 -23.66 7.41 13.46
C ALA B 15 -25.02 7.87 12.95
N LEU B 16 -25.38 7.48 11.73
CA LEU B 16 -26.68 7.86 11.20
C LEU B 16 -27.80 7.21 12.01
N MET B 17 -27.69 5.91 12.25
CA MET B 17 -28.73 5.23 13.01
C MET B 17 -28.86 5.82 14.40
N ALA B 18 -27.78 6.34 14.96
CA ALA B 18 -27.89 6.91 16.30
C ALA B 18 -28.64 8.22 16.31
N GLN B 19 -28.84 8.85 15.15
CA GLN B 19 -29.64 10.06 15.06
C GLN B 19 -31.07 9.78 14.66
N MET B 20 -31.37 8.60 14.14
CA MET B 20 -32.74 8.27 13.74
C MET B 20 -33.59 7.99 14.97
N GLU B 21 -34.85 8.40 14.89
CA GLU B 21 -35.79 8.11 15.97
C GLU B 21 -36.05 6.61 16.03
N PRO B 22 -36.39 6.07 17.20
CA PRO B 22 -36.62 4.64 17.33
C PRO B 22 -37.71 4.15 16.40
N ASN B 23 -37.62 2.85 16.08
CA ASN B 23 -38.62 2.16 15.27
C ASN B 23 -38.78 2.82 13.91
N SER B 24 -37.66 3.20 13.31
CA SER B 24 -37.69 3.80 12.00
C SER B 24 -36.81 3.01 11.05
N ILE B 25 -36.83 3.40 9.78
CA ILE B 25 -36.06 2.71 8.75
C ILE B 25 -35.62 3.74 7.71
N ALA B 26 -34.37 3.64 7.28
CA ALA B 26 -33.83 4.49 6.23
C ALA B 26 -33.55 3.65 4.99
N ILE B 27 -33.86 4.20 3.82
CA ILE B 27 -33.76 3.49 2.56
C ILE B 27 -33.09 4.39 1.53
N LEU B 28 -32.07 3.87 0.86
CA LEU B 28 -31.35 4.60 -0.19
C LEU B 28 -31.12 3.72 -1.42
N PRO B 29 -31.45 4.20 -2.60
CA PRO B 29 -31.15 3.46 -3.82
C PRO B 29 -29.79 3.85 -4.40
N ALA B 30 -29.27 2.97 -5.24
CA ALA B 30 -28.08 3.30 -6.00
C ALA B 30 -28.45 4.23 -7.15
N ALA B 31 -27.43 4.80 -7.78
CA ALA B 31 -27.66 5.67 -8.90
C ALA B 31 -28.12 4.89 -10.12
N PRO B 32 -28.93 5.50 -10.99
CA PRO B 32 -29.31 4.85 -12.24
C PRO B 32 -28.16 4.80 -13.22
N MET B 33 -28.35 3.97 -14.24
CA MET B 33 -27.47 3.98 -15.40
C MET B 33 -28.13 4.76 -16.52
N TYR B 34 -27.30 5.39 -17.33
CA TYR B 34 -27.78 6.21 -18.43
C TYR B 34 -27.17 5.71 -19.71
N ILE B 35 -27.97 5.72 -20.75
CA ILE B 35 -27.50 5.41 -22.08
C ILE B 35 -26.94 6.68 -22.69
N ARG B 36 -25.74 6.59 -23.25
CA ARG B 36 -25.14 7.77 -23.86
C ARG B 36 -25.59 7.92 -25.31
N ASN B 37 -25.46 6.85 -26.09
CA ASN B 37 -25.93 6.83 -27.46
C ASN B 37 -26.14 5.38 -27.89
N ARG B 38 -27.33 5.10 -28.43
CA ARG B 38 -27.76 3.78 -28.85
C ARG B 38 -27.64 2.79 -27.70
N ASP B 39 -26.63 1.93 -27.70
CA ASP B 39 -26.43 0.99 -26.60
C ASP B 39 -25.13 1.22 -25.86
N VAL B 40 -24.50 2.38 -26.04
CA VAL B 40 -23.30 2.74 -25.31
C VAL B 40 -23.71 3.48 -24.05
N GLU B 41 -23.30 2.95 -22.91
CA GLU B 41 -23.63 3.54 -21.62
C GLU B 41 -22.65 4.65 -21.25
N HIS B 42 -23.15 5.61 -20.50
CA HIS B 42 -22.29 6.57 -19.84
C HIS B 42 -21.43 5.87 -18.79
N VAL B 43 -20.29 6.47 -18.47
CA VAL B 43 -19.53 5.99 -17.33
C VAL B 43 -20.40 6.02 -16.08
N TYR B 44 -20.37 4.93 -15.31
CA TYR B 44 -21.23 4.82 -14.14
C TYR B 44 -20.64 5.57 -12.96
N ARG B 45 -21.51 6.23 -12.20
CA ARG B 45 -21.12 7.00 -11.02
C ARG B 45 -22.11 6.75 -9.91
N GLN B 46 -21.65 6.13 -8.83
CA GLN B 46 -22.52 5.81 -7.71
C GLN B 46 -23.07 7.09 -7.10
N ASP B 47 -24.29 7.00 -6.61
CA ASP B 47 -24.90 8.11 -5.91
C ASP B 47 -24.08 8.41 -4.66
N SER B 48 -23.83 9.70 -4.41
CA SER B 48 -22.87 10.05 -3.37
C SER B 48 -23.36 9.64 -1.99
N ASP B 49 -24.65 9.82 -1.71
CA ASP B 49 -25.16 9.44 -0.40
C ASP B 49 -25.13 7.92 -0.24
N PHE B 50 -25.56 7.19 -1.26
CA PHE B 50 -25.47 5.73 -1.21
C PHE B 50 -24.03 5.28 -1.01
N GLN B 51 -23.10 5.87 -1.77
CA GLN B 51 -21.71 5.50 -1.65
C GLN B 51 -21.18 5.83 -0.26
N TYR B 52 -21.59 6.98 0.28
CA TYR B 52 -21.08 7.43 1.56
C TYR B 52 -21.36 6.43 2.65
N LEU B 53 -22.49 5.74 2.59
CA LEU B 53 -22.87 4.80 3.63
C LEU B 53 -22.51 3.35 3.32
N THR B 54 -22.19 3.02 2.08
CA THR B 54 -21.97 1.61 1.75
C THR B 54 -20.64 1.31 1.11
N GLY B 55 -20.08 2.22 0.31
CA GLY B 55 -18.95 1.87 -0.50
C GLY B 55 -19.24 0.86 -1.57
N PHE B 56 -20.50 0.65 -1.91
CA PHE B 56 -20.89 -0.41 -2.82
C PHE B 56 -20.95 0.15 -4.24
N PRO B 57 -20.18 -0.40 -5.18
CA PRO B 57 -20.01 0.24 -6.49
C PRO B 57 -21.01 -0.14 -7.56
N GLU B 58 -21.98 -1.01 -7.27
CA GLU B 58 -22.82 -1.56 -8.33
C GLU B 58 -24.13 -0.77 -8.46
N PRO B 59 -24.74 -0.80 -9.61
CA PRO B 59 -26.05 -0.22 -9.81
C PRO B 59 -27.10 -1.29 -9.43
N GLU B 60 -28.36 -0.89 -9.42
CA GLU B 60 -29.48 -1.72 -9.06
C GLU B 60 -29.33 -2.43 -7.75
N ALA B 61 -29.13 -1.61 -6.75
CA ALA B 61 -29.03 -2.01 -5.39
C ALA B 61 -29.83 -1.02 -4.59
N VAL B 62 -30.28 -1.47 -3.44
CA VAL B 62 -31.00 -0.66 -2.45
C VAL B 62 -30.52 -1.10 -1.08
N MET B 63 -30.25 -0.14 -0.23
CA MET B 63 -29.83 -0.40 1.11
C MET B 63 -30.93 0.02 2.08
N ALA B 64 -30.96 -0.61 3.24
CA ALA B 64 -31.91 -0.25 4.28
C ALA B 64 -31.23 -0.31 5.63
N LEU B 65 -31.47 0.68 6.46
CA LEU B 65 -30.97 0.70 7.84
C LEU B 65 -32.15 0.60 8.79
N ILE B 66 -32.13 -0.42 9.63
CA ILE B 66 -33.25 -0.70 10.54
C ILE B 66 -32.71 -0.75 11.96
N PRO B 67 -32.60 0.39 12.63
CA PRO B 67 -32.04 0.41 13.99
C PRO B 67 -32.78 -0.55 14.92
N GLY B 68 -32.01 -1.35 15.64
CA GLY B 68 -32.58 -2.24 16.60
C GLY B 68 -33.06 -3.57 16.06
N ARG B 69 -33.03 -3.78 14.75
CA ARG B 69 -33.40 -5.07 14.20
C ARG B 69 -32.40 -6.11 14.70
N ALA B 70 -32.91 -7.09 15.45
CA ALA B 70 -32.05 -8.12 16.00
C ALA B 70 -31.36 -8.91 14.89
N HIS B 71 -32.11 -9.24 13.84
CA HIS B 71 -31.59 -10.00 12.72
C HIS B 71 -30.51 -9.27 11.93
N GLY B 72 -30.23 -7.99 12.23
CA GLY B 72 -29.25 -7.25 11.47
C GLY B 72 -29.78 -5.90 11.03
N GLU B 73 -29.06 -4.85 11.40
CA GLU B 73 -29.56 -3.51 11.14
C GLU B 73 -29.31 -3.05 9.71
N TYR B 74 -28.35 -3.64 9.01
CA TYR B 74 -27.95 -3.22 7.67
C TYR B 74 -28.34 -4.30 6.68
N VAL B 75 -29.27 -3.98 5.79
CA VAL B 75 -29.77 -4.89 4.77
C VAL B 75 -29.48 -4.31 3.42
N LEU B 76 -28.97 -5.13 2.50
CA LEU B 76 -28.60 -4.67 1.17
C LEU B 76 -29.25 -5.55 0.13
N PHE B 77 -30.02 -4.95 -0.76
CA PHE B 77 -30.52 -5.62 -1.95
C PHE B 77 -29.59 -5.33 -3.10
N CYS B 78 -29.20 -6.36 -3.83
CA CYS B 78 -28.26 -6.16 -4.93
C CYS B 78 -28.41 -7.31 -5.93
N ARG B 79 -27.71 -7.16 -7.04
CA ARG B 79 -27.75 -8.17 -8.09
C ARG B 79 -27.27 -9.52 -7.56
N GLU B 80 -27.85 -10.58 -8.09
CA GLU B 80 -27.35 -11.90 -7.76
C GLU B 80 -26.37 -12.37 -8.84
N ARG B 81 -25.56 -13.37 -8.48
CA ARG B 81 -24.57 -13.90 -9.42
C ARG B 81 -25.28 -14.48 -10.63
N ASP B 82 -24.72 -14.19 -11.83
CA ASP B 82 -25.32 -14.61 -13.08
C ASP B 82 -24.19 -14.90 -14.05
N PRO B 83 -23.89 -16.17 -14.30
CA PRO B 83 -22.65 -16.49 -15.03
C PRO B 83 -22.62 -15.92 -16.44
N GLU B 84 -23.71 -16.06 -17.18
CA GLU B 84 -23.77 -15.54 -18.54
C GLU B 84 -23.62 -14.02 -18.55
N ARG B 85 -24.29 -13.34 -17.61
CA ARG B 85 -24.19 -11.90 -17.58
C ARG B 85 -22.78 -11.45 -17.20
N GLU B 86 -22.16 -12.12 -16.26
CA GLU B 86 -20.82 -11.77 -15.83
C GLU B 86 -19.74 -12.07 -16.88
N LEU B 87 -20.01 -12.99 -17.79
CA LEU B 87 -19.04 -13.30 -18.81
C LEU B 87 -18.91 -12.05 -19.61
N TRP B 88 -20.00 -11.33 -19.77
CA TRP B 88 -19.96 -10.11 -20.53
C TRP B 88 -19.64 -8.82 -19.78
N ASP B 89 -20.38 -8.58 -18.72
CA ASP B 89 -20.24 -7.34 -17.96
C ASP B 89 -19.39 -7.32 -16.76
N GLY B 90 -18.87 -8.45 -16.35
CA GLY B 90 -18.00 -8.43 -15.21
C GLY B 90 -18.59 -8.98 -14.00
N LEU B 91 -17.74 -9.37 -13.09
CA LEU B 91 -18.19 -10.01 -11.89
C LEU B 91 -18.97 -9.16 -10.93
N ARG B 92 -19.89 -9.84 -10.29
CA ARG B 92 -20.82 -9.24 -9.35
C ARG B 92 -20.51 -9.71 -7.94
N ALA B 93 -20.77 -8.84 -6.96
CA ALA B 93 -20.55 -9.21 -5.57
C ALA B 93 -21.53 -10.29 -5.12
N GLY B 94 -22.77 -10.23 -5.59
CA GLY B 94 -23.79 -11.14 -5.13
C GLY B 94 -24.14 -10.92 -3.68
N GLN B 95 -25.04 -11.76 -3.18
CA GLN B 95 -25.45 -11.65 -1.78
C GLN B 95 -24.34 -12.06 -0.85
N ASP B 96 -23.55 -13.06 -1.21
CA ASP B 96 -22.45 -13.48 -0.35
C ASP B 96 -21.37 -12.39 -0.29
N GLY B 97 -21.09 -11.73 -1.40
CA GLY B 97 -20.14 -10.63 -1.37
C GLY B 97 -20.65 -9.45 -0.56
N ALA B 98 -21.96 -9.20 -0.62
CA ALA B 98 -22.54 -8.09 0.12
C ALA B 98 -22.33 -8.25 1.62
N ILE B 99 -22.49 -9.44 2.11
CA ILE B 99 -22.32 -9.69 3.52
C ILE B 99 -20.87 -9.76 3.88
N GLY B 100 -20.10 -10.37 3.01
CA GLY B 100 -18.73 -10.65 3.33
C GLY B 100 -17.84 -9.46 3.09
N GLN B 101 -17.80 -9.00 1.84
CA GLN B 101 -16.88 -7.92 1.49
C GLN B 101 -17.40 -6.57 1.97
N TYR B 102 -18.71 -6.36 1.97
CA TYR B 102 -19.28 -5.05 2.22
C TYR B 102 -19.99 -4.93 3.56
N GLY B 103 -19.96 -5.97 4.38
CA GLY B 103 -20.37 -5.83 5.75
C GLY B 103 -21.86 -5.82 6.02
N ALA B 104 -22.68 -6.21 5.06
CA ALA B 104 -24.11 -6.25 5.29
C ALA B 104 -24.49 -7.37 6.27
N ASP B 105 -25.54 -7.11 7.04
CA ASP B 105 -26.06 -8.14 7.94
C ASP B 105 -26.90 -9.16 7.20
N ASP B 106 -27.73 -8.70 6.28
CA ASP B 106 -28.51 -9.58 5.43
C ASP B 106 -28.44 -9.04 4.02
N ALA B 107 -28.55 -9.93 3.04
CA ALA B 107 -28.56 -9.50 1.66
C ALA B 107 -29.56 -10.32 0.88
N PHE B 108 -30.24 -9.69 -0.08
CA PHE B 108 -31.26 -10.33 -0.86
C PHE B 108 -31.13 -9.91 -2.31
N PRO B 109 -31.55 -10.77 -3.24
CA PRO B 109 -31.50 -10.37 -4.65
C PRO B 109 -32.39 -9.17 -4.89
N ILE B 110 -31.92 -8.28 -5.77
CA ILE B 110 -32.70 -7.09 -6.09
C ILE B 110 -34.04 -7.48 -6.70
N GLY B 111 -34.11 -8.64 -7.35
CA GLY B 111 -35.37 -9.08 -7.91
C GLY B 111 -36.43 -9.43 -6.88
N ASP B 112 -36.06 -9.58 -5.62
CA ASP B 112 -36.98 -9.96 -4.56
C ASP B 112 -37.37 -8.80 -3.67
N ILE B 113 -37.00 -7.57 -4.03
CA ILE B 113 -37.18 -6.45 -3.14
C ILE B 113 -38.66 -6.21 -2.88
N ASP B 114 -39.48 -6.37 -3.92
CA ASP B 114 -40.90 -6.12 -3.73
C ASP B 114 -41.52 -7.10 -2.73
N ASP B 115 -40.90 -8.26 -2.54
CA ASP B 115 -41.48 -9.29 -1.67
C ASP B 115 -40.89 -9.29 -0.28
N ILE B 116 -39.93 -8.40 0.00
CA ILE B 116 -39.23 -8.40 1.27
C ILE B 116 -39.26 -7.03 1.94
N LEU B 117 -39.01 -5.97 1.19
CA LEU B 117 -38.90 -4.66 1.81
C LEU B 117 -40.20 -4.17 2.45
N PRO B 118 -41.39 -4.36 1.86
CA PRO B 118 -42.60 -3.91 2.55
C PRO B 118 -42.71 -4.46 3.96
N GLY B 119 -42.34 -5.73 4.15
CA GLY B 119 -42.35 -6.31 5.47
C GLY B 119 -41.38 -5.65 6.43
N LEU B 120 -40.25 -5.18 5.93
CA LEU B 120 -39.32 -4.46 6.80
C LEU B 120 -39.85 -3.07 7.15
N ILE B 121 -40.56 -2.44 6.21
CA ILE B 121 -41.14 -1.13 6.48
C ILE B 121 -42.32 -1.25 7.45
N GLU B 122 -43.06 -2.36 7.38
CA GLU B 122 -44.25 -2.53 8.21
C GLU B 122 -43.90 -2.49 9.68
N GLY B 123 -44.72 -1.78 10.46
CA GLY B 123 -44.49 -1.63 11.86
C GLY B 123 -43.56 -0.51 12.25
N ARG B 124 -42.85 0.08 11.30
CA ARG B 124 -42.01 1.23 11.59
C ARG B 124 -42.85 2.50 11.62
N ASP B 125 -42.45 3.42 12.50
CA ASP B 125 -43.14 4.71 12.62
C ASP B 125 -42.73 5.70 11.55
N ARG B 126 -41.48 5.66 11.12
CA ARG B 126 -40.94 6.65 10.19
C ARG B 126 -40.05 5.97 9.16
N VAL B 127 -40.09 6.51 7.94
CA VAL B 127 -39.18 6.11 6.87
C VAL B 127 -38.34 7.33 6.53
N TYR B 128 -37.02 7.20 6.61
CA TYR B 128 -36.08 8.23 6.21
C TYR B 128 -35.62 7.96 4.79
N TYR B 129 -35.86 8.90 3.88
CA TYR B 129 -35.32 8.80 2.53
C TYR B 129 -35.21 10.20 1.92
N ALA B 130 -34.61 10.25 0.73
CA ALA B 130 -34.31 11.51 0.06
C ALA B 130 -35.50 11.92 -0.79
N LEU B 131 -36.41 12.61 -0.16
CA LEU B 131 -37.61 13.03 -0.84
C LEU B 131 -37.32 13.84 -2.09
N GLY B 132 -37.82 13.39 -3.23
CA GLY B 132 -37.68 14.09 -4.48
C GLY B 132 -36.37 13.88 -5.20
N ALA B 133 -35.39 13.23 -4.58
CA ALA B 133 -34.10 13.08 -5.25
C ALA B 133 -34.20 12.13 -6.42
N ASN B 134 -34.93 11.02 -6.27
CA ASN B 134 -35.07 10.01 -7.31
C ASN B 134 -36.55 9.74 -7.49
N PRO B 135 -37.19 10.40 -8.46
CA PRO B 135 -38.64 10.21 -8.65
C PRO B 135 -39.04 8.77 -8.92
N ASP B 136 -38.20 8.01 -9.62
CA ASP B 136 -38.52 6.61 -9.86
C ASP B 136 -38.56 5.84 -8.55
N PHE B 137 -37.57 6.06 -7.68
CA PHE B 137 -37.58 5.42 -6.38
C PHE B 137 -38.77 5.89 -5.55
N ASP B 138 -39.11 7.17 -5.62
CA ASP B 138 -40.27 7.66 -4.88
C ASP B 138 -41.52 6.90 -5.27
N ARG B 139 -41.63 6.53 -6.53
CA ARG B 139 -42.76 5.76 -6.97
C ARG B 139 -42.71 4.36 -6.38
N ARG B 140 -41.55 3.72 -6.42
CA ARG B 140 -41.40 2.39 -5.83
C ARG B 140 -41.80 2.41 -4.36
N LEU B 141 -41.35 3.42 -3.63
CA LEU B 141 -41.66 3.46 -2.21
C LEU B 141 -43.16 3.55 -1.99
N MET B 142 -43.85 4.40 -2.75
CA MET B 142 -45.29 4.52 -2.59
C MET B 142 -46.00 3.20 -2.86
N ASP B 143 -45.47 2.40 -3.81
CA ASP B 143 -46.03 1.07 -4.03
C ASP B 143 -45.87 0.21 -2.80
N TRP B 144 -44.64 0.14 -2.26
CA TRP B 144 -44.39 -0.65 -1.07
C TRP B 144 -45.30 -0.24 0.08
N ILE B 145 -45.57 1.05 0.20
CA ILE B 145 -46.46 1.52 1.24
C ILE B 145 -47.90 1.08 0.96
N ASN B 146 -48.32 1.19 -0.29
CA ASN B 146 -49.64 0.71 -0.66
C ASN B 146 -49.79 -0.78 -0.38
N VAL B 147 -48.70 -1.54 -0.53
CA VAL B 147 -48.75 -2.96 -0.23
C VAL B 147 -49.03 -3.18 1.25
N ILE B 148 -48.27 -2.50 2.12
CA ILE B 148 -48.54 -2.56 3.55
C ILE B 148 -49.97 -2.13 3.83
N ARG B 149 -50.43 -1.06 3.21
CA ARG B 149 -51.79 -0.59 3.47
C ARG B 149 -52.83 -1.65 3.19
N SER B 150 -52.54 -2.52 2.28
CA SER B 150 -53.50 -3.53 1.88
C SER B 150 -53.41 -4.81 2.70
N LYS B 151 -52.62 -4.84 3.77
CA LYS B 151 -52.54 -5.99 4.65
C LYS B 151 -53.06 -5.64 6.05
N ALA B 152 -53.96 -4.65 6.15
CA ALA B 152 -54.62 -4.35 7.43
C ALA B 152 -55.34 -5.58 7.98
N ARG B 153 -55.92 -6.39 7.10
CA ARG B 153 -56.51 -7.66 7.50
C ARG B 153 -55.59 -8.44 8.45
N GLN B 154 -54.32 -8.55 8.08
CA GLN B 154 -53.31 -9.18 8.92
C GLN B 154 -52.77 -8.23 9.98
N GLY B 155 -53.39 -7.07 10.16
CA GLY B 155 -52.90 -6.12 11.14
C GLY B 155 -51.67 -5.35 10.78
N ALA B 156 -51.33 -5.25 9.50
CA ALA B 156 -50.17 -4.49 9.10
C ALA B 156 -50.42 -3.00 9.28
N GLN B 157 -49.41 -2.29 9.75
CA GLN B 157 -49.50 -0.85 10.00
C GLN B 157 -48.44 -0.10 9.21
N PRO B 158 -48.81 0.66 8.19
CA PRO B 158 -47.82 1.46 7.49
C PRO B 158 -47.34 2.60 8.36
N PRO B 159 -46.13 3.10 8.12
CA PRO B 159 -45.67 4.29 8.83
C PRO B 159 -46.47 5.50 8.38
N ASN B 160 -46.63 6.44 9.27
CA ASN B 160 -47.35 7.66 8.94
C ASN B 160 -46.45 8.87 8.74
N GLU B 161 -45.14 8.75 8.92
CA GLU B 161 -44.23 9.87 8.76
C GLU B 161 -43.10 9.51 7.79
N PHE B 162 -42.78 10.44 6.91
CA PHE B 162 -41.70 10.28 5.95
C PHE B 162 -40.78 11.47 6.10
N VAL B 163 -39.51 11.22 6.40
CA VAL B 163 -38.57 12.25 6.81
C VAL B 163 -37.48 12.41 5.76
N ALA B 164 -37.20 13.65 5.39
CA ALA B 164 -36.13 13.96 4.45
C ALA B 164 -34.80 13.51 5.02
N LEU B 165 -34.18 12.54 4.37
CA LEU B 165 -32.92 12.00 4.88
C LEU B 165 -31.78 12.97 4.70
N ASP B 166 -31.85 13.86 3.71
CA ASP B 166 -30.68 14.68 3.40
C ASP B 166 -30.34 15.63 4.54
N HIS B 167 -31.33 16.02 5.34
CA HIS B 167 -31.03 16.92 6.44
C HIS B 167 -30.00 16.31 7.39
N LEU B 168 -30.21 15.06 7.81
CA LEU B 168 -29.23 14.44 8.70
C LEU B 168 -27.98 14.01 7.96
N LEU B 169 -28.15 13.38 6.80
CA LEU B 169 -27.01 12.74 6.14
C LEU B 169 -26.07 13.78 5.55
N HIS B 170 -26.60 14.85 4.98
CA HIS B 170 -25.74 15.86 4.38
C HIS B 170 -24.98 16.67 5.43
N ASP B 171 -25.53 16.79 6.64
CA ASP B 171 -24.76 17.41 7.70
C ASP B 171 -23.64 16.50 8.18
N GLN B 172 -23.85 15.19 8.17
CA GLN B 172 -22.75 14.27 8.41
C GLN B 172 -21.65 14.46 7.37
N ARG B 173 -22.04 14.48 6.09
CA ARG B 173 -21.07 14.66 5.02
C ARG B 173 -20.30 15.98 5.12
N LEU B 174 -20.87 17.01 5.75
CA LEU B 174 -20.20 18.29 5.84
C LEU B 174 -18.92 18.24 6.68
N TYR B 175 -18.81 17.31 7.61
CA TYR B 175 -17.66 17.21 8.49
C TYR B 175 -16.80 16.07 7.97
N LYS B 176 -15.66 16.41 7.40
CA LYS B 176 -14.80 15.41 6.79
C LYS B 176 -13.99 14.71 7.87
N SER B 177 -13.97 13.39 7.84
CA SER B 177 -13.13 12.62 8.72
C SER B 177 -11.67 12.73 8.31
N ALA B 178 -10.80 12.19 9.15
CA ALA B 178 -9.38 12.12 8.81
C ALA B 178 -9.17 11.32 7.53
N ASN B 179 -9.85 10.19 7.39
CA ASN B 179 -9.67 9.40 6.17
C ASN B 179 -10.17 10.16 4.96
N GLU B 180 -11.25 10.92 5.10
CA GLU B 180 -11.75 11.69 3.97
C GLU B 180 -10.76 12.75 3.55
N VAL B 181 -10.17 13.45 4.51
CA VAL B 181 -9.15 14.45 4.19
C VAL B 181 -7.97 13.81 3.50
N LYS B 182 -7.58 12.61 3.92
CA LYS B 182 -6.47 11.92 3.26
C LYS B 182 -6.77 11.64 1.80
N VAL B 183 -7.99 11.17 1.51
CA VAL B 183 -8.36 10.95 0.12
C VAL B 183 -8.38 12.27 -0.64
N MET B 184 -8.91 13.33 -0.03
CA MET B 184 -9.00 14.60 -0.74
C MET B 184 -7.60 15.17 -1.00
N ARG B 185 -6.68 15.04 -0.05
CA ARG B 185 -5.30 15.48 -0.28
C ARG B 185 -4.70 14.78 -1.49
N TYR B 186 -4.89 13.46 -1.58
CA TYR B 186 -4.32 12.73 -2.71
C TYR B 186 -4.94 13.21 -4.03
N ALA B 187 -6.26 13.30 -4.08
CA ALA B 187 -6.93 13.82 -5.27
C ALA B 187 -6.39 15.19 -5.65
N ALA B 188 -6.24 16.08 -4.67
CA ALA B 188 -5.70 17.40 -4.94
C ALA B 188 -4.27 17.31 -5.48
N GLU B 189 -3.47 16.39 -4.91
CA GLU B 189 -2.11 16.22 -5.38
C GLU B 189 -2.08 15.76 -6.83
N VAL B 190 -2.93 14.79 -7.18
CA VAL B 190 -2.98 14.35 -8.56
C VAL B 190 -3.39 15.48 -9.47
N SER B 191 -4.38 16.28 -9.06
CA SER B 191 -4.81 17.37 -9.91
C SER B 191 -3.70 18.41 -10.07
N ALA B 192 -2.94 18.67 -9.01
CA ALA B 192 -1.83 19.61 -9.08
C ALA B 192 -0.83 19.21 -10.16
N ARG B 193 -0.46 17.93 -10.19
CA ARG B 193 0.45 17.43 -11.21
C ARG B 193 -0.13 17.62 -12.61
N ALA B 194 -1.45 17.42 -12.75
CA ALA B 194 -2.07 17.59 -14.06
C ALA B 194 -2.03 19.04 -14.52
N HIS B 195 -2.25 19.97 -13.60
CA HIS B 195 -2.24 21.38 -13.99
C HIS B 195 -0.85 21.80 -14.41
N ILE B 196 0.17 21.32 -13.70
CA ILE B 196 1.57 21.57 -14.05
C ILE B 196 1.88 21.09 -15.46
N ARG B 197 1.44 19.87 -15.80
CA ARG B 197 1.75 19.36 -17.13
C ARG B 197 1.07 20.21 -18.21
N ALA B 198 -0.17 20.64 -17.97
CA ALA B 198 -0.81 21.54 -18.92
C ALA B 198 0.03 22.78 -19.14
N MET B 199 0.47 23.42 -18.05
CA MET B 199 1.34 24.58 -18.17
C MET B 199 2.59 24.24 -18.99
N GLU B 200 3.26 23.14 -18.66
CA GLU B 200 4.55 22.83 -19.27
C GLU B 200 4.43 22.55 -20.76
N VAL B 201 3.30 22.00 -21.20
CA VAL B 201 3.15 21.65 -22.60
CA VAL B 201 3.14 21.63 -22.60
C VAL B 201 2.59 22.79 -23.45
N CYS B 202 1.93 23.76 -22.84
CA CYS B 202 1.20 24.76 -23.60
C CYS B 202 2.14 25.56 -24.49
N ARG B 203 1.72 25.77 -25.73
CA ARG B 203 2.39 26.69 -26.64
C ARG B 203 1.39 27.13 -27.68
N PRO B 204 1.55 28.33 -28.25
CA PRO B 204 0.69 28.73 -29.37
C PRO B 204 0.75 27.70 -30.48
N GLY B 205 -0.40 27.51 -31.14
CA GLY B 205 -0.52 26.53 -32.19
C GLY B 205 -1.24 25.27 -31.75
N LEU B 206 -1.12 24.89 -30.48
CA LEU B 206 -1.92 23.80 -29.96
C LEU B 206 -3.38 24.25 -29.85
N PHE B 207 -4.26 23.30 -29.60
CA PHE B 207 -5.65 23.61 -29.34
C PHE B 207 -5.95 23.39 -27.86
N GLU B 208 -7.06 23.97 -27.41
CA GLU B 208 -7.47 23.79 -26.02
C GLU B 208 -7.56 22.32 -25.67
N TYR B 209 -8.02 21.47 -26.59
CA TYR B 209 -8.12 20.06 -26.25
C TYR B 209 -6.77 19.40 -26.04
N HIS B 210 -5.68 19.93 -26.60
CA HIS B 210 -4.37 19.36 -26.29
C HIS B 210 -4.04 19.48 -24.81
N LEU B 211 -4.47 20.58 -24.20
CA LEU B 211 -4.26 20.72 -22.77
C LEU B 211 -5.20 19.83 -21.96
N GLU B 212 -6.45 19.68 -22.41
CA GLU B 212 -7.35 18.77 -21.71
C GLU B 212 -6.82 17.36 -21.74
N ALA B 213 -6.20 16.97 -22.86
CA ALA B 213 -5.53 15.67 -22.93
C ALA B 213 -4.54 15.49 -21.79
N GLU B 214 -3.71 16.51 -21.52
CA GLU B 214 -2.73 16.36 -20.46
C GLU B 214 -3.40 16.20 -19.12
N LEU B 215 -4.49 16.92 -18.89
CA LEU B 215 -5.22 16.78 -17.64
C LEU B 215 -5.75 15.36 -17.49
N GLU B 216 -6.45 14.83 -18.49
CA GLU B 216 -7.03 13.50 -18.34
C GLU B 216 -5.93 12.46 -18.22
N TYR B 217 -4.84 12.64 -18.95
CA TYR B 217 -3.71 11.73 -18.86
C TYR B 217 -3.21 11.61 -17.43
N GLU B 218 -2.96 12.74 -16.76
CA GLU B 218 -2.44 12.68 -15.40
C GLU B 218 -3.49 12.20 -14.41
N PHE B 219 -4.74 12.64 -14.56
CA PHE B 219 -5.82 12.13 -13.72
C PHE B 219 -5.81 10.60 -13.72
N ARG B 220 -5.83 10.01 -14.91
CA ARG B 220 -6.02 8.58 -15.02
C ARG B 220 -4.78 7.81 -14.59
N LYS B 221 -3.59 8.38 -14.82
CA LYS B 221 -2.39 7.76 -14.29
C LYS B 221 -2.38 7.76 -12.77
N GLY B 222 -3.08 8.69 -12.16
CA GLY B 222 -3.20 8.68 -10.73
C GLY B 222 -4.35 7.85 -10.21
N GLY B 223 -5.08 7.17 -11.07
CA GLY B 223 -6.14 6.28 -10.63
C GLY B 223 -7.55 6.82 -10.74
N ALA B 224 -7.73 8.01 -11.27
CA ALA B 224 -9.07 8.62 -11.33
C ALA B 224 -9.95 7.86 -12.32
N LYS B 225 -11.18 7.57 -11.90
CA LYS B 225 -12.13 6.91 -12.78
C LYS B 225 -12.74 7.91 -13.76
N MET B 226 -12.65 9.17 -13.41
CA MET B 226 -13.31 10.26 -14.13
C MET B 226 -12.90 11.55 -13.45
N PRO B 227 -13.10 12.68 -14.12
CA PRO B 227 -12.89 13.96 -13.45
C PRO B 227 -13.99 14.21 -12.44
N ALA B 228 -13.70 15.11 -11.49
CA ALA B 228 -14.75 15.59 -10.60
C ALA B 228 -15.84 16.35 -11.35
N TYR B 229 -15.53 16.88 -12.51
CA TYR B 229 -16.43 17.67 -13.35
C TYR B 229 -15.75 17.85 -14.69
N GLY B 230 -16.55 18.13 -15.71
CA GLY B 230 -16.00 18.34 -17.04
C GLY B 230 -14.96 19.45 -17.05
N SER B 231 -13.79 19.17 -17.58
CA SER B 231 -12.70 20.13 -17.52
C SER B 231 -12.98 21.38 -18.34
N ILE B 232 -12.61 22.52 -17.78
CA ILE B 232 -12.71 23.82 -18.46
C ILE B 232 -11.30 24.22 -18.91
N VAL B 233 -11.11 24.37 -20.22
CA VAL B 233 -9.84 24.80 -20.80
C VAL B 233 -10.12 25.96 -21.75
N ALA B 234 -9.94 27.19 -21.28
CA ALA B 234 -10.46 28.37 -21.97
C ALA B 234 -9.31 29.31 -22.32
N ALA B 235 -9.03 29.42 -23.60
CA ALA B 235 -8.03 30.31 -24.16
C ALA B 235 -8.64 31.66 -24.52
N GLY B 236 -7.91 32.73 -24.22
CA GLY B 236 -8.28 34.03 -24.72
C GLY B 236 -9.63 34.45 -24.20
N ARG B 237 -10.48 34.94 -25.10
CA ARG B 237 -11.76 35.45 -24.65
C ARG B 237 -12.62 34.36 -24.05
N ASN B 238 -12.36 33.08 -24.36
CA ASN B 238 -13.13 32.01 -23.76
C ASN B 238 -13.01 31.99 -22.25
N ALA B 239 -11.95 32.54 -21.69
CA ALA B 239 -11.80 32.58 -20.24
C ALA B 239 -12.87 33.44 -19.58
N CYS B 240 -13.62 34.25 -20.33
CA CYS B 240 -14.67 35.05 -19.72
C CYS B 240 -16.00 34.30 -19.64
N ILE B 241 -16.03 33.03 -20.03
CA ILE B 241 -17.19 32.16 -19.92
C ILE B 241 -16.95 31.22 -18.75
N LEU B 242 -17.75 31.33 -17.70
CA LEU B 242 -17.35 30.75 -16.42
C LEU B 242 -17.22 29.22 -16.50
N HIS B 243 -18.05 28.58 -17.29
CA HIS B 243 -18.00 27.13 -17.43
C HIS B 243 -17.82 26.73 -18.87
N TYR B 244 -16.89 27.40 -19.51
CA TYR B 244 -16.62 27.11 -20.90
C TYR B 244 -16.18 25.65 -21.06
N ARG B 245 -16.84 24.93 -21.95
CA ARG B 245 -16.49 23.53 -22.18
C ARG B 245 -16.33 23.16 -23.65
N GLU B 246 -16.38 24.09 -24.59
CA GLU B 246 -16.13 23.73 -25.99
C GLU B 246 -14.74 23.14 -26.17
N ASN B 247 -13.73 23.76 -25.54
CA ASN B 247 -12.39 23.19 -25.50
C ASN B 247 -11.88 22.83 -26.89
N ASP B 248 -12.23 23.63 -27.89
CA ASP B 248 -11.88 23.29 -29.25
C ASP B 248 -11.17 24.41 -30.01
N ALA B 249 -10.79 25.49 -29.34
CA ALA B 249 -10.18 26.64 -30.00
C ALA B 249 -8.66 26.52 -30.07
N ALA B 250 -8.10 27.05 -31.16
CA ALA B 250 -6.65 27.12 -31.31
C ALA B 250 -6.06 28.19 -30.40
N ILE B 251 -4.92 27.90 -29.80
CA ILE B 251 -4.23 28.79 -28.88
CA ILE B 251 -4.28 28.81 -28.87
C ILE B 251 -3.42 29.79 -29.67
N LYS B 252 -3.52 31.06 -29.34
CA LYS B 252 -2.79 32.12 -30.02
C LYS B 252 -1.75 32.75 -29.11
N ASP B 253 -0.61 33.15 -29.68
CA ASP B 253 0.35 33.96 -28.96
C ASP B 253 -0.36 35.17 -28.36
N GLY B 254 -0.13 35.43 -27.09
CA GLY B 254 -0.78 36.51 -26.38
C GLY B 254 -2.01 36.12 -25.60
N ASP B 255 -2.58 34.95 -25.85
CA ASP B 255 -3.70 34.46 -25.05
C ASP B 255 -3.25 34.14 -23.64
N LEU B 256 -4.13 34.42 -22.69
CA LEU B 256 -4.16 33.72 -21.43
C LEU B 256 -4.90 32.40 -21.58
N ILE B 257 -4.59 31.45 -20.69
CA ILE B 257 -5.29 30.19 -20.60
C ILE B 257 -5.83 30.08 -19.18
N LEU B 258 -7.12 29.84 -19.06
CA LEU B 258 -7.73 29.54 -17.77
C LEU B 258 -8.15 28.07 -17.76
N ILE B 259 -7.61 27.30 -16.83
CA ILE B 259 -7.94 25.89 -16.69
C ILE B 259 -8.59 25.70 -15.34
N ASP B 260 -9.82 25.23 -15.34
CA ASP B 260 -10.56 24.83 -14.14
C ASP B 260 -10.79 23.34 -14.27
N ALA B 261 -10.09 22.54 -13.46
CA ALA B 261 -10.18 21.10 -13.60
C ALA B 261 -9.73 20.40 -12.33
N GLY B 262 -10.27 19.20 -12.09
CA GLY B 262 -9.84 18.37 -10.97
C GLY B 262 -10.27 16.94 -11.09
N CYS B 263 -9.44 15.99 -10.64
CA CYS B 263 -9.89 14.61 -10.64
C CYS B 263 -10.77 14.35 -9.42
N GLU B 264 -11.41 13.20 -9.41
CA GLU B 264 -12.00 12.66 -8.20
C GLU B 264 -11.39 11.30 -7.94
N ILE B 265 -11.21 10.97 -6.67
CA ILE B 265 -10.66 9.68 -6.23
C ILE B 265 -11.65 9.07 -5.24
N ASP B 266 -12.02 7.81 -5.49
CA ASP B 266 -12.98 7.10 -4.64
C ASP B 266 -14.19 7.98 -4.34
N CYS B 267 -14.67 8.65 -5.39
CA CYS B 267 -15.81 9.56 -5.34
C CYS B 267 -15.58 10.77 -4.43
N TYR B 268 -14.34 11.27 -4.29
CA TYR B 268 -14.06 12.51 -3.58
C TYR B 268 -13.43 13.53 -4.53
N ALA B 269 -13.96 14.74 -4.56
CA ALA B 269 -13.55 15.71 -5.58
C ALA B 269 -12.29 16.48 -5.18
N SER B 270 -11.67 17.04 -6.20
CA SER B 270 -10.62 18.03 -6.11
C SER B 270 -11.09 19.09 -7.16
N ASP B 271 -10.72 20.34 -6.99
CA ASP B 271 -11.21 21.41 -7.83
C ASP B 271 -10.19 22.53 -7.89
N ILE B 272 -9.44 22.59 -8.96
CA ILE B 272 -8.41 23.58 -9.12
C ILE B 272 -8.54 24.48 -10.36
N THR B 273 -8.29 25.76 -10.18
CA THR B 273 -8.21 26.67 -11.32
C THR B 273 -6.87 27.38 -11.31
N ARG B 274 -6.21 27.40 -12.45
CA ARG B 274 -5.01 28.21 -12.64
C ARG B 274 -5.13 28.93 -13.97
N THR B 275 -4.61 30.15 -14.02
CA THR B 275 -4.53 30.93 -15.24
C THR B 275 -3.09 31.28 -15.55
N PHE B 276 -2.69 31.17 -16.82
CA PHE B 276 -1.29 31.37 -17.17
C PHE B 276 -1.21 31.85 -18.62
N PRO B 277 -0.11 32.52 -19.00
CA PRO B 277 0.05 32.98 -20.38
C PRO B 277 0.41 31.85 -21.33
N ALA B 278 -0.26 31.84 -22.48
CA ALA B 278 -0.02 30.80 -23.46
C ALA B 278 1.40 30.83 -23.98
N ASN B 279 2.06 31.98 -23.99
CA ASN B 279 3.43 32.07 -24.47
C ASN B 279 4.46 32.13 -23.34
N GLY B 280 4.05 31.86 -22.11
CA GLY B 280 4.98 31.79 -20.99
C GLY B 280 5.26 33.11 -20.30
N ARG B 281 4.73 34.20 -20.82
CA ARG B 281 5.00 35.48 -20.23
C ARG B 281 3.76 36.32 -20.11
N PHE B 282 3.44 36.73 -18.89
CA PHE B 282 2.29 37.59 -18.64
C PHE B 282 2.53 38.96 -19.28
N SER B 283 1.57 39.42 -20.07
CA SER B 283 1.65 40.80 -20.54
C SER B 283 1.42 41.75 -19.36
N PRO B 284 1.76 43.02 -19.51
CA PRO B 284 1.55 43.93 -18.37
C PRO B 284 0.09 44.02 -17.94
N GLU B 285 -0.85 44.02 -18.88
CA GLU B 285 -2.25 44.05 -18.48
C GLU B 285 -2.66 42.73 -17.83
N GLN B 286 -2.24 41.61 -18.41
CA GLN B 286 -2.54 40.33 -17.81
C GLN B 286 -1.96 40.24 -16.40
N LYS B 287 -0.70 40.65 -16.23
CA LYS B 287 -0.09 40.57 -14.91
C LYS B 287 -0.84 41.43 -13.90
N ALA B 288 -1.27 42.63 -14.30
CA ALA B 288 -1.95 43.51 -13.35
C ALA B 288 -3.23 42.87 -12.84
N ILE B 289 -4.04 42.33 -13.75
CA ILE B 289 -5.25 41.65 -13.33
C ILE B 289 -4.90 40.40 -12.51
N TYR B 290 -3.90 39.65 -12.95
CA TYR B 290 -3.60 38.39 -12.27
C TYR B 290 -3.20 38.62 -10.83
N GLU B 291 -2.31 39.58 -10.59
CA GLU B 291 -1.84 39.81 -9.23
C GLU B 291 -2.97 40.30 -8.34
N LEU B 292 -3.97 40.97 -8.92
CA LEU B 292 -5.09 41.40 -8.09
C LEU B 292 -5.94 40.21 -7.65
N VAL B 293 -6.22 39.29 -8.57
CA VAL B 293 -6.92 38.07 -8.18
C VAL B 293 -6.09 37.28 -7.17
N LEU B 294 -4.78 37.22 -7.37
CA LEU B 294 -3.95 36.47 -6.43
C LEU B 294 -4.02 37.09 -5.05
N GLU B 295 -4.05 38.43 -4.98
CA GLU B 295 -4.22 39.10 -3.71
C GLU B 295 -5.53 38.68 -3.04
N ALA B 296 -6.61 38.63 -3.82
CA ALA B 296 -7.89 38.22 -3.26
C ALA B 296 -7.83 36.78 -2.78
N ASN B 297 -7.26 35.90 -3.59
CA ASN B 297 -7.08 34.51 -3.20
C ASN B 297 -6.39 34.40 -1.85
N MET B 298 -5.25 35.05 -1.69
CA MET B 298 -4.50 34.94 -0.45
C MET B 298 -5.28 35.54 0.71
N ALA B 299 -6.00 36.64 0.47
CA ALA B 299 -6.73 37.28 1.54
C ALA B 299 -7.84 36.39 2.07
N ALA B 300 -8.47 35.60 1.20
CA ALA B 300 -9.59 34.77 1.61
C ALA B 300 -9.19 33.80 2.72
N PHE B 301 -7.98 33.23 2.62
CA PHE B 301 -7.52 32.26 3.61
C PHE B 301 -7.55 32.83 5.02
N ASP B 302 -7.26 34.12 5.18
CA ASP B 302 -7.25 34.73 6.51
C ASP B 302 -8.60 34.72 7.19
N TYR B 303 -9.69 34.51 6.45
CA TYR B 303 -11.01 34.50 7.05
C TYR B 303 -11.62 33.10 7.08
N ILE B 304 -10.78 32.06 7.01
CA ILE B 304 -11.26 30.70 7.05
C ILE B 304 -10.62 30.06 8.27
N ALA B 305 -11.39 29.92 9.33
CA ALA B 305 -10.92 29.42 10.61
C ALA B 305 -12.15 29.16 11.48
N PRO B 306 -12.01 28.30 12.48
CA PRO B 306 -13.15 28.05 13.39
C PRO B 306 -13.63 29.35 14.00
N GLY B 307 -14.94 29.56 13.97
CA GLY B 307 -15.54 30.75 14.49
C GLY B 307 -15.90 31.77 13.42
N ARG B 308 -15.15 31.83 12.33
CA ARG B 308 -15.55 32.67 11.22
C ARG B 308 -16.83 32.12 10.60
N HIS B 309 -17.59 32.99 9.97
CA HIS B 309 -18.78 32.50 9.28
C HIS B 309 -18.51 32.40 7.79
N TRP B 310 -19.41 31.67 7.11
CA TRP B 310 -19.12 31.18 5.77
C TRP B 310 -18.82 32.31 4.80
N ASN B 311 -19.56 33.39 4.86
CA ASN B 311 -19.47 34.42 3.84
C ASN B 311 -18.27 35.33 4.03
N GLU B 312 -17.52 35.21 5.13
CA GLU B 312 -16.48 36.21 5.39
C GLU B 312 -15.38 36.15 4.33
N ALA B 313 -15.05 34.94 3.87
CA ALA B 313 -14.04 34.84 2.81
C ALA B 313 -14.50 35.57 1.55
N HIS B 314 -15.76 35.38 1.16
CA HIS B 314 -16.25 36.05 -0.04
C HIS B 314 -16.22 37.56 0.08
N GLU B 315 -16.61 38.08 1.22
CA GLU B 315 -16.59 39.52 1.38
C GLU B 315 -15.21 40.06 1.28
N ALA B 316 -14.24 39.41 1.87
CA ALA B 316 -12.86 39.86 1.78
C ALA B 316 -12.40 39.94 0.33
N THR B 317 -12.71 38.91 -0.47
CA THR B 317 -12.33 38.99 -1.86
C THR B 317 -13.06 40.10 -2.59
N VAL B 318 -14.29 40.43 -2.18
CA VAL B 318 -15.00 41.55 -2.80
C VAL B 318 -14.31 42.86 -2.48
N ARG B 319 -13.94 43.07 -1.21
CA ARG B 319 -13.21 44.28 -0.86
C ARG B 319 -11.92 44.38 -1.66
N VAL B 320 -11.14 43.29 -1.70
CA VAL B 320 -9.85 43.33 -2.36
C VAL B 320 -10.02 43.64 -3.84
N ILE B 321 -10.95 42.95 -4.49
CA ILE B 321 -11.10 43.14 -5.93
C ILE B 321 -11.67 44.52 -6.25
N THR B 322 -12.62 44.99 -5.45
CA THR B 322 -13.20 46.29 -5.74
C THR B 322 -12.16 47.40 -5.57
N ALA B 323 -11.46 47.37 -4.45
CA ALA B 323 -10.37 48.31 -4.20
C ALA B 323 -9.33 48.28 -5.31
N GLY B 324 -8.98 47.09 -5.79
CA GLY B 324 -7.97 46.99 -6.82
C GLY B 324 -8.46 47.48 -8.17
N LEU B 325 -9.73 47.27 -8.46
CA LEU B 325 -10.27 47.75 -9.73
C LEU B 325 -10.27 49.28 -9.76
N VAL B 326 -10.56 49.91 -8.63
CA VAL B 326 -10.43 51.36 -8.54
C VAL B 326 -8.98 51.78 -8.73
N ARG B 327 -8.08 51.11 -8.03
CA ARG B 327 -6.65 51.38 -8.13
C ARG B 327 -6.17 51.37 -9.58
N LEU B 328 -6.65 50.42 -10.38
CA LEU B 328 -6.23 50.31 -11.77
C LEU B 328 -7.02 51.21 -12.69
N GLY B 329 -8.05 51.87 -12.20
CA GLY B 329 -8.85 52.74 -13.03
C GLY B 329 -9.95 52.05 -13.80
N LEU B 330 -10.22 50.77 -13.54
CA LEU B 330 -11.31 50.06 -14.18
C LEU B 330 -12.65 50.38 -13.55
N LEU B 331 -12.68 50.76 -12.29
CA LEU B 331 -13.86 51.33 -11.67
C LEU B 331 -13.51 52.73 -11.17
N GLU B 332 -14.54 53.47 -10.86
CA GLU B 332 -14.34 54.80 -10.38
C GLU B 332 -15.29 55.16 -9.27
N GLY B 333 -14.76 55.59 -8.15
CA GLY B 333 -15.56 56.09 -7.06
C GLY B 333 -15.07 55.63 -5.73
N ASP B 334 -15.96 55.71 -4.77
CA ASP B 334 -15.66 55.30 -3.41
C ASP B 334 -15.79 53.79 -3.30
N VAL B 335 -14.79 53.15 -2.73
CA VAL B 335 -14.79 51.69 -2.67
C VAL B 335 -16.01 51.19 -1.92
N ASP B 336 -16.32 51.81 -0.79
CA ASP B 336 -17.48 51.36 -0.02
C ASP B 336 -18.78 51.55 -0.78
N GLU B 337 -18.89 52.64 -1.54
CA GLU B 337 -20.11 52.85 -2.33
C GLU B 337 -20.21 51.83 -3.45
N LEU B 338 -19.10 51.55 -4.12
CA LEU B 338 -19.13 50.62 -5.24
C LEU B 338 -19.52 49.22 -4.77
N ILE B 339 -19.10 48.84 -3.57
CA ILE B 339 -19.49 47.53 -3.05
C ILE B 339 -20.98 47.51 -2.75
N ALA B 340 -21.49 48.56 -2.10
CA ALA B 340 -22.89 48.59 -1.72
C ALA B 340 -23.80 48.56 -2.94
N HIS B 341 -23.37 49.15 -4.04
CA HIS B 341 -24.17 49.15 -5.26
C HIS B 341 -23.73 48.06 -6.22
N GLU B 342 -22.85 47.16 -5.77
CA GLU B 342 -22.50 45.96 -6.54
C GLU B 342 -21.91 46.30 -7.90
N ALA B 343 -21.16 47.39 -7.96
CA ALA B 343 -20.56 47.75 -9.24
C ALA B 343 -19.49 46.77 -9.68
N TYR B 344 -18.89 46.05 -8.74
CA TYR B 344 -17.87 45.07 -9.07
C TYR B 344 -18.42 43.91 -9.88
N LYS B 345 -19.74 43.70 -9.87
CA LYS B 345 -20.24 42.48 -10.48
C LYS B 345 -20.10 42.47 -12.00
N ALA B 346 -19.79 43.61 -12.62
CA ALA B 346 -19.47 43.58 -14.03
C ALA B 346 -18.19 42.82 -14.30
N PHE B 347 -17.34 42.69 -13.31
CA PHE B 347 -16.09 41.97 -13.47
C PHE B 347 -16.01 40.68 -12.66
N TYR B 348 -16.73 40.59 -11.56
CA TYR B 348 -16.62 39.48 -10.61
C TYR B 348 -18.04 39.15 -10.17
N MET B 349 -18.66 38.19 -10.86
CA MET B 349 -20.09 37.98 -10.73
C MET B 349 -20.46 36.65 -10.09
N HIS B 350 -19.50 35.95 -9.49
CA HIS B 350 -19.81 34.68 -8.85
C HIS B 350 -19.28 34.70 -7.43
N ARG B 351 -19.61 33.65 -6.69
CA ARG B 351 -19.20 33.58 -5.30
C ARG B 351 -17.76 33.09 -5.17
N ALA B 352 -17.15 33.34 -4.02
CA ALA B 352 -15.76 33.00 -3.80
C ALA B 352 -15.53 31.53 -3.48
N GLY B 353 -16.56 30.70 -3.36
CA GLY B 353 -16.30 29.29 -3.14
C GLY B 353 -17.54 28.53 -2.73
N HIS B 354 -17.34 27.23 -2.47
CA HIS B 354 -18.43 26.32 -2.18
C HIS B 354 -17.90 25.17 -1.34
N TRP B 355 -18.80 24.48 -0.65
CA TRP B 355 -18.38 23.26 0.03
C TRP B 355 -17.75 22.30 -0.96
N LEU B 356 -16.81 21.49 -0.48
CA LEU B 356 -16.10 20.54 -1.34
C LEU B 356 -16.16 19.15 -0.72
N GLY B 357 -16.34 18.13 -1.55
CA GLY B 357 -16.51 16.78 -1.04
C GLY B 357 -16.82 15.72 -2.06
N MET B 358 -17.75 14.81 -1.75
CA MET B 358 -18.04 13.75 -2.70
C MET B 358 -18.69 14.31 -3.96
N ASP B 359 -19.39 15.44 -3.86
CA ASP B 359 -19.77 16.23 -5.03
C ASP B 359 -18.93 17.52 -5.01
N VAL B 360 -18.50 18.00 -6.19
CA VAL B 360 -17.65 19.22 -6.28
CA VAL B 360 -17.63 19.17 -6.24
C VAL B 360 -18.31 20.34 -5.53
N HIS B 361 -19.61 20.58 -5.82
CA HIS B 361 -20.45 21.49 -5.07
C HIS B 361 -21.14 20.66 -4.02
N ASP B 362 -20.51 20.57 -2.86
CA ASP B 362 -20.88 19.54 -1.93
C ASP B 362 -22.13 19.94 -1.15
N VAL B 363 -22.69 18.96 -0.46
CA VAL B 363 -23.89 19.12 0.34
C VAL B 363 -23.53 19.85 1.62
N GLY B 364 -24.54 20.28 2.35
CA GLY B 364 -24.30 20.99 3.59
C GLY B 364 -24.97 22.34 3.57
N GLU B 365 -25.53 22.75 4.71
CA GLU B 365 -26.32 23.96 4.80
C GLU B 365 -25.44 25.18 5.01
N TYR B 366 -25.48 26.11 4.07
CA TYR B 366 -24.71 27.34 4.16
C TYR B 366 -25.26 28.33 5.19
N ARG B 367 -26.51 28.18 5.63
CA ARG B 367 -27.12 29.09 6.59
C ARG B 367 -27.86 28.26 7.64
N VAL B 368 -27.64 28.56 8.91
CA VAL B 368 -28.42 27.97 10.00
C VAL B 368 -28.94 29.12 10.85
N GLY B 369 -30.20 28.99 11.28
CA GLY B 369 -30.84 30.06 12.02
C GLY B 369 -30.87 31.38 11.28
N GLY B 370 -31.04 31.35 9.97
CA GLY B 370 -31.05 32.55 9.15
C GLY B 370 -29.73 33.28 9.03
N GLU B 371 -28.67 32.78 9.65
CA GLU B 371 -27.37 33.41 9.57
C GLU B 371 -26.39 32.49 8.85
N TRP B 372 -25.31 33.08 8.36
CA TRP B 372 -24.28 32.32 7.68
C TRP B 372 -23.65 31.31 8.65
N ARG B 373 -23.41 30.11 8.17
CA ARG B 373 -22.92 29.05 9.04
C ARG B 373 -21.57 29.37 9.64
N VAL B 374 -21.40 29.02 10.90
CA VAL B 374 -20.12 29.17 11.56
C VAL B 374 -19.21 28.01 11.17
N LEU B 375 -17.98 28.33 10.78
CA LEU B 375 -17.05 27.30 10.36
C LEU B 375 -16.51 26.51 11.54
N GLU B 376 -16.31 25.21 11.32
CA GLU B 376 -15.75 24.30 12.30
C GLU B 376 -14.69 23.45 11.63
N PRO B 377 -13.78 22.86 12.41
CA PRO B 377 -12.77 21.97 11.82
C PRO B 377 -13.42 20.80 11.10
N GLY B 378 -12.84 20.42 9.99
CA GLY B 378 -13.33 19.32 9.19
C GLY B 378 -14.15 19.75 7.98
N MET B 379 -14.63 20.99 7.96
CA MET B 379 -15.36 21.50 6.80
C MET B 379 -14.39 21.82 5.69
N ALA B 380 -14.75 21.45 4.47
CA ALA B 380 -13.92 21.65 3.31
C ALA B 380 -14.63 22.51 2.27
N MET B 381 -13.86 23.37 1.59
CA MET B 381 -14.43 24.34 0.67
C MET B 381 -13.36 24.82 -0.31
N THR B 382 -13.81 25.54 -1.33
CA THR B 382 -12.89 26.13 -2.29
C THR B 382 -12.75 27.64 -2.06
N VAL B 383 -11.68 28.19 -2.60
CA VAL B 383 -11.43 29.62 -2.65
C VAL B 383 -11.13 29.94 -4.11
N GLU B 384 -12.01 30.69 -4.75
CA GLU B 384 -11.84 30.91 -6.18
C GLU B 384 -12.28 32.29 -6.63
N PRO B 385 -11.64 33.36 -6.18
CA PRO B 385 -11.94 34.67 -6.74
C PRO B 385 -11.51 34.75 -8.20
N GLY B 386 -12.11 35.72 -8.91
CA GLY B 386 -11.78 35.92 -10.30
C GLY B 386 -12.19 37.28 -10.82
N ILE B 387 -11.64 37.63 -11.98
CA ILE B 387 -11.94 38.88 -12.66
C ILE B 387 -12.08 38.58 -14.14
N TYR B 388 -13.15 39.06 -14.76
CA TYR B 388 -13.42 38.75 -16.15
C TYR B 388 -13.82 40.02 -16.87
N ILE B 389 -12.97 40.48 -17.80
CA ILE B 389 -13.25 41.67 -18.60
C ILE B 389 -13.81 41.19 -19.92
N ALA B 390 -15.12 41.33 -20.10
CA ALA B 390 -15.73 40.83 -21.31
C ALA B 390 -15.07 41.47 -22.54
N PRO B 391 -14.99 40.73 -23.65
CA PRO B 391 -14.41 41.30 -24.87
C PRO B 391 -15.15 42.52 -25.37
N ASP B 392 -16.44 42.66 -25.09
CA ASP B 392 -17.25 43.77 -25.56
C ASP B 392 -17.51 44.80 -24.48
N ASN B 393 -16.68 44.84 -23.44
CA ASN B 393 -16.87 45.81 -22.37
C ASN B 393 -16.29 47.13 -22.82
N THR B 394 -17.14 48.03 -23.31
CA THR B 394 -16.73 49.34 -23.82
C THR B 394 -16.44 50.34 -22.71
N THR B 395 -16.68 50.00 -21.45
CA THR B 395 -16.40 50.95 -20.38
C THR B 395 -14.94 50.98 -19.97
N VAL B 396 -14.09 50.11 -20.53
CA VAL B 396 -12.68 50.07 -20.19
C VAL B 396 -11.86 50.10 -21.46
N ALA B 397 -10.61 50.50 -21.29
CA ALA B 397 -9.68 50.59 -22.41
C ALA B 397 -9.59 49.25 -23.13
N LYS B 398 -9.31 49.32 -24.43
CA LYS B 398 -9.34 48.12 -25.26
C LYS B 398 -8.31 47.10 -24.80
N LYS B 399 -7.22 47.56 -24.18
CA LYS B 399 -6.15 46.65 -23.77
C LYS B 399 -6.61 45.68 -22.69
N TRP B 400 -7.65 46.03 -21.93
CA TRP B 400 -8.13 45.14 -20.88
C TRP B 400 -9.16 44.13 -21.37
N ARG B 401 -9.76 44.36 -22.52
CA ARG B 401 -10.92 43.57 -22.90
C ARG B 401 -10.52 42.16 -23.28
N GLY B 402 -11.35 41.20 -22.90
CA GLY B 402 -11.08 39.82 -23.21
C GLY B 402 -10.16 39.10 -22.25
N ILE B 403 -9.85 39.71 -21.11
CA ILE B 403 -8.97 39.10 -20.11
C ILE B 403 -9.82 38.45 -19.03
N GLY B 404 -9.58 37.17 -18.76
CA GLY B 404 -10.27 36.48 -17.69
C GLY B 404 -9.32 35.70 -16.81
N VAL B 405 -9.42 35.88 -15.49
CA VAL B 405 -8.50 35.25 -14.55
C VAL B 405 -9.30 34.66 -13.39
N ARG B 406 -9.02 33.40 -13.05
CA ARG B 406 -9.51 32.81 -11.81
C ARG B 406 -8.37 32.00 -11.19
N ILE B 407 -8.25 32.05 -9.88
CA ILE B 407 -7.22 31.31 -9.13
C ILE B 407 -7.90 30.58 -7.96
N GLU B 408 -7.98 29.27 -8.04
CA GLU B 408 -8.81 28.48 -7.14
C GLU B 408 -7.98 27.46 -6.36
N ASP B 409 -8.17 27.42 -5.05
CA ASP B 409 -7.58 26.40 -4.19
C ASP B 409 -8.65 25.66 -3.39
N ASP B 410 -8.29 24.50 -2.88
CA ASP B 410 -9.12 23.68 -2.00
C ASP B 410 -8.53 23.71 -0.61
N VAL B 411 -9.39 23.88 0.41
CA VAL B 411 -8.94 24.03 1.78
C VAL B 411 -9.82 23.21 2.71
N VAL B 412 -9.28 22.90 3.89
CA VAL B 412 -10.01 22.22 4.96
C VAL B 412 -9.81 23.00 6.24
N VAL B 413 -10.90 23.31 6.93
CA VAL B 413 -10.80 24.02 8.20
C VAL B 413 -10.11 23.13 9.23
N THR B 414 -9.19 23.73 9.98
CA THR B 414 -8.46 23.03 11.01
C THR B 414 -8.63 23.79 12.32
N ARG B 415 -8.20 23.13 13.40
CA ARG B 415 -8.24 23.78 14.71
C ARG B 415 -7.44 25.07 14.72
N ASN B 416 -6.49 25.23 13.82
CA ASN B 416 -5.61 26.39 13.82
C ASN B 416 -5.86 27.31 12.63
N GLY B 417 -6.99 27.19 11.96
CA GLY B 417 -7.23 28.01 10.79
C GLY B 417 -7.70 27.17 9.63
N CYS B 418 -6.85 27.02 8.62
CA CYS B 418 -7.18 26.10 7.56
C CYS B 418 -5.90 25.52 6.99
N GLU B 419 -6.08 24.44 6.22
CA GLU B 419 -5.04 23.75 5.51
C GLU B 419 -5.39 23.79 4.03
N VAL B 420 -4.50 24.31 3.22
CA VAL B 420 -4.74 24.32 1.78
CA VAL B 420 -4.67 24.36 1.76
C VAL B 420 -4.12 23.07 1.18
N LEU B 421 -4.90 22.41 0.34
CA LEU B 421 -4.50 21.12 -0.22
C LEU B 421 -3.85 21.24 -1.59
N THR B 422 -3.83 22.43 -2.18
CA THR B 422 -3.53 22.55 -3.59
C THR B 422 -2.31 23.40 -3.87
N ASN B 423 -1.40 23.52 -2.89
CA ASN B 423 -0.17 24.27 -3.10
C ASN B 423 0.80 23.57 -4.04
N GLY B 424 0.53 22.31 -4.37
CA GLY B 424 1.37 21.56 -5.28
C GLY B 424 1.49 22.15 -6.67
N VAL B 425 0.63 23.08 -7.04
CA VAL B 425 0.75 23.72 -8.34
C VAL B 425 0.88 25.22 -8.10
N PRO B 426 1.93 25.86 -8.63
CA PRO B 426 2.25 27.22 -8.18
C PRO B 426 1.24 28.22 -8.71
N LYS B 427 1.25 29.41 -8.09
CA LYS B 427 0.35 30.49 -8.50
C LYS B 427 0.97 31.89 -8.51
N THR B 428 2.21 32.10 -8.07
CA THR B 428 2.80 33.41 -8.29
C THR B 428 3.27 33.54 -9.72
N VAL B 429 3.42 34.79 -10.16
CA VAL B 429 3.81 35.04 -11.55
C VAL B 429 5.20 34.47 -11.80
N ALA B 430 6.12 34.71 -10.88
CA ALA B 430 7.50 34.25 -11.05
C ALA B 430 7.55 32.73 -11.22
N GLU B 431 6.91 32.01 -10.31
CA GLU B 431 6.97 30.55 -10.37
C GLU B 431 6.35 30.03 -11.66
N ILE B 432 5.21 30.57 -12.06
CA ILE B 432 4.58 30.11 -13.28
C ILE B 432 5.52 30.31 -14.47
N GLU B 433 6.01 31.54 -14.65
CA GLU B 433 6.91 31.78 -15.77
C GLU B 433 8.18 30.93 -15.67
N ALA B 434 8.70 30.73 -14.46
CA ALA B 434 9.88 29.89 -14.30
C ALA B 434 9.58 28.44 -14.70
N LEU B 435 8.43 27.94 -14.26
CA LEU B 435 8.01 26.58 -14.59
C LEU B 435 7.90 26.39 -16.10
N MET B 436 7.23 27.32 -16.77
CA MET B 436 7.02 27.20 -18.20
C MET B 436 8.33 27.31 -18.96
N ALA B 437 9.20 28.24 -18.56
CA ALA B 437 10.47 28.41 -19.25
C ALA B 437 11.33 27.16 -19.12
N ALA B 438 11.35 26.57 -17.93
CA ALA B 438 12.14 25.37 -17.74
C ALA B 438 11.70 24.24 -18.65
N ALA B 439 10.39 24.06 -18.79
CA ALA B 439 9.89 22.95 -19.61
C ALA B 439 10.21 23.18 -21.08
N LYS B 440 9.99 24.39 -21.58
CA LYS B 440 10.35 24.73 -22.94
C LYS B 440 11.81 24.42 -23.20
N SER B 441 12.67 24.81 -22.28
CA SER B 441 14.11 24.60 -22.44
C SER B 441 14.43 23.11 -22.46
N GLU B 442 13.92 22.36 -21.48
CA GLU B 442 14.18 20.92 -21.43
C GLU B 442 13.64 20.23 -22.68
N ALA B 443 12.48 20.67 -23.19
CA ALA B 443 11.94 20.04 -24.37
C ALA B 443 12.80 20.32 -25.60
N ALA B 444 13.34 21.54 -25.71
CA ALA B 444 14.27 21.83 -26.79
C ALA B 444 15.49 20.94 -26.75
N LEU B 445 15.93 20.53 -25.57
CA LEU B 445 17.08 19.66 -25.44
C LEU B 445 16.75 18.19 -25.59
N GLU B 446 15.47 17.84 -25.76
CA GLU B 446 15.00 16.45 -25.82
C GLU B 446 15.35 15.67 -24.55
N HIS B 447 15.34 16.33 -23.41
CA HIS B 447 15.33 15.63 -22.14
C HIS B 447 13.91 15.14 -21.89
N HIS B 448 13.80 14.06 -21.14
CA HIS B 448 12.53 13.35 -20.92
C HIS B 448 11.93 13.76 -19.56
N HIS B 449 10.84 14.53 -19.63
CA HIS B 449 9.92 14.78 -18.50
C HIS B 449 8.80 15.73 -18.97
N MET C 1 23.97 -7.62 0.57
CA MET C 1 24.43 -7.65 -0.82
C MET C 1 23.65 -8.50 -1.89
N ILE C 2 24.06 -9.75 -2.04
CA ILE C 2 23.40 -10.61 -2.96
C ILE C 2 22.17 -11.11 -2.20
N ARG C 3 21.23 -11.58 -2.95
CA ARG C 3 19.97 -12.01 -2.39
C ARG C 3 19.31 -12.99 -3.34
N ILE C 4 18.35 -13.74 -2.82
CA ILE C 4 17.53 -14.59 -3.69
C ILE C 4 16.65 -13.70 -4.56
N PRO C 5 16.57 -13.93 -5.86
CA PRO C 5 15.72 -13.09 -6.70
C PRO C 5 14.25 -13.47 -6.61
N LYS C 6 13.40 -12.49 -6.93
CA LYS C 6 11.97 -12.67 -6.83
C LYS C 6 11.50 -13.90 -7.58
N SER C 7 12.05 -14.16 -8.77
CA SER C 7 11.61 -15.28 -9.58
C SER C 7 11.88 -16.62 -8.91
N GLU C 8 12.95 -16.73 -8.12
CA GLU C 8 13.23 -18.01 -7.48
C GLU C 8 12.17 -18.37 -6.46
N TYR C 9 11.69 -17.40 -5.68
CA TYR C 9 10.62 -17.71 -4.74
C TYR C 9 9.41 -18.27 -5.47
N ALA C 10 9.08 -17.72 -6.63
CA ALA C 10 7.98 -18.25 -7.42
C ALA C 10 8.29 -19.66 -7.88
N ARG C 11 9.52 -19.91 -8.30
CA ARG C 11 9.91 -21.24 -8.73
C ARG C 11 9.75 -22.25 -7.60
N ARG C 12 10.05 -21.83 -6.37
CA ARG C 12 9.89 -22.74 -5.23
C ARG C 12 8.43 -22.99 -4.93
N ARG C 13 7.61 -21.93 -5.01
CA ARG C 13 6.18 -22.11 -4.87
C ARG C 13 5.66 -23.14 -5.86
N LYS C 14 6.05 -22.98 -7.13
CA LYS C 14 5.60 -23.91 -8.17
C LYS C 14 6.08 -25.33 -7.88
N ALA C 15 7.29 -25.47 -7.37
CA ALA C 15 7.82 -26.80 -7.12
C ALA C 15 7.06 -27.49 -6.00
N LEU C 16 6.68 -26.75 -4.97
CA LEU C 16 5.97 -27.35 -3.85
C LEU C 16 4.57 -27.78 -4.28
N MET C 17 3.86 -26.92 -5.00
CA MET C 17 2.53 -27.27 -5.47
C MET C 17 2.56 -28.46 -6.41
N ALA C 18 3.64 -28.63 -7.15
CA ALA C 18 3.72 -29.76 -8.06
C ALA C 18 3.72 -31.09 -7.32
N GLN C 19 4.02 -31.08 -6.05
CA GLN C 19 4.06 -32.27 -5.25
C GLN C 19 2.89 -32.44 -4.31
N MET C 20 2.06 -31.44 -4.17
CA MET C 20 0.87 -31.56 -3.35
C MET C 20 -0.17 -32.38 -4.10
N GLU C 21 -0.92 -33.18 -3.38
CA GLU C 21 -2.03 -33.88 -3.99
C GLU C 21 -3.08 -32.87 -4.48
N PRO C 22 -3.81 -33.20 -5.54
CA PRO C 22 -4.79 -32.26 -6.08
C PRO C 22 -5.85 -31.86 -5.07
N ASN C 23 -6.44 -30.70 -5.29
CA ASN C 23 -7.51 -30.16 -4.45
C ASN C 23 -7.09 -30.08 -2.99
N SER C 24 -5.88 -29.59 -2.76
CA SER C 24 -5.36 -29.43 -1.41
C SER C 24 -4.93 -27.99 -1.20
N ILE C 25 -4.51 -27.67 0.02
CA ILE C 25 -4.08 -26.31 0.34
C ILE C 25 -2.93 -26.40 1.35
N ALA C 26 -1.95 -25.50 1.20
CA ALA C 26 -0.84 -25.36 2.13
C ALA C 26 -0.84 -23.98 2.73
N ILE C 27 -0.55 -23.92 4.02
CA ILE C 27 -0.69 -22.70 4.81
C ILE C 27 0.56 -22.53 5.68
N LEU C 28 1.11 -21.30 5.69
CA LEU C 28 2.33 -21.00 6.44
CA LEU C 28 2.31 -21.01 6.46
C LEU C 28 2.21 -19.65 7.13
N PRO C 29 2.43 -19.57 8.43
CA PRO C 29 2.44 -18.29 9.11
C PRO C 29 3.85 -17.73 9.18
N ALA C 30 3.92 -16.41 9.30
CA ALA C 30 5.19 -15.77 9.59
C ALA C 30 5.60 -16.03 11.04
N ALA C 31 6.84 -15.66 11.36
CA ALA C 31 7.32 -15.82 12.72
C ALA C 31 6.69 -14.78 13.65
N PRO C 32 6.53 -15.09 14.92
CA PRO C 32 6.05 -14.10 15.88
C PRO C 32 7.13 -13.08 16.22
N MET C 33 6.70 -11.99 16.84
CA MET C 33 7.61 -11.03 17.43
C MET C 33 7.70 -11.28 18.93
N TYR C 34 8.89 -11.06 19.48
CA TYR C 34 9.14 -11.25 20.90
C TYR C 34 9.58 -9.94 21.53
N ILE C 35 9.13 -9.72 22.76
CA ILE C 35 9.62 -8.64 23.60
C ILE C 35 10.88 -9.09 24.33
N ARG C 36 11.93 -8.28 24.23
CA ARG C 36 13.18 -8.57 24.93
C ARG C 36 13.12 -8.13 26.39
N ASN C 37 12.73 -6.88 26.63
CA ASN C 37 12.58 -6.35 27.98
C ASN C 37 11.63 -5.16 27.93
N ARG C 38 10.64 -5.16 28.82
CA ARG C 38 9.62 -4.12 28.90
C ARG C 38 8.93 -3.91 27.55
N ASP C 39 9.27 -2.84 26.82
CA ASP C 39 8.69 -2.59 25.51
C ASP C 39 9.73 -2.63 24.39
N VAL C 40 10.92 -3.16 24.66
CA VAL C 40 11.96 -3.28 23.64
C VAL C 40 11.81 -4.63 22.97
N GLU C 41 11.70 -4.61 21.64
CA GLU C 41 11.54 -5.82 20.86
C GLU C 41 12.89 -6.47 20.60
N HIS C 42 12.88 -7.80 20.46
CA HIS C 42 13.99 -8.52 19.88
C HIS C 42 14.06 -8.24 18.38
N VAL C 43 15.26 -8.34 17.82
CA VAL C 43 15.42 -8.25 16.39
C VAL C 43 14.52 -9.29 15.73
N TYR C 44 13.87 -8.88 14.64
CA TYR C 44 12.91 -9.78 13.99
C TYR C 44 13.62 -10.69 13.01
N ARG C 45 13.26 -11.97 13.06
CA ARG C 45 13.78 -12.94 12.11
C ARG C 45 12.61 -13.71 11.53
N GLN C 46 12.44 -13.62 10.22
CA GLN C 46 11.39 -14.36 9.53
C GLN C 46 11.60 -15.85 9.70
N ASP C 47 10.49 -16.59 9.80
CA ASP C 47 10.53 -18.04 9.79
C ASP C 47 11.15 -18.54 8.49
N SER C 48 12.10 -19.48 8.60
CA SER C 48 12.85 -19.90 7.42
C SER C 48 11.94 -20.50 6.34
N ASP C 49 10.99 -21.35 6.74
CA ASP C 49 10.09 -21.96 5.75
C ASP C 49 9.23 -20.89 5.07
N PHE C 50 8.63 -20.01 5.84
CA PHE C 50 7.85 -18.92 5.27
C PHE C 50 8.71 -18.05 4.35
N GLN C 51 9.91 -17.69 4.80
CA GLN C 51 10.81 -16.91 3.96
C GLN C 51 11.16 -17.66 2.68
N TYR C 52 11.47 -18.96 2.79
CA TYR C 52 11.90 -19.74 1.64
C TYR C 52 10.89 -19.67 0.49
N LEU C 53 9.60 -19.62 0.81
CA LEU C 53 8.57 -19.61 -0.21
C LEU C 53 8.09 -18.22 -0.60
N THR C 54 8.35 -17.18 0.20
CA THR C 54 7.80 -15.86 -0.08
C THR C 54 8.81 -14.75 -0.19
N GLY C 55 9.94 -14.83 0.50
CA GLY C 55 10.80 -13.66 0.60
C GLY C 55 10.17 -12.49 1.30
N PHE C 56 9.09 -12.71 2.05
CA PHE C 56 8.31 -11.62 2.62
C PHE C 56 8.79 -11.34 4.04
N PRO C 57 9.31 -10.16 4.33
CA PRO C 57 10.01 -9.91 5.59
C PRO C 57 9.14 -9.48 6.76
N GLU C 58 7.84 -9.51 6.66
CA GLU C 58 7.06 -8.87 7.70
C GLU C 58 6.42 -9.89 8.65
N PRO C 59 6.23 -9.52 9.90
CA PRO C 59 5.42 -10.34 10.80
C PRO C 59 3.94 -10.14 10.50
N GLU C 60 3.11 -10.87 11.25
CA GLU C 60 1.66 -10.80 11.13
C GLU C 60 1.21 -11.06 9.69
N ALA C 61 1.64 -12.19 9.17
CA ALA C 61 1.28 -12.61 7.82
C ALA C 61 1.10 -14.11 7.79
N VAL C 62 0.27 -14.55 6.84
CA VAL C 62 0.01 -15.96 6.59
C VAL C 62 -0.10 -16.12 5.09
N MET C 63 0.54 -17.14 4.55
CA MET C 63 0.44 -17.46 3.13
C MET C 63 -0.38 -18.73 2.94
N ALA C 64 -0.99 -18.86 1.76
CA ALA C 64 -1.70 -20.06 1.39
C ALA C 64 -1.45 -20.37 -0.07
N LEU C 65 -1.21 -21.64 -0.37
CA LEU C 65 -1.03 -22.11 -1.73
C LEU C 65 -2.14 -23.10 -2.05
N ILE C 66 -2.90 -22.79 -3.10
CA ILE C 66 -4.10 -23.54 -3.46
C ILE C 66 -3.98 -23.99 -4.91
N PRO C 67 -3.35 -25.13 -5.17
CA PRO C 67 -3.13 -25.57 -6.54
C PRO C 67 -4.42 -25.64 -7.33
N GLY C 68 -4.33 -25.19 -8.58
CA GLY C 68 -5.45 -25.22 -9.49
C GLY C 68 -6.50 -24.17 -9.23
N ARG C 69 -6.33 -23.32 -8.22
CA ARG C 69 -7.33 -22.31 -7.93
C ARG C 69 -7.48 -21.37 -9.11
N ALA C 70 -8.72 -21.16 -9.55
CA ALA C 70 -8.94 -20.46 -10.81
C ALA C 70 -8.43 -19.03 -10.75
N HIS C 71 -8.68 -18.33 -9.65
CA HIS C 71 -8.30 -16.93 -9.55
C HIS C 71 -6.89 -16.70 -9.01
N GLY C 72 -6.06 -17.74 -8.98
CA GLY C 72 -4.67 -17.56 -8.53
C GLY C 72 -4.34 -18.50 -7.40
N GLU C 73 -3.18 -19.14 -7.50
CA GLU C 73 -2.79 -20.19 -6.58
C GLU C 73 -2.13 -19.68 -5.30
N TYR C 74 -1.64 -18.44 -5.29
CA TYR C 74 -0.83 -17.90 -4.21
C TYR C 74 -1.58 -16.72 -3.57
N VAL C 75 -2.02 -16.90 -2.33
CA VAL C 75 -2.74 -15.90 -1.56
C VAL C 75 -1.90 -15.51 -0.35
N LEU C 76 -1.85 -14.22 -0.04
CA LEU C 76 -1.10 -13.76 1.12
C LEU C 76 -1.97 -12.86 1.98
N PHE C 77 -2.04 -13.17 3.27
CA PHE C 77 -2.63 -12.27 4.25
C PHE C 77 -1.50 -11.52 4.94
N CYS C 78 -1.63 -10.20 5.03
CA CYS C 78 -0.56 -9.40 5.62
C CYS C 78 -1.14 -8.11 6.17
N ARG C 79 -0.28 -7.28 6.78
CA ARG C 79 -0.72 -6.05 7.42
CA ARG C 79 -0.76 -6.08 7.44
C ARG C 79 -1.25 -5.04 6.45
N GLU C 80 -2.24 -4.27 6.86
CA GLU C 80 -2.73 -3.16 6.06
C GLU C 80 -1.82 -1.95 6.24
N ARG C 81 -1.76 -1.11 5.22
CA ARG C 81 -1.10 0.17 5.35
C ARG C 81 -1.85 1.04 6.35
N ASP C 82 -1.09 1.79 7.13
CA ASP C 82 -1.60 2.55 8.26
C ASP C 82 -0.71 3.76 8.46
N PRO C 83 -1.17 4.96 8.09
CA PRO C 83 -0.28 6.13 8.14
C PRO C 83 0.24 6.43 9.54
N GLU C 84 -0.61 6.34 10.56
CA GLU C 84 -0.17 6.70 11.91
C GLU C 84 0.85 5.70 12.42
N ARG C 85 0.66 4.43 12.18
CA ARG C 85 1.63 3.45 12.66
C ARG C 85 2.91 3.50 11.90
N GLU C 86 2.82 3.59 10.58
CA GLU C 86 4.04 3.58 9.79
C GLU C 86 4.90 4.80 10.11
N LEU C 87 4.29 5.89 10.58
CA LEU C 87 5.10 7.03 10.98
C LEU C 87 6.11 6.64 12.05
N TRP C 88 5.70 5.77 12.96
CA TRP C 88 6.59 5.29 14.01
C TRP C 88 7.40 4.06 13.64
N ASP C 89 6.72 3.04 13.13
CA ASP C 89 7.28 1.72 12.83
C ASP C 89 7.88 1.44 11.46
N GLY C 90 7.77 2.36 10.54
CA GLY C 90 8.30 2.12 9.21
C GLY C 90 7.28 1.59 8.25
N LEU C 91 7.66 1.59 7.00
CA LEU C 91 6.81 1.24 5.92
C LEU C 91 6.31 -0.18 5.89
N ARG C 92 5.09 -0.31 5.41
CA ARG C 92 4.44 -1.60 5.20
C ARG C 92 4.16 -1.81 3.72
N ALA C 93 4.17 -3.08 3.33
CA ALA C 93 3.92 -3.40 1.92
C ALA C 93 2.45 -3.26 1.59
N GLY C 94 1.57 -3.67 2.49
CA GLY C 94 0.15 -3.65 2.22
C GLY C 94 -0.25 -4.66 1.15
N GLN C 95 -1.53 -4.66 0.85
CA GLN C 95 -2.04 -5.63 -0.12
C GLN C 95 -1.53 -5.34 -1.51
N ASP C 96 -1.37 -4.06 -1.87
CA ASP C 96 -0.83 -3.74 -3.19
C ASP C 96 0.62 -4.17 -3.31
N GLY C 97 1.41 -3.94 -2.26
CA GLY C 97 2.77 -4.43 -2.26
C GLY C 97 2.83 -5.94 -2.32
N ALA C 98 1.90 -6.62 -1.66
CA ALA C 98 1.93 -8.08 -1.68
C ALA C 98 1.75 -8.60 -3.08
N ILE C 99 0.85 -7.97 -3.84
CA ILE C 99 0.58 -8.41 -5.21
C ILE C 99 1.69 -7.98 -6.13
N GLY C 100 2.15 -6.75 -6.00
CA GLY C 100 3.11 -6.24 -6.95
C GLY C 100 4.53 -6.63 -6.66
N GLN C 101 5.02 -6.22 -5.49
CA GLN C 101 6.41 -6.45 -5.20
C GLN C 101 6.69 -7.92 -4.88
N TYR C 102 5.74 -8.63 -4.27
CA TYR C 102 6.01 -9.98 -3.82
C TYR C 102 5.28 -11.06 -4.63
N GLY C 103 4.48 -10.69 -5.61
CA GLY C 103 4.00 -11.68 -6.54
C GLY C 103 2.80 -12.49 -6.11
N ALA C 104 2.07 -12.02 -5.10
CA ALA C 104 0.84 -12.69 -4.72
C ALA C 104 -0.22 -12.50 -5.80
N ASP C 105 -1.02 -13.55 -6.01
CA ASP C 105 -2.18 -13.46 -6.90
C ASP C 105 -3.31 -12.69 -6.25
N ASP C 106 -3.60 -12.96 -4.99
CA ASP C 106 -4.56 -12.20 -4.20
C ASP C 106 -3.93 -11.88 -2.86
N ALA C 107 -4.38 -10.80 -2.23
CA ALA C 107 -3.89 -10.41 -0.92
C ALA C 107 -4.99 -9.76 -0.12
N PHE C 108 -5.08 -10.10 1.16
CA PHE C 108 -6.12 -9.65 2.05
C PHE C 108 -5.51 -9.16 3.35
N PRO C 109 -6.18 -8.26 4.05
CA PRO C 109 -5.68 -7.82 5.36
C PRO C 109 -5.63 -8.99 6.33
N ILE C 110 -4.56 -9.02 7.13
CA ILE C 110 -4.42 -10.06 8.12
C ILE C 110 -5.58 -10.05 9.10
N GLY C 111 -6.19 -8.88 9.31
CA GLY C 111 -7.31 -8.79 10.22
C GLY C 111 -8.59 -9.43 9.71
N ASP C 112 -8.64 -9.78 8.44
CA ASP C 112 -9.80 -10.43 7.86
C ASP C 112 -9.59 -11.91 7.62
N ILE C 113 -8.46 -12.46 8.08
CA ILE C 113 -8.15 -13.86 7.77
C ILE C 113 -9.21 -14.80 8.33
N ASP C 114 -9.80 -14.47 9.46
CA ASP C 114 -10.83 -15.31 10.06
C ASP C 114 -12.10 -15.41 9.19
N ASP C 115 -12.35 -14.42 8.36
CA ASP C 115 -13.49 -14.43 7.49
C ASP C 115 -13.25 -14.94 6.11
N ILE C 116 -12.00 -15.09 5.74
CA ILE C 116 -11.67 -15.52 4.44
C ILE C 116 -11.03 -16.89 4.35
N LEU C 117 -10.08 -17.18 5.21
CA LEU C 117 -9.35 -18.43 5.12
C LEU C 117 -10.20 -19.68 5.24
N PRO C 118 -11.12 -19.73 6.16
CA PRO C 118 -11.97 -20.93 6.22
C PRO C 118 -12.65 -21.24 4.92
N GLY C 119 -13.12 -20.22 4.20
CA GLY C 119 -13.78 -20.47 2.93
C GLY C 119 -12.84 -21.05 1.88
N LEU C 120 -11.56 -20.70 1.95
CA LEU C 120 -10.58 -21.25 1.02
C LEU C 120 -10.20 -22.67 1.39
N ILE C 121 -10.22 -22.99 2.68
CA ILE C 121 -9.96 -24.36 3.12
C ILE C 121 -11.12 -25.28 2.75
N GLU C 122 -12.35 -24.78 2.82
CA GLU C 122 -13.54 -25.59 2.61
C GLU C 122 -13.54 -26.21 1.22
N GLY C 123 -13.84 -27.50 1.16
CA GLY C 123 -13.87 -28.21 -0.10
C GLY C 123 -12.53 -28.78 -0.52
N ARG C 124 -11.48 -28.54 0.23
CA ARG C 124 -10.19 -29.12 -0.10
C ARG C 124 -10.08 -30.48 0.55
N ASP C 125 -9.40 -31.40 -0.14
CA ASP C 125 -9.27 -32.73 0.39
C ASP C 125 -8.23 -32.77 1.50
N ARG C 126 -7.17 -31.98 1.39
CA ARG C 126 -5.99 -32.16 2.19
C ARG C 126 -5.37 -30.81 2.53
N VAL C 127 -4.92 -30.65 3.77
CA VAL C 127 -4.26 -29.43 4.21
C VAL C 127 -2.83 -29.75 4.60
N TYR C 128 -1.88 -29.12 3.92
CA TYR C 128 -0.48 -29.27 4.27
C TYR C 128 -0.08 -28.13 5.19
N TYR C 129 0.45 -28.46 6.37
CA TYR C 129 0.97 -27.45 7.25
C TYR C 129 1.94 -28.11 8.22
N ALA C 130 2.65 -27.27 8.97
CA ALA C 130 3.71 -27.73 9.86
C ALA C 130 3.14 -27.98 11.25
N LEU C 131 2.53 -29.14 11.44
CA LEU C 131 1.97 -29.53 12.74
C LEU C 131 2.97 -29.36 13.87
N GLY C 132 2.61 -28.58 14.87
CA GLY C 132 3.43 -28.39 16.04
C GLY C 132 4.46 -27.29 15.95
N ALA C 133 4.75 -26.78 14.76
CA ALA C 133 5.77 -25.74 14.65
C ALA C 133 5.34 -24.47 15.39
N ASN C 134 4.08 -24.09 15.25
CA ASN C 134 3.52 -22.88 15.88
C ASN C 134 2.21 -23.32 16.52
N PRO C 135 2.24 -23.69 17.80
CA PRO C 135 1.01 -24.17 18.45
C PRO C 135 -0.11 -23.15 18.44
N ASP C 136 0.22 -21.85 18.53
CA ASP C 136 -0.81 -20.84 18.43
C ASP C 136 -1.47 -20.86 17.06
N PHE C 137 -0.69 -21.11 16.01
CA PHE C 137 -1.27 -21.25 14.69
C PHE C 137 -2.06 -22.56 14.57
N ASP C 138 -1.57 -23.62 15.19
CA ASP C 138 -2.27 -24.90 15.16
C ASP C 138 -3.68 -24.77 15.74
N ARG C 139 -3.79 -24.00 16.81
CA ARG C 139 -5.03 -23.70 17.48
C ARG C 139 -5.90 -22.88 16.57
N ARG C 140 -5.31 -21.80 16.06
CA ARG C 140 -5.93 -20.94 15.06
C ARG C 140 -6.51 -21.76 13.91
N LEU C 141 -5.73 -22.72 13.41
CA LEU C 141 -6.21 -23.55 12.32
C LEU C 141 -7.43 -24.36 12.75
N MET C 142 -7.40 -24.93 13.95
CA MET C 142 -8.53 -25.70 14.42
C MET C 142 -9.79 -24.85 14.51
N ASP C 143 -9.66 -23.59 14.90
CA ASP C 143 -10.80 -22.70 14.88
C ASP C 143 -11.35 -22.54 13.47
N TRP C 144 -10.47 -22.30 12.50
CA TRP C 144 -10.93 -22.17 11.12
C TRP C 144 -11.66 -23.41 10.68
N ILE C 145 -11.15 -24.59 11.04
CA ILE C 145 -11.82 -25.82 10.64
C ILE C 145 -13.19 -25.92 11.30
N ASN C 146 -13.29 -25.50 12.56
CA ASN C 146 -14.58 -25.52 13.25
C ASN C 146 -15.61 -24.66 12.54
N VAL C 147 -15.18 -23.56 11.94
CA VAL C 147 -16.11 -22.73 11.19
C VAL C 147 -16.70 -23.51 10.02
N ILE C 148 -15.88 -24.34 9.37
CA ILE C 148 -16.38 -25.11 8.24
C ILE C 148 -17.39 -26.13 8.69
N ARG C 149 -17.08 -26.90 9.74
CA ARG C 149 -17.97 -27.99 10.13
C ARG C 149 -19.27 -27.44 10.72
N SER C 150 -19.25 -26.23 11.29
CA SER C 150 -20.49 -25.61 11.72
C SER C 150 -21.48 -25.44 10.57
N LYS C 151 -21.00 -25.39 9.33
CA LYS C 151 -21.87 -25.27 8.19
C LYS C 151 -22.03 -26.61 7.45
N ALA C 152 -21.94 -27.72 8.18
CA ALA C 152 -21.88 -29.01 7.51
C ALA C 152 -23.18 -29.35 6.80
N ARG C 153 -24.31 -28.93 7.38
CA ARG C 153 -25.60 -29.29 6.80
C ARG C 153 -25.76 -28.70 5.41
N GLN C 154 -25.20 -27.51 5.18
CA GLN C 154 -25.34 -26.80 3.93
C GLN C 154 -24.59 -27.46 2.79
N GLY C 155 -23.82 -28.49 3.07
CA GLY C 155 -22.87 -29.02 2.10
C GLY C 155 -21.46 -28.47 2.20
N ALA C 156 -21.16 -27.70 3.24
CA ALA C 156 -19.78 -27.28 3.48
C ALA C 156 -19.02 -28.47 4.06
N GLN C 157 -17.91 -28.81 3.43
CA GLN C 157 -17.14 -30.00 3.80
C GLN C 157 -15.74 -29.62 4.26
N PRO C 158 -15.38 -29.92 5.50
CA PRO C 158 -14.01 -29.73 5.94
C PRO C 158 -13.10 -30.75 5.28
N PRO C 159 -11.80 -30.50 5.21
CA PRO C 159 -10.88 -31.49 4.67
C PRO C 159 -10.76 -32.66 5.62
N ASN C 160 -10.44 -33.84 5.09
CA ASN C 160 -10.30 -35.01 5.93
C ASN C 160 -8.86 -35.40 6.18
N GLU C 161 -7.90 -34.69 5.64
CA GLU C 161 -6.50 -35.09 5.75
C GLU C 161 -5.65 -33.89 6.09
N PHE C 162 -4.75 -34.06 7.05
CA PHE C 162 -3.74 -33.08 7.39
C PHE C 162 -2.38 -33.72 7.18
N VAL C 163 -1.52 -33.05 6.43
CA VAL C 163 -0.20 -33.60 6.09
C VAL C 163 0.90 -32.68 6.61
N ALA C 164 1.89 -33.28 7.27
CA ALA C 164 3.04 -32.56 7.76
C ALA C 164 3.80 -31.93 6.60
N LEU C 165 3.80 -30.62 6.53
CA LEU C 165 4.46 -29.95 5.42
C LEU C 165 5.97 -30.05 5.50
N ASP C 166 6.52 -30.29 6.69
CA ASP C 166 7.96 -30.34 6.83
C ASP C 166 8.55 -31.43 5.95
N HIS C 167 7.82 -32.54 5.77
CA HIS C 167 8.38 -33.63 4.99
C HIS C 167 8.71 -33.17 3.58
N LEU C 168 7.75 -32.56 2.91
CA LEU C 168 7.98 -32.11 1.55
C LEU C 168 8.92 -30.90 1.51
N LEU C 169 8.62 -29.89 2.32
CA LEU C 169 9.28 -28.60 2.15
C LEU C 169 10.73 -28.67 2.60
N HIS C 170 11.02 -29.38 3.68
CA HIS C 170 12.39 -29.42 4.13
C HIS C 170 13.25 -30.25 3.20
N ASP C 171 12.68 -31.24 2.52
CA ASP C 171 13.47 -31.93 1.52
C ASP C 171 13.80 -31.03 0.34
N GLN C 172 12.89 -30.11 0.00
CA GLN C 172 13.19 -29.08 -0.97
C GLN C 172 14.40 -28.25 -0.55
N ARG C 173 14.39 -27.75 0.67
CA ARG C 173 15.47 -26.90 1.14
C ARG C 173 16.81 -27.62 1.20
N LEU C 174 16.79 -28.94 1.28
CA LEU C 174 18.02 -29.71 1.38
C LEU C 174 18.88 -29.60 0.13
N TYR C 175 18.29 -29.29 -1.01
CA TYR C 175 19.03 -29.19 -2.26
C TYR C 175 19.14 -27.71 -2.63
N LYS C 176 20.36 -27.18 -2.53
CA LYS C 176 20.57 -25.76 -2.71
C LYS C 176 20.66 -25.44 -4.19
N SER C 177 19.93 -24.41 -4.61
CA SER C 177 20.00 -23.93 -5.98
C SER C 177 21.28 -23.15 -6.21
N ALA C 178 21.52 -22.81 -7.48
CA ALA C 178 22.70 -22.03 -7.80
C ALA C 178 22.67 -20.67 -7.12
N ASN C 179 21.50 -20.05 -7.07
CA ASN C 179 21.38 -18.76 -6.38
C ASN C 179 21.59 -18.91 -4.89
N GLU C 180 21.19 -20.04 -4.32
CA GLU C 180 21.40 -20.26 -2.90
C GLU C 180 22.87 -20.43 -2.59
N VAL C 181 23.57 -21.18 -3.43
CA VAL C 181 25.00 -21.35 -3.24
C VAL C 181 25.71 -20.01 -3.34
N LYS C 182 25.26 -19.15 -4.26
CA LYS C 182 25.88 -17.83 -4.38
C LYS C 182 25.73 -17.03 -3.10
N VAL C 183 24.52 -16.96 -2.55
CA VAL C 183 24.34 -16.27 -1.27
C VAL C 183 25.22 -16.89 -0.19
N MET C 184 25.23 -18.22 -0.11
CA MET C 184 25.99 -18.86 0.95
C MET C 184 27.49 -18.65 0.75
N ARG C 185 27.94 -18.58 -0.50
CA ARG C 185 29.34 -18.21 -0.75
C ARG C 185 29.64 -16.84 -0.19
N TYR C 186 28.77 -15.87 -0.44
CA TYR C 186 29.03 -14.51 0.01
C TYR C 186 29.08 -14.46 1.53
N ALA C 187 28.09 -15.07 2.19
CA ALA C 187 28.10 -15.08 3.65
C ALA C 187 29.37 -15.72 4.19
N ALA C 188 29.82 -16.82 3.57
CA ALA C 188 31.08 -17.42 3.98
C ALA C 188 32.24 -16.44 3.83
N GLU C 189 32.25 -15.66 2.75
CA GLU C 189 33.33 -14.71 2.51
C GLU C 189 33.36 -13.62 3.56
N VAL C 190 32.19 -13.07 3.90
CA VAL C 190 32.11 -12.08 4.96
C VAL C 190 32.62 -12.67 6.26
N SER C 191 32.19 -13.88 6.59
CA SER C 191 32.61 -14.50 7.85
C SER C 191 34.10 -14.80 7.86
N ALA C 192 34.66 -15.19 6.73
CA ALA C 192 36.12 -15.37 6.65
C ALA C 192 36.86 -14.09 7.02
N ARG C 193 36.46 -12.97 6.42
CA ARG C 193 37.10 -11.71 6.74
C ARG C 193 36.96 -11.38 8.22
N ALA C 194 35.81 -11.67 8.81
CA ALA C 194 35.61 -11.41 10.22
C ALA C 194 36.57 -12.24 11.06
N HIS C 195 36.73 -13.51 10.73
CA HIS C 195 37.64 -14.36 11.47
C HIS C 195 39.08 -13.85 11.36
N ILE C 196 39.49 -13.45 10.16
CA ILE C 196 40.82 -12.88 9.98
C ILE C 196 41.03 -11.69 10.92
N ARG C 197 40.08 -10.76 10.93
CA ARG C 197 40.23 -9.58 11.78
C ARG C 197 40.41 -9.96 13.23
N ALA C 198 39.62 -10.89 13.73
CA ALA C 198 39.78 -11.35 15.11
C ALA C 198 41.19 -11.85 15.36
N MET C 199 41.75 -12.61 14.41
CA MET C 199 43.12 -13.08 14.55
C MET C 199 44.11 -11.92 14.58
N GLU C 200 43.90 -10.93 13.71
CA GLU C 200 44.85 -9.83 13.57
C GLU C 200 44.85 -8.88 14.78
N VAL C 201 43.73 -8.81 15.51
CA VAL C 201 43.62 -7.87 16.61
CA VAL C 201 43.65 -7.83 16.61
C VAL C 201 43.95 -8.51 17.94
N CYS C 202 43.85 -9.84 18.01
CA CYS C 202 43.99 -10.53 19.29
C CYS C 202 45.35 -10.28 19.94
N ARG C 203 45.36 -10.05 21.24
CA ARG C 203 46.60 -9.99 22.00
C ARG C 203 46.25 -10.18 23.47
N PRO C 204 47.16 -10.73 24.27
CA PRO C 204 46.87 -10.87 25.69
C PRO C 204 46.53 -9.51 26.29
N GLY C 205 45.61 -9.50 27.23
CA GLY C 205 45.14 -8.30 27.86
C GLY C 205 43.79 -7.81 27.37
N LEU C 206 43.43 -8.14 26.12
CA LEU C 206 42.08 -7.89 25.67
C LEU C 206 41.13 -8.90 26.31
N PHE C 207 39.84 -8.67 26.13
CA PHE C 207 38.83 -9.60 26.59
C PHE C 207 38.23 -10.31 25.38
N GLU C 208 37.61 -11.46 25.66
CA GLU C 208 36.88 -12.18 24.63
C GLU C 208 35.93 -11.26 23.86
N TYR C 209 35.25 -10.34 24.57
CA TYR C 209 34.29 -9.49 23.87
C TYR C 209 34.97 -8.54 22.89
N HIS C 210 36.21 -8.14 23.14
CA HIS C 210 36.92 -7.36 22.13
C HIS C 210 36.95 -8.10 20.80
N LEU C 211 37.16 -9.41 20.83
CA LEU C 211 37.17 -10.16 19.59
C LEU C 211 35.76 -10.33 19.02
N GLU C 212 34.77 -10.53 19.89
CA GLU C 212 33.40 -10.58 19.39
C GLU C 212 33.04 -9.26 18.69
N ALA C 213 33.56 -8.15 19.19
CA ALA C 213 33.35 -6.85 18.56
C ALA C 213 33.82 -6.85 17.12
N GLU C 214 35.03 -7.36 16.86
CA GLU C 214 35.53 -7.40 15.50
C GLU C 214 34.64 -8.25 14.63
N LEU C 215 34.15 -9.37 15.16
CA LEU C 215 33.27 -10.22 14.36
C LEU C 215 32.01 -9.46 13.95
N GLU C 216 31.29 -8.90 14.93
CA GLU C 216 30.03 -8.22 14.61
C GLU C 216 30.27 -7.06 13.65
N TYR C 217 31.36 -6.31 13.87
CA TYR C 217 31.72 -5.21 12.99
C TYR C 217 31.79 -5.66 11.54
N GLU C 218 32.55 -6.73 11.28
CA GLU C 218 32.72 -7.17 9.90
C GLU C 218 31.45 -7.79 9.33
N PHE C 219 30.75 -8.61 10.12
CA PHE C 219 29.44 -9.12 9.73
C PHE C 219 28.55 -7.98 9.23
N ARG C 220 28.43 -6.92 10.04
CA ARG C 220 27.44 -5.89 9.72
C ARG C 220 27.88 -5.02 8.55
N LYS C 221 29.18 -4.76 8.41
CA LYS C 221 29.64 -4.02 7.23
C LYS C 221 29.35 -4.77 5.95
N GLY C 222 29.35 -6.10 6.01
CA GLY C 222 28.97 -6.84 4.84
C GLY C 222 27.48 -6.95 4.60
N GLY C 223 26.65 -6.35 5.44
CA GLY C 223 25.22 -6.36 5.22
C GLY C 223 24.41 -7.28 6.11
N ALA C 224 25.05 -8.03 7.00
CA ALA C 224 24.33 -8.98 7.83
C ALA C 224 23.43 -8.26 8.82
N LYS C 225 22.15 -8.65 8.87
CA LYS C 225 21.24 -8.08 9.87
C LYS C 225 21.44 -8.71 11.25
N MET C 226 22.11 -9.84 11.31
CA MET C 226 22.31 -10.58 12.56
C MET C 226 23.26 -11.72 12.25
N PRO C 227 23.94 -12.26 13.25
CA PRO C 227 24.76 -13.44 13.01
C PRO C 227 23.86 -14.65 12.78
N ALA C 228 24.44 -15.68 12.19
CA ALA C 228 23.71 -16.92 12.03
C ALA C 228 23.43 -17.61 13.38
N TYR C 229 24.15 -17.24 14.42
CA TYR C 229 24.03 -17.80 15.77
C TYR C 229 24.90 -16.98 16.69
N GLY C 230 24.63 -17.07 17.99
CA GLY C 230 25.43 -16.35 18.96
C GLY C 230 26.90 -16.73 18.87
N SER C 231 27.76 -15.75 18.64
CA SER C 231 29.18 -16.03 18.47
C SER C 231 29.80 -16.62 19.73
N ILE C 232 30.66 -17.61 19.54
CA ILE C 232 31.44 -18.21 20.61
C ILE C 232 32.87 -17.70 20.50
N VAL C 233 33.35 -17.05 21.55
CA VAL C 233 34.73 -16.57 21.64
C VAL C 233 35.31 -17.07 22.95
N ALA C 234 36.01 -18.19 22.90
CA ALA C 234 36.37 -18.96 24.09
C ALA C 234 37.89 -18.99 24.27
N ALA C 235 38.39 -18.32 25.31
CA ALA C 235 39.82 -18.29 25.59
C ALA C 235 40.20 -19.32 26.65
N GLY C 236 41.30 -20.01 26.41
CA GLY C 236 41.86 -20.90 27.42
C GLY C 236 40.93 -22.06 27.70
N ARG C 237 40.65 -22.30 28.98
CA ARG C 237 39.82 -23.45 29.29
C ARG C 237 38.38 -23.27 28.82
N ASN C 238 37.95 -22.05 28.50
CA ASN C 238 36.62 -21.87 27.96
C ASN C 238 36.45 -22.57 26.61
N ALA C 239 37.54 -22.82 25.89
CA ALA C 239 37.45 -23.53 24.62
C ALA C 239 37.02 -24.97 24.79
N CYS C 240 37.04 -25.50 26.00
CA CYS C 240 36.53 -26.83 26.27
C CYS C 240 35.02 -26.85 26.51
N ILE C 241 34.36 -25.71 26.50
CA ILE C 241 32.91 -25.66 26.63
C ILE C 241 32.34 -25.47 25.23
N LEU C 242 31.58 -26.42 24.73
CA LEU C 242 31.12 -26.36 23.35
C LEU C 242 30.26 -25.18 22.97
N HIS C 243 29.35 -24.82 23.84
CA HIS C 243 28.48 -23.70 23.55
C HIS C 243 28.77 -22.54 24.51
N TYR C 244 30.03 -22.23 24.71
CA TYR C 244 30.43 -21.13 25.56
C TYR C 244 29.97 -19.82 24.99
N ARG C 245 29.25 -19.06 25.79
CA ARG C 245 28.75 -17.78 25.34
C ARG C 245 29.02 -16.61 26.28
N GLU C 246 29.62 -16.83 27.45
CA GLU C 246 29.88 -15.71 28.36
C GLU C 246 30.66 -14.60 27.66
N ASN C 247 31.67 -14.98 26.88
CA ASN C 247 32.50 -14.05 26.11
C ASN C 247 32.93 -12.85 26.95
N ASP C 248 33.36 -13.10 28.18
CA ASP C 248 33.71 -12.00 29.08
C ASP C 248 35.02 -12.20 29.83
N ALA C 249 35.83 -13.18 29.43
CA ALA C 249 37.07 -13.48 30.12
C ALA C 249 38.24 -12.70 29.54
N ALA C 250 39.19 -12.36 30.40
CA ALA C 250 40.42 -11.72 29.98
C ALA C 250 41.33 -12.72 29.28
N ILE C 251 41.90 -12.32 28.15
CA ILE C 251 42.80 -13.16 27.37
CA ILE C 251 42.80 -13.18 27.39
C ILE C 251 44.18 -13.18 28.04
N LYS C 252 44.71 -14.37 28.30
CA LYS C 252 46.01 -14.51 28.94
C LYS C 252 47.05 -15.04 27.95
N ASP C 253 48.30 -14.61 28.16
CA ASP C 253 49.42 -15.15 27.41
C ASP C 253 49.44 -16.66 27.57
N GLY C 254 49.63 -17.36 26.47
CA GLY C 254 49.59 -18.80 26.46
C GLY C 254 48.23 -19.40 26.16
N ASP C 255 47.17 -18.60 26.19
CA ASP C 255 45.84 -19.10 25.88
C ASP C 255 45.71 -19.43 24.40
N LEU C 256 44.99 -20.52 24.11
CA LEU C 256 44.34 -20.64 22.81
C LEU C 256 43.06 -19.83 22.81
N ILE C 257 42.63 -19.41 21.63
CA ILE C 257 41.32 -18.80 21.43
C ILE C 257 40.58 -19.63 20.39
N LEU C 258 39.41 -20.10 20.74
CA LEU C 258 38.56 -20.79 19.79
C LEU C 258 37.39 -19.87 19.47
N ILE C 259 37.16 -19.62 18.19
CA ILE C 259 36.09 -18.74 17.75
C ILE C 259 35.18 -19.51 16.82
N ASP C 260 33.92 -19.66 17.21
CA ASP C 260 32.89 -20.26 16.38
C ASP C 260 31.90 -19.16 16.05
N ALA C 261 31.90 -18.69 14.82
CA ALA C 261 31.07 -17.56 14.49
C ALA C 261 30.84 -17.51 12.99
N GLY C 262 29.66 -17.03 12.60
CA GLY C 262 29.34 -16.79 11.21
C GLY C 262 28.17 -15.84 11.03
N CYS C 263 28.17 -15.09 9.94
CA CYS C 263 27.04 -14.21 9.67
C CYS C 263 25.96 -14.96 8.91
N GLU C 264 24.81 -14.32 8.75
CA GLU C 264 23.82 -14.80 7.80
C GLU C 264 23.45 -13.67 6.86
N ILE C 265 23.20 -14.02 5.60
CA ILE C 265 22.85 -13.05 4.57
C ILE C 265 21.55 -13.48 3.92
N ASP C 266 20.55 -12.60 3.90
CA ASP C 266 19.23 -12.88 3.34
C ASP C 266 18.69 -14.22 3.89
N CYS C 267 18.86 -14.40 5.20
CA CYS C 267 18.42 -15.58 5.94
C CYS C 267 19.19 -16.85 5.56
N TYR C 268 20.39 -16.74 5.01
CA TYR C 268 21.23 -17.91 4.74
C TYR C 268 22.48 -17.87 5.62
N ALA C 269 22.81 -19.01 6.23
CA ALA C 269 23.86 -19.03 7.24
C ALA C 269 25.25 -19.33 6.65
N SER C 270 26.27 -18.91 7.40
CA SER C 270 27.64 -19.42 7.33
C SER C 270 28.04 -19.83 8.74
N ASP C 271 29.11 -20.64 8.85
CA ASP C 271 29.43 -21.31 10.13
C ASP C 271 30.91 -21.68 10.10
N ILE C 272 31.75 -20.88 10.74
CA ILE C 272 33.19 -21.06 10.72
C ILE C 272 33.73 -21.16 12.14
N THR C 273 34.59 -22.14 12.39
CA THR C 273 35.37 -22.17 13.62
C THR C 273 36.87 -22.16 13.30
N ARG C 274 37.60 -21.29 13.99
CA ARG C 274 39.06 -21.29 13.94
C ARG C 274 39.58 -21.18 15.36
N THR C 275 40.71 -21.85 15.60
CA THR C 275 41.42 -21.82 16.86
C THR C 275 42.83 -21.29 16.60
N PHE C 276 43.36 -20.48 17.51
CA PHE C 276 44.64 -19.84 17.27
C PHE C 276 45.24 -19.37 18.59
N PRO C 277 46.57 -19.21 18.66
CA PRO C 277 47.20 -18.81 19.92
C PRO C 277 47.05 -17.32 20.19
N ALA C 278 46.73 -16.99 21.44
CA ALA C 278 46.54 -15.59 21.80
C ALA C 278 47.80 -14.77 21.52
N ASN C 279 48.97 -15.35 21.76
CA ASN C 279 50.23 -14.65 21.62
C ASN C 279 50.89 -14.87 20.27
N GLY C 280 50.17 -15.43 19.31
CA GLY C 280 50.68 -15.59 17.97
C GLY C 280 51.51 -16.84 17.71
N ARG C 281 51.78 -17.65 18.72
CA ARG C 281 52.66 -18.79 18.55
C ARG C 281 52.07 -20.01 19.23
N PHE C 282 51.72 -21.03 18.45
CA PHE C 282 51.29 -22.31 19.00
C PHE C 282 52.40 -22.90 19.86
N SER C 283 52.07 -23.29 21.08
CA SER C 283 53.01 -24.06 21.88
C SER C 283 53.18 -25.45 21.27
N PRO C 284 54.23 -26.19 21.64
CA PRO C 284 54.37 -27.54 21.09
C PRO C 284 53.16 -28.42 21.35
N GLU C 285 52.61 -28.36 22.55
CA GLU C 285 51.43 -29.16 22.87
C GLU C 285 50.20 -28.67 22.11
N GLN C 286 49.99 -27.36 22.07
CA GLN C 286 48.88 -26.81 21.31
C GLN C 286 48.99 -27.20 19.85
N LYS C 287 50.19 -27.11 19.29
CA LYS C 287 50.38 -27.43 17.88
C LYS C 287 50.07 -28.90 17.59
N ALA C 288 50.48 -29.79 18.48
CA ALA C 288 50.24 -31.21 18.28
C ALA C 288 48.75 -31.52 18.21
N ILE C 289 47.97 -31.00 19.16
CA ILE C 289 46.54 -31.24 19.13
C ILE C 289 45.92 -30.57 17.90
N TYR C 290 46.31 -29.31 17.63
CA TYR C 290 45.76 -28.58 16.50
C TYR C 290 46.00 -29.30 15.17
N GLU C 291 47.23 -29.75 14.91
CA GLU C 291 47.46 -30.37 13.61
C GLU C 291 46.71 -31.69 13.49
N LEU C 292 46.48 -32.37 14.60
CA LEU C 292 45.65 -33.57 14.55
C LEU C 292 44.21 -33.22 14.17
N VAL C 293 43.63 -32.22 14.83
CA VAL C 293 42.30 -31.78 14.41
C VAL C 293 42.30 -31.41 12.93
N LEU C 294 43.34 -30.71 12.48
CA LEU C 294 43.42 -30.30 11.08
C LEU C 294 43.49 -31.50 10.16
N GLU C 295 44.27 -32.52 10.53
CA GLU C 295 44.27 -33.76 9.77
C GLU C 295 42.87 -34.33 9.62
N ALA C 296 42.10 -34.36 10.71
CA ALA C 296 40.73 -34.85 10.63
C ALA C 296 39.91 -34.00 9.68
N ASN C 297 40.00 -32.67 9.85
CA ASN C 297 39.29 -31.74 8.96
C ASN C 297 39.58 -32.06 7.50
N MET C 298 40.86 -32.20 7.15
CA MET C 298 41.20 -32.44 5.76
C MET C 298 40.74 -33.81 5.29
N ALA C 299 40.82 -34.81 6.17
CA ALA C 299 40.41 -36.15 5.76
C ALA C 299 38.92 -36.20 5.44
N ALA C 300 38.11 -35.41 6.14
CA ALA C 300 36.66 -35.54 6.01
C ALA C 300 36.21 -35.19 4.61
N PHE C 301 36.85 -34.20 3.98
CA PHE C 301 36.44 -33.79 2.65
C PHE C 301 36.52 -34.93 1.65
N ASP C 302 37.41 -35.89 1.88
CA ASP C 302 37.53 -36.98 0.92
C ASP C 302 36.34 -37.92 0.95
N TYR C 303 35.48 -37.81 1.96
CA TYR C 303 34.31 -38.66 2.05
C TYR C 303 33.03 -37.87 1.79
N ILE C 304 33.15 -36.71 1.17
CA ILE C 304 32.02 -35.89 0.80
C ILE C 304 31.99 -35.82 -0.72
N ALA C 305 31.14 -36.63 -1.32
CA ALA C 305 30.94 -36.66 -2.76
C ALA C 305 29.64 -37.43 -3.04
N PRO C 306 29.05 -37.25 -4.22
CA PRO C 306 27.85 -38.01 -4.56
C PRO C 306 28.13 -39.50 -4.48
N GLY C 307 27.24 -40.22 -3.80
CA GLY C 307 27.36 -41.64 -3.62
C GLY C 307 27.78 -42.00 -2.22
N ARG C 308 28.57 -41.14 -1.59
CA ARG C 308 28.91 -41.38 -0.20
C ARG C 308 27.68 -41.16 0.65
N HIS C 309 27.68 -41.72 1.85
CA HIS C 309 26.55 -41.46 2.74
CA HIS C 309 26.56 -41.43 2.72
C HIS C 309 26.99 -40.45 3.81
N TRP C 310 25.99 -39.84 4.43
CA TRP C 310 26.19 -38.71 5.33
C TRP C 310 27.25 -38.96 6.40
N ASN C 311 27.23 -40.11 7.04
CA ASN C 311 28.07 -40.33 8.22
C ASN C 311 29.50 -40.71 7.87
N GLU C 312 29.84 -40.86 6.59
CA GLU C 312 31.19 -41.30 6.25
C GLU C 312 32.23 -40.29 6.70
N ALA C 313 32.01 -39.01 6.42
CA ALA C 313 32.94 -37.99 6.89
C ALA C 313 33.14 -38.06 8.39
N HIS C 314 32.06 -38.26 9.15
CA HIS C 314 32.20 -38.32 10.59
C HIS C 314 33.07 -39.49 11.00
N GLU C 315 32.79 -40.67 10.43
CA GLU C 315 33.57 -41.86 10.77
C GLU C 315 35.05 -41.63 10.50
N ALA C 316 35.38 -41.03 9.37
CA ALA C 316 36.76 -40.71 9.07
C ALA C 316 37.38 -39.85 10.16
N THR C 317 36.70 -38.77 10.57
CA THR C 317 37.29 -37.94 11.61
C THR C 317 37.50 -38.72 12.89
N VAL C 318 36.64 -39.71 13.14
CA VAL C 318 36.79 -40.51 14.35
C VAL C 318 38.03 -41.38 14.25
N ARG C 319 38.26 -42.00 13.10
CA ARG C 319 39.43 -42.85 12.94
CA ARG C 319 39.44 -42.85 12.93
C ARG C 319 40.71 -42.04 13.11
N VAL C 320 40.77 -40.87 12.46
CA VAL C 320 41.95 -40.03 12.52
C VAL C 320 42.22 -39.59 13.96
N ILE C 321 41.19 -39.13 14.65
CA ILE C 321 41.41 -38.53 15.97
C ILE C 321 41.80 -39.62 16.99
N THR C 322 41.15 -40.78 16.95
CA THR C 322 41.53 -41.85 17.87
C THR C 322 42.95 -42.30 17.62
N ALA C 323 43.30 -42.51 16.35
CA ALA C 323 44.65 -42.94 16.01
C ALA C 323 45.69 -41.94 16.50
N GLY C 324 45.45 -40.66 16.26
CA GLY C 324 46.37 -39.64 16.73
C GLY C 324 46.46 -39.59 18.24
N LEU C 325 45.34 -39.74 18.94
CA LEU C 325 45.39 -39.70 20.39
C LEU C 325 46.22 -40.85 20.95
N VAL C 326 46.16 -42.00 20.30
CA VAL C 326 47.03 -43.12 20.70
C VAL C 326 48.48 -42.75 20.43
N ARG C 327 48.74 -42.27 19.22
CA ARG C 327 50.09 -41.91 18.81
C ARG C 327 50.70 -40.89 19.76
N LEU C 328 49.91 -39.95 20.26
CA LEU C 328 50.41 -38.95 21.19
C LEU C 328 50.37 -39.41 22.64
N GLY C 329 49.76 -40.54 22.93
CA GLY C 329 49.75 -41.07 24.29
C GLY C 329 48.59 -40.65 25.15
N LEU C 330 47.58 -40.00 24.58
CA LEU C 330 46.44 -39.60 25.40
C LEU C 330 45.44 -40.74 25.56
N LEU C 331 45.41 -41.66 24.61
CA LEU C 331 44.70 -42.92 24.72
C LEU C 331 45.70 -44.05 24.57
N GLU C 332 45.29 -45.24 24.98
CA GLU C 332 46.18 -46.38 24.98
C GLU C 332 45.40 -47.63 24.60
N GLY C 333 45.91 -48.37 23.62
CA GLY C 333 45.31 -49.63 23.25
C GLY C 333 45.18 -49.75 21.74
N ASP C 334 44.38 -50.72 21.33
CA ASP C 334 44.09 -50.93 19.91
C ASP C 334 43.08 -49.90 19.43
N VAL C 335 43.37 -49.27 18.28
CA VAL C 335 42.53 -48.20 17.77
C VAL C 335 41.11 -48.69 17.53
N ASP C 336 40.96 -49.84 16.86
CA ASP C 336 39.63 -50.32 16.53
C ASP C 336 38.83 -50.64 17.79
N GLU C 337 39.49 -51.16 18.81
CA GLU C 337 38.82 -51.42 20.08
C GLU C 337 38.36 -50.12 20.71
N LEU C 338 39.26 -49.14 20.78
CA LEU C 338 38.89 -47.85 21.36
C LEU C 338 37.68 -47.25 20.65
N ILE C 339 37.62 -47.40 19.33
CA ILE C 339 36.48 -46.85 18.60
C ILE C 339 35.20 -47.57 18.97
N ALA C 340 35.26 -48.90 19.07
CA ALA C 340 34.08 -49.67 19.44
C ALA C 340 33.55 -49.27 20.81
N HIS C 341 34.44 -48.93 21.74
CA HIS C 341 34.01 -48.52 23.07
C HIS C 341 33.84 -47.01 23.19
N GLU C 342 33.97 -46.27 22.10
CA GLU C 342 33.84 -44.81 22.12
C GLU C 342 34.75 -44.18 23.17
N ALA C 343 35.93 -44.75 23.37
CA ALA C 343 36.86 -44.14 24.30
C ALA C 343 37.27 -42.73 23.88
N TYR C 344 37.14 -42.41 22.59
CA TYR C 344 37.51 -41.08 22.10
C TYR C 344 36.55 -40.00 22.56
N LYS C 345 35.35 -40.38 22.98
CA LYS C 345 34.37 -39.37 23.35
C LYS C 345 34.77 -38.61 24.59
N ALA C 346 35.76 -39.09 25.34
CA ALA C 346 36.32 -38.26 26.39
C ALA C 346 36.98 -37.00 25.83
N PHE C 347 37.35 -37.00 24.55
CA PHE C 347 38.00 -35.85 23.94
C PHE C 347 37.27 -35.27 22.75
N TYR C 348 36.41 -36.05 22.09
CA TYR C 348 35.70 -35.65 20.86
C TYR C 348 34.28 -36.20 20.97
N MET C 349 33.38 -35.39 21.51
CA MET C 349 32.09 -35.87 21.96
C MET C 349 30.91 -35.36 21.13
N HIS C 350 31.17 -34.72 19.99
CA HIS C 350 30.11 -34.27 19.11
C HIS C 350 30.34 -34.79 17.70
N ARG C 351 29.36 -34.57 16.83
CA ARG C 351 29.42 -35.08 15.47
C ARG C 351 30.27 -34.15 14.61
N ALA C 352 30.70 -34.66 13.47
CA ALA C 352 31.63 -33.93 12.64
C ALA C 352 30.99 -32.86 11.77
N GLY C 353 29.66 -32.69 11.83
CA GLY C 353 29.00 -31.72 10.96
C GLY C 353 27.50 -31.85 11.01
N HIS C 354 26.86 -30.95 10.28
CA HIS C 354 25.42 -30.88 10.15
C HIS C 354 25.10 -30.20 8.84
N TRP C 355 23.87 -30.42 8.36
CA TRP C 355 23.39 -29.68 7.18
C TRP C 355 23.50 -28.19 7.43
N LEU C 356 23.67 -27.43 6.35
CA LEU C 356 23.84 -25.99 6.45
C LEU C 356 22.93 -25.31 5.42
N GLY C 357 22.27 -24.25 5.84
CA GLY C 357 21.40 -23.51 4.94
C GLY C 357 20.72 -22.34 5.62
N MET C 358 19.39 -22.24 5.50
CA MET C 358 18.69 -21.07 6.03
C MET C 358 18.71 -21.06 7.55
N ASP C 359 18.74 -22.24 8.18
CA ASP C 359 19.06 -22.38 9.59
C ASP C 359 20.45 -23.01 9.70
N VAL C 360 21.24 -22.60 10.70
CA VAL C 360 22.62 -23.09 10.79
CA VAL C 360 22.62 -23.09 10.78
C VAL C 360 22.64 -24.60 10.89
N HIS C 361 21.80 -25.16 11.76
CA HIS C 361 21.58 -26.60 11.80
C HIS C 361 20.39 -26.83 10.91
N ASP C 362 20.66 -27.02 9.63
CA ASP C 362 19.60 -26.87 8.67
C ASP C 362 18.68 -28.09 8.68
N VAL C 363 17.54 -27.95 8.00
CA VAL C 363 16.51 -28.98 7.90
C VAL C 363 16.96 -30.06 6.94
N GLY C 364 16.24 -31.18 6.91
CA GLY C 364 16.61 -32.25 6.01
C GLY C 364 16.86 -33.55 6.75
N GLU C 365 16.44 -34.65 6.14
CA GLU C 365 16.49 -35.94 6.81
C GLU C 365 17.87 -36.54 6.70
N TYR C 366 18.50 -36.80 7.83
CA TYR C 366 19.81 -37.42 7.83
C TYR C 366 19.73 -38.90 7.50
N ARG C 367 18.62 -39.56 7.81
CA ARG C 367 18.44 -40.97 7.51
C ARG C 367 17.25 -41.17 6.57
N VAL C 368 17.44 -42.00 5.57
CA VAL C 368 16.40 -42.35 4.61
C VAL C 368 16.31 -43.87 4.58
N GLY C 369 15.10 -44.40 4.74
CA GLY C 369 14.92 -45.84 4.72
C GLY C 369 15.78 -46.57 5.72
N GLY C 370 15.87 -46.01 6.91
CA GLY C 370 16.61 -46.60 8.01
C GLY C 370 18.11 -46.59 7.86
N GLU C 371 18.62 -45.85 6.90
CA GLU C 371 20.05 -45.79 6.68
C GLU C 371 20.52 -44.35 6.39
N TRP C 372 21.80 -44.06 6.57
CA TRP C 372 22.32 -42.71 6.34
C TRP C 372 22.05 -42.27 4.93
N ARG C 373 21.58 -41.04 4.75
CA ARG C 373 21.22 -40.55 3.43
C ARG C 373 22.43 -40.52 2.51
N VAL C 374 22.20 -40.82 1.25
CA VAL C 374 23.22 -40.73 0.22
C VAL C 374 23.34 -39.28 -0.23
N LEU C 375 24.57 -38.78 -0.30
CA LEU C 375 24.80 -37.40 -0.68
C LEU C 375 24.59 -37.20 -2.18
N GLU C 376 24.03 -36.06 -2.53
CA GLU C 376 23.78 -35.68 -3.90
C GLU C 376 24.23 -34.24 -4.09
N PRO C 377 24.57 -33.85 -5.32
CA PRO C 377 25.00 -32.48 -5.56
C PRO C 377 23.97 -31.48 -5.08
N GLY C 378 24.45 -30.38 -4.51
CA GLY C 378 23.59 -29.34 -4.01
C GLY C 378 23.38 -29.37 -2.52
N MET C 379 23.59 -30.51 -1.87
CA MET C 379 23.53 -30.56 -0.42
C MET C 379 24.69 -29.76 0.18
N ALA C 380 24.44 -29.12 1.31
CA ALA C 380 25.43 -28.29 1.97
C ALA C 380 25.54 -28.72 3.43
N MET C 381 26.76 -28.68 3.97
CA MET C 381 26.98 -29.12 5.33
C MET C 381 28.29 -28.54 5.86
N THR C 382 28.56 -28.82 7.13
CA THR C 382 29.79 -28.38 7.78
C THR C 382 30.70 -29.56 8.05
N VAL C 383 31.98 -29.26 8.28
CA VAL C 383 32.99 -30.22 8.71
C VAL C 383 33.66 -29.58 9.90
N GLU C 384 33.43 -30.11 11.08
CA GLU C 384 33.94 -29.50 12.29
C GLU C 384 34.41 -30.43 13.40
N PRO C 385 35.48 -31.23 13.05
CA PRO C 385 36.01 -32.08 14.12
C PRO C 385 36.72 -31.24 15.18
N GLY C 386 36.93 -31.79 16.35
CA GLY C 386 37.61 -31.08 17.42
C GLY C 386 38.13 -32.03 18.48
N ILE C 387 38.97 -31.49 19.36
CA ILE C 387 39.53 -32.21 20.50
C ILE C 387 39.54 -31.26 21.69
N TYR C 388 39.06 -31.74 22.83
CA TYR C 388 38.91 -30.90 24.01
C TYR C 388 39.36 -31.70 25.22
N ILE C 389 40.43 -31.24 25.85
CA ILE C 389 41.01 -31.93 27.00
C ILE C 389 40.68 -31.11 28.23
N ALA C 390 39.84 -31.64 29.09
CA ALA C 390 39.37 -30.86 30.22
C ALA C 390 40.54 -30.55 31.14
N PRO C 391 40.54 -29.36 31.77
CA PRO C 391 41.64 -29.02 32.69
C PRO C 391 41.81 -30.01 33.82
N ASP C 392 40.77 -30.75 34.14
CA ASP C 392 40.74 -31.67 35.27
C ASP C 392 40.96 -33.11 34.85
N ASN C 393 41.32 -33.36 33.60
CA ASN C 393 41.43 -34.73 33.10
C ASN C 393 42.78 -35.28 33.52
N THR C 394 42.79 -36.02 34.61
CA THR C 394 44.01 -36.59 35.16
C THR C 394 44.47 -37.85 34.45
N THR C 395 43.73 -38.31 33.45
CA THR C 395 44.17 -39.50 32.74
C THR C 395 45.21 -39.21 31.67
N VAL C 396 45.57 -37.93 31.48
CA VAL C 396 46.62 -37.57 30.54
C VAL C 396 47.61 -36.68 31.26
N ALA C 397 48.79 -36.54 30.65
CA ALA C 397 49.83 -35.71 31.24
C ALA C 397 49.36 -34.26 31.36
N LYS C 398 49.88 -33.58 32.39
CA LYS C 398 49.39 -32.24 32.71
C LYS C 398 49.59 -31.28 31.56
N LYS C 399 50.56 -31.52 30.69
CA LYS C 399 50.84 -30.57 29.63
C LYS C 399 49.72 -30.48 28.61
N TRP C 400 48.82 -31.45 28.59
CA TRP C 400 47.72 -31.43 27.62
C TRP C 400 46.45 -30.81 28.18
N ARG C 401 46.32 -30.69 29.50
CA ARG C 401 45.04 -30.35 30.10
C ARG C 401 44.65 -28.91 29.83
N GLY C 402 43.41 -28.70 29.43
CA GLY C 402 42.93 -27.36 29.17
C GLY C 402 43.03 -26.91 27.75
N ILE C 403 43.41 -27.78 26.83
CA ILE C 403 43.53 -27.47 25.42
C ILE C 403 42.24 -27.86 24.71
N GLY C 404 41.61 -26.89 24.05
CA GLY C 404 40.49 -27.18 23.19
C GLY C 404 40.67 -26.63 21.80
N VAL C 405 40.34 -27.43 20.80
CA VAL C 405 40.57 -27.07 19.39
C VAL C 405 39.41 -27.58 18.56
N ARG C 406 38.85 -26.71 17.72
CA ARG C 406 37.93 -27.12 16.67
C ARG C 406 38.25 -26.35 15.41
N ILE C 407 38.15 -27.00 14.25
CA ILE C 407 38.43 -26.38 12.95
C ILE C 407 37.27 -26.69 12.02
N GLU C 408 36.48 -25.67 11.69
CA GLU C 408 35.20 -25.86 11.00
C GLU C 408 35.16 -25.13 9.68
N ASP C 409 34.76 -25.85 8.61
CA ASP C 409 34.55 -25.28 7.29
C ASP C 409 33.12 -25.58 6.80
N ASP C 410 32.69 -24.83 5.79
CA ASP C 410 31.42 -25.03 5.12
C ASP C 410 31.65 -25.57 3.72
N VAL C 411 30.81 -26.51 3.31
CA VAL C 411 31.03 -27.35 2.15
C VAL C 411 29.73 -27.50 1.38
N VAL C 412 29.80 -27.49 0.06
CA VAL C 412 28.67 -27.86 -0.81
C VAL C 412 29.08 -29.02 -1.69
N VAL C 413 28.20 -30.02 -1.82
CA VAL C 413 28.49 -31.16 -2.66
C VAL C 413 28.39 -30.79 -4.13
N THR C 414 29.33 -31.29 -4.92
CA THR C 414 29.42 -31.02 -6.35
C THR C 414 29.27 -32.32 -7.14
N ARG C 415 29.25 -32.15 -8.46
CA ARG C 415 29.17 -33.28 -9.36
C ARG C 415 30.14 -34.39 -8.97
N ASN C 416 31.40 -34.03 -8.76
CA ASN C 416 32.46 -34.97 -8.49
C ASN C 416 33.07 -34.99 -7.13
N GLY C 417 32.59 -34.15 -6.21
CA GLY C 417 33.15 -34.09 -4.89
C GLY C 417 32.47 -33.01 -4.09
N CYS C 418 33.24 -32.05 -3.61
CA CYS C 418 32.67 -30.98 -2.83
C CYS C 418 33.45 -29.70 -3.07
N GLU C 419 32.80 -28.59 -2.75
CA GLU C 419 33.37 -27.25 -2.83
C GLU C 419 33.43 -26.69 -1.41
N VAL C 420 34.62 -26.30 -0.97
CA VAL C 420 34.79 -25.68 0.33
C VAL C 420 34.58 -24.18 0.17
N LEU C 421 33.65 -23.62 0.94
CA LEU C 421 33.32 -22.21 0.83
C LEU C 421 34.17 -21.31 1.70
N THR C 422 34.91 -21.87 2.63
CA THR C 422 35.49 -21.09 3.70
C THR C 422 37.01 -21.14 3.68
N ASN C 423 37.60 -21.33 2.51
CA ASN C 423 39.06 -21.31 2.43
C ASN C 423 39.63 -19.91 2.59
N GLY C 424 38.80 -18.87 2.65
CA GLY C 424 39.27 -17.51 2.73
C GLY C 424 39.89 -17.14 4.07
N VAL C 425 39.72 -17.95 5.09
CA VAL C 425 40.44 -17.74 6.33
C VAL C 425 41.32 -18.97 6.53
N PRO C 426 42.63 -18.81 6.75
CA PRO C 426 43.52 -19.96 6.69
C PRO C 426 43.39 -20.83 7.93
N LYS C 427 43.96 -22.03 7.82
CA LYS C 427 43.95 -22.96 8.94
C LYS C 427 45.26 -23.70 9.20
N THR C 428 46.30 -23.60 8.36
CA THR C 428 47.57 -24.22 8.72
C THR C 428 48.26 -23.41 9.82
N VAL C 429 49.06 -24.10 10.62
CA VAL C 429 49.82 -23.41 11.66
C VAL C 429 50.64 -22.27 11.06
N ALA C 430 51.29 -22.52 9.94
CA ALA C 430 52.20 -21.53 9.37
C ALA C 430 51.45 -20.31 8.91
N GLU C 431 50.37 -20.50 8.15
CA GLU C 431 49.61 -19.35 7.68
C GLU C 431 49.02 -18.54 8.83
N ILE C 432 48.56 -19.22 9.88
CA ILE C 432 47.94 -18.49 11.00
C ILE C 432 48.97 -17.64 11.71
N GLU C 433 50.10 -18.24 12.08
CA GLU C 433 51.15 -17.46 12.74
C GLU C 433 51.66 -16.34 11.84
N ALA C 434 51.72 -16.57 10.53
CA ALA C 434 52.19 -15.51 9.65
C ALA C 434 51.17 -14.37 9.60
N LEU C 435 49.89 -14.71 9.53
CA LEU C 435 48.83 -13.70 9.52
C LEU C 435 48.95 -12.81 10.75
N MET C 436 49.07 -13.42 11.93
CA MET C 436 49.12 -12.64 13.15
C MET C 436 50.39 -11.81 13.23
N ALA C 437 51.51 -12.36 12.75
CA ALA C 437 52.75 -11.59 12.76
C ALA C 437 52.63 -10.37 11.86
N ALA C 438 52.11 -10.55 10.65
CA ALA C 438 52.01 -9.44 9.71
C ALA C 438 51.12 -8.34 10.26
N ALA C 439 50.12 -8.65 11.04
CA ALA C 439 49.28 -7.63 11.62
C ALA C 439 49.87 -6.80 12.75
N LYS C 440 50.92 -7.28 13.38
CA LYS C 440 51.54 -6.60 14.51
C LYS C 440 51.84 -5.12 14.38
N SER C 441 52.41 -4.72 13.27
CA SER C 441 52.73 -3.35 13.11
C SER C 441 51.46 -2.51 13.10
N GLU C 442 50.47 -3.00 12.39
CA GLU C 442 49.19 -2.34 12.20
C GLU C 442 48.35 -2.36 13.45
N MET D 1 -11.16 20.74 -38.30
CA MET D 1 -10.24 19.82 -38.97
C MET D 1 -11.03 18.84 -39.83
N ILE D 2 -10.95 17.56 -39.51
CA ILE D 2 -11.68 16.53 -40.24
C ILE D 2 -13.11 16.51 -39.72
N ARG D 3 -14.06 16.77 -40.60
CA ARG D 3 -15.43 16.87 -40.17
C ARG D 3 -16.33 16.78 -41.39
N ILE D 4 -17.60 16.54 -41.15
CA ILE D 4 -18.59 16.50 -42.23
C ILE D 4 -18.92 17.92 -42.64
N PRO D 5 -18.87 18.27 -43.91
CA PRO D 5 -19.09 19.65 -44.32
C PRO D 5 -20.56 20.05 -44.26
N LYS D 6 -20.77 21.33 -43.97
CA LYS D 6 -22.11 21.88 -43.84
C LYS D 6 -23.03 21.43 -44.96
N SER D 7 -22.54 21.44 -46.20
CA SER D 7 -23.40 21.09 -47.33
C SER D 7 -23.80 19.62 -47.31
N GLU D 8 -23.00 18.75 -46.69
CA GLU D 8 -23.39 17.35 -46.72
C GLU D 8 -24.63 17.12 -45.86
N TYR D 9 -24.75 17.82 -44.74
CA TYR D 9 -25.96 17.70 -43.93
C TYR D 9 -27.18 18.09 -44.74
N ALA D 10 -27.09 19.17 -45.53
CA ALA D 10 -28.19 19.55 -46.41
C ALA D 10 -28.51 18.44 -47.38
N ARG D 11 -27.49 17.82 -47.97
CA ARG D 11 -27.70 16.73 -48.91
C ARG D 11 -28.48 15.58 -48.27
N ARG D 12 -28.19 15.29 -47.00
CA ARG D 12 -28.86 14.21 -46.30
C ARG D 12 -30.33 14.56 -46.04
N ARG D 13 -30.60 15.80 -45.64
CA ARG D 13 -31.97 16.27 -45.55
C ARG D 13 -32.71 16.05 -46.85
N LYS D 14 -32.07 16.39 -47.97
CA LYS D 14 -32.71 16.19 -49.26
C LYS D 14 -33.03 14.72 -49.51
N ALA D 15 -32.08 13.83 -49.18
CA ALA D 15 -32.28 12.42 -49.45
C ALA D 15 -33.41 11.84 -48.61
N LEU D 16 -33.55 12.28 -47.37
CA LEU D 16 -34.66 11.77 -46.55
C LEU D 16 -36.00 12.27 -47.07
N MET D 17 -36.09 13.56 -47.35
CA MET D 17 -37.32 14.12 -47.88
C MET D 17 -37.73 13.45 -49.19
N ALA D 18 -36.75 13.09 -50.02
CA ALA D 18 -37.11 12.47 -51.30
C ALA D 18 -37.77 11.10 -51.12
N GLN D 19 -37.68 10.49 -49.95
CA GLN D 19 -38.37 9.24 -49.69
C GLN D 19 -39.63 9.41 -48.86
N MET D 20 -39.95 10.63 -48.43
CA MET D 20 -41.19 10.87 -47.72
C MET D 20 -42.34 11.04 -48.69
N GLU D 21 -43.51 10.55 -48.29
CA GLU D 21 -44.71 10.78 -49.06
C GLU D 21 -45.04 12.26 -49.09
N PRO D 22 -45.75 12.71 -50.13
CA PRO D 22 -46.06 14.14 -50.22
C PRO D 22 -46.93 14.62 -49.10
N ASN D 23 -46.81 15.91 -48.80
CA ASN D 23 -47.56 16.56 -47.72
C ASN D 23 -47.36 15.84 -46.39
N SER D 24 -46.11 15.55 -46.07
CA SER D 24 -45.80 14.95 -44.78
C SER D 24 -44.80 15.82 -44.04
N ILE D 25 -44.49 15.42 -42.82
CA ILE D 25 -43.58 16.18 -41.98
C ILE D 25 -42.81 15.20 -41.12
N ALA D 26 -41.51 15.45 -40.97
CA ALA D 26 -40.65 14.63 -40.12
C ALA D 26 -40.13 15.47 -38.97
N ILE D 27 -40.07 14.88 -37.77
CA ILE D 27 -39.71 15.59 -36.56
C ILE D 27 -38.71 14.77 -35.75
N LEU D 28 -37.61 15.41 -35.34
CA LEU D 28 -36.56 14.77 -34.55
C LEU D 28 -36.09 15.67 -33.42
N PRO D 29 -36.08 15.21 -32.19
CA PRO D 29 -35.52 15.99 -31.09
C PRO D 29 -34.03 15.74 -30.92
N ALA D 30 -33.38 16.69 -30.26
CA ALA D 30 -32.01 16.47 -29.83
C ALA D 30 -31.97 15.53 -28.62
N ALA D 31 -30.77 15.05 -28.30
CA ALA D 31 -30.60 14.16 -27.17
C ALA D 31 -30.76 14.92 -25.85
N PRO D 32 -31.28 14.25 -24.82
CA PRO D 32 -31.39 14.89 -23.51
C PRO D 32 -30.03 15.09 -22.87
N MET D 33 -30.02 15.94 -21.85
CA MET D 33 -28.89 16.08 -20.94
C MET D 33 -29.12 15.21 -19.72
N TYR D 34 -28.02 14.70 -19.16
CA TYR D 34 -28.11 13.89 -17.95
C TYR D 34 -27.24 14.47 -16.85
N ILE D 35 -27.69 14.33 -15.62
CA ILE D 35 -26.93 14.70 -14.44
C ILE D 35 -26.14 13.50 -13.99
N ARG D 36 -24.83 13.67 -13.84
CA ARG D 36 -23.99 12.57 -13.38
C ARG D 36 -24.07 12.44 -11.86
N ASN D 37 -23.88 13.54 -11.14
CA ASN D 37 -23.99 13.53 -9.69
C ASN D 37 -24.26 14.96 -9.22
N ARG D 38 -25.25 15.12 -8.35
CA ARG D 38 -25.71 16.39 -7.82
C ARG D 38 -25.99 17.39 -8.93
N ASP D 39 -25.07 18.34 -9.20
CA ASP D 39 -25.24 19.28 -10.30
C ASP D 39 -24.18 19.14 -11.38
N VAL D 40 -23.36 18.10 -11.33
CA VAL D 40 -22.34 17.88 -12.35
C VAL D 40 -22.98 17.10 -13.49
N GLU D 41 -22.85 17.63 -14.71
CA GLU D 41 -23.46 17.02 -15.87
C GLU D 41 -22.54 15.97 -16.49
N HIS D 42 -23.16 14.96 -17.10
CA HIS D 42 -22.44 14.07 -18.00
C HIS D 42 -22.02 14.84 -19.25
N VAL D 43 -20.94 14.39 -19.87
CA VAL D 43 -20.55 14.92 -21.17
C VAL D 43 -21.71 14.77 -22.14
N TYR D 44 -21.98 15.81 -22.91
CA TYR D 44 -23.14 15.79 -23.79
C TYR D 44 -22.78 15.10 -25.10
N ARG D 45 -23.73 14.31 -25.61
CA ARG D 45 -23.57 13.60 -26.87
C ARG D 45 -24.86 13.79 -27.67
N GLN D 46 -24.76 14.45 -28.82
CA GLN D 46 -25.93 14.65 -29.64
C GLN D 46 -26.45 13.31 -30.15
N ASP D 47 -27.77 13.20 -30.28
CA ASP D 47 -28.39 12.02 -30.84
C ASP D 47 -27.88 11.78 -32.26
N SER D 48 -27.57 10.52 -32.57
CA SER D 48 -26.89 10.25 -33.84
C SER D 48 -27.77 10.61 -35.04
N ASP D 49 -29.06 10.27 -35.00
CA ASP D 49 -29.94 10.62 -36.11
C ASP D 49 -30.08 12.12 -36.25
N PHE D 50 -30.33 12.82 -35.14
CA PHE D 50 -30.45 14.28 -35.19
C PHE D 50 -29.15 14.90 -35.69
N GLN D 51 -28.02 14.42 -35.17
CA GLN D 51 -26.73 14.91 -35.64
C GLN D 51 -26.53 14.62 -37.12
N TYR D 52 -26.97 13.45 -37.58
CA TYR D 52 -26.76 13.08 -38.97
C TYR D 52 -27.44 14.06 -39.92
N LEU D 53 -28.56 14.64 -39.51
CA LEU D 53 -29.31 15.50 -40.40
C LEU D 53 -29.03 16.97 -40.23
N THR D 54 -28.45 17.40 -39.10
CA THR D 54 -28.27 18.81 -38.81
C THR D 54 -26.83 19.24 -38.55
N GLY D 55 -25.99 18.36 -38.00
CA GLY D 55 -24.73 18.80 -37.45
C GLY D 55 -24.87 19.80 -36.33
N PHE D 56 -26.00 19.85 -35.66
CA PHE D 56 -26.26 20.87 -34.67
C PHE D 56 -25.91 20.31 -33.29
N PRO D 57 -25.01 20.95 -32.54
CA PRO D 57 -24.46 20.31 -31.34
C PRO D 57 -25.19 20.64 -30.05
N GLU D 58 -26.25 21.32 -30.10
CA GLU D 58 -26.79 21.79 -28.84
C GLU D 58 -27.95 20.92 -28.37
N PRO D 59 -28.20 20.90 -27.08
CA PRO D 59 -29.41 20.26 -26.57
C PRO D 59 -30.59 21.24 -26.67
N GLU D 60 -31.75 20.77 -26.24
CA GLU D 60 -33.00 21.56 -26.24
C GLU D 60 -33.32 22.10 -27.63
N ALA D 61 -33.42 21.18 -28.58
CA ALA D 61 -33.69 21.53 -29.95
C ALA D 61 -34.58 20.48 -30.58
N VAL D 62 -35.34 20.90 -31.59
CA VAL D 62 -36.21 20.01 -32.36
C VAL D 62 -36.18 20.47 -33.81
N MET D 63 -36.05 19.53 -34.73
CA MET D 63 -36.01 19.84 -36.14
C MET D 63 -37.26 19.31 -36.83
N ALA D 64 -37.63 19.96 -37.92
CA ALA D 64 -38.77 19.54 -38.71
C ALA D 64 -38.43 19.65 -40.17
N LEU D 65 -38.74 18.63 -40.94
CA LEU D 65 -38.59 18.67 -42.39
C LEU D 65 -39.98 18.64 -43.00
N ILE D 66 -40.30 19.65 -43.82
CA ILE D 66 -41.63 19.80 -44.39
C ILE D 66 -41.51 19.92 -45.90
N PRO D 67 -41.50 18.80 -46.62
CA PRO D 67 -41.26 18.87 -48.06
C PRO D 67 -42.30 19.73 -48.77
N GLY D 68 -41.83 20.48 -49.75
CA GLY D 68 -42.67 21.38 -50.53
C GLY D 68 -43.11 22.64 -49.83
N ARG D 69 -42.78 22.81 -48.55
CA ARG D 69 -43.20 24.02 -47.84
C ARG D 69 -42.69 25.26 -48.55
N ALA D 70 -43.58 26.22 -48.78
CA ALA D 70 -43.24 27.36 -49.61
C ALA D 70 -42.10 28.17 -49.00
N HIS D 71 -42.17 28.45 -47.71
CA HIS D 71 -41.17 29.29 -47.08
C HIS D 71 -39.88 28.54 -46.73
N GLY D 72 -39.81 27.23 -46.95
CA GLY D 72 -38.61 26.53 -46.60
C GLY D 72 -38.90 25.21 -45.91
N GLU D 73 -38.19 24.16 -46.32
CA GLU D 73 -38.49 22.81 -45.88
C GLU D 73 -37.87 22.47 -44.53
N TYR D 74 -36.82 23.16 -44.10
CA TYR D 74 -36.09 22.78 -42.90
C TYR D 74 -36.29 23.85 -41.82
N VAL D 75 -36.93 23.48 -40.72
CA VAL D 75 -37.21 24.37 -39.61
C VAL D 75 -36.53 23.82 -38.36
N LEU D 76 -35.91 24.71 -37.59
CA LEU D 76 -35.20 24.33 -36.38
C LEU D 76 -35.69 25.15 -35.20
N PHE D 77 -36.12 24.47 -34.14
CA PHE D 77 -36.38 25.10 -32.86
C PHE D 77 -35.16 24.90 -31.97
N CYS D 78 -34.65 25.97 -31.40
CA CYS D 78 -33.46 25.83 -30.57
C CYS D 78 -33.46 26.92 -29.51
N ARG D 79 -32.48 26.84 -28.63
CA ARG D 79 -32.34 27.81 -27.56
C ARG D 79 -32.16 29.21 -28.11
N GLU D 80 -32.71 30.18 -27.39
CA GLU D 80 -32.51 31.59 -27.66
C GLU D 80 -31.19 32.07 -27.10
N ARG D 81 -30.67 33.13 -27.68
CA ARG D 81 -29.51 33.79 -27.19
C ARG D 81 -29.89 34.31 -25.81
N ASP D 82 -29.03 34.20 -24.80
CA ASP D 82 -29.31 34.63 -23.43
C ASP D 82 -28.00 35.07 -22.81
N PRO D 83 -27.77 36.37 -22.68
CA PRO D 83 -26.43 36.83 -22.29
C PRO D 83 -25.99 36.33 -20.93
N GLU D 84 -26.90 36.24 -19.97
CA GLU D 84 -26.51 35.79 -18.65
C GLU D 84 -26.21 34.30 -18.65
N ARG D 85 -27.04 33.53 -19.32
CA ARG D 85 -26.82 32.11 -19.33
C ARG D 85 -25.58 31.73 -20.14
N GLU D 86 -25.37 32.42 -21.24
CA GLU D 86 -24.16 32.18 -22.01
C GLU D 86 -22.91 32.67 -21.28
N LEU D 87 -23.04 33.53 -20.28
CA LEU D 87 -21.88 33.90 -19.49
C LEU D 87 -21.37 32.71 -18.69
N TRP D 88 -22.29 31.90 -18.19
CA TRP D 88 -21.90 30.73 -17.49
C TRP D 88 -21.58 29.50 -18.34
N ASP D 89 -22.50 29.20 -19.25
CA ASP D 89 -22.45 28.01 -20.06
C ASP D 89 -21.92 27.99 -21.45
N GLY D 90 -21.60 29.12 -22.01
CA GLY D 90 -21.08 29.12 -23.34
C GLY D 90 -22.04 29.58 -24.38
N LEU D 91 -21.49 29.94 -25.50
CA LEU D 91 -22.23 30.51 -26.56
C LEU D 91 -23.25 29.64 -27.17
N ARG D 92 -24.32 30.29 -27.55
CA ARG D 92 -25.43 29.63 -28.22
C ARG D 92 -25.54 30.13 -29.65
N ALA D 93 -26.01 29.26 -30.53
CA ALA D 93 -26.19 29.66 -31.93
C ALA D 93 -27.33 30.68 -32.05
N GLY D 94 -28.41 30.47 -31.33
CA GLY D 94 -29.58 31.31 -31.47
C GLY D 94 -30.25 31.08 -32.80
N GLN D 95 -31.36 31.79 -33.00
CA GLN D 95 -32.13 31.60 -34.21
C GLN D 95 -31.38 32.11 -35.43
N ASP D 96 -30.59 33.17 -35.28
CA ASP D 96 -29.79 33.63 -36.41
C ASP D 96 -28.70 32.63 -36.75
N GLY D 97 -28.04 32.08 -35.74
CA GLY D 97 -27.03 31.05 -36.00
C GLY D 97 -27.60 29.82 -36.66
N ALA D 98 -28.80 29.40 -36.25
CA ALA D 98 -29.43 28.24 -36.86
C ALA D 98 -29.61 28.45 -38.36
N ILE D 99 -30.11 29.63 -38.74
CA ILE D 99 -30.29 29.91 -40.16
C ILE D 99 -28.94 30.07 -40.84
N GLY D 100 -28.06 30.89 -40.29
CA GLY D 100 -26.81 31.19 -40.95
C GLY D 100 -25.77 30.10 -40.88
N GLN D 101 -25.40 29.69 -39.68
CA GLN D 101 -24.34 28.71 -39.55
C GLN D 101 -24.84 27.31 -39.91
N TYR D 102 -26.07 26.97 -39.55
CA TYR D 102 -26.57 25.61 -39.68
C TYR D 102 -27.57 25.42 -40.81
N GLY D 103 -27.84 26.42 -41.63
CA GLY D 103 -28.56 26.18 -42.85
C GLY D 103 -30.07 26.01 -42.72
N ALA D 104 -30.66 26.32 -41.58
CA ALA D 104 -32.10 26.26 -41.47
C ALA D 104 -32.77 27.31 -42.35
N ASP D 105 -33.95 26.97 -42.85
CA ASP D 105 -34.75 27.95 -43.58
C ASP D 105 -35.50 28.88 -42.63
N ASP D 106 -36.02 28.34 -41.55
CA ASP D 106 -36.68 29.11 -40.50
C ASP D 106 -36.21 28.58 -39.16
N ALA D 107 -36.21 29.43 -38.16
CA ALA D 107 -35.76 29.02 -36.83
C ALA D 107 -36.55 29.78 -35.79
N PHE D 108 -36.91 29.08 -34.72
CA PHE D 108 -37.78 29.64 -33.71
C PHE D 108 -37.29 29.24 -32.33
N PRO D 109 -37.59 30.05 -31.31
CA PRO D 109 -37.19 29.69 -29.95
C PRO D 109 -37.82 28.39 -29.52
N ILE D 110 -37.03 27.59 -28.81
CA ILE D 110 -37.54 26.32 -28.30
C ILE D 110 -38.68 26.57 -27.32
N GLY D 111 -38.68 27.70 -26.64
CA GLY D 111 -39.77 28.00 -25.74
C GLY D 111 -41.08 28.26 -26.42
N ASP D 112 -41.07 28.54 -27.72
CA ASP D 112 -42.28 28.83 -28.45
C ASP D 112 -42.79 27.65 -29.26
N ILE D 113 -42.23 26.46 -29.06
CA ILE D 113 -42.53 25.36 -29.98
C ILE D 113 -43.98 24.93 -29.87
N ASP D 114 -44.53 24.96 -28.65
CA ASP D 114 -45.93 24.60 -28.46
C ASP D 114 -46.85 25.53 -29.23
N ASP D 115 -46.46 26.76 -29.38
CA ASP D 115 -47.26 27.77 -30.07
C ASP D 115 -47.07 27.71 -31.55
N ILE D 116 -46.09 26.97 -32.00
CA ILE D 116 -45.82 26.88 -33.41
C ILE D 116 -45.88 25.53 -34.08
N LEU D 117 -45.36 24.49 -33.44
CA LEU D 117 -45.30 23.23 -34.12
C LEU D 117 -46.66 22.67 -34.50
N PRO D 118 -47.65 22.78 -33.66
CA PRO D 118 -48.96 22.27 -34.07
C PRO D 118 -49.42 22.83 -35.39
N GLY D 119 -49.22 24.13 -35.61
CA GLY D 119 -49.63 24.72 -36.87
C GLY D 119 -48.91 24.14 -38.07
N LEU D 120 -47.64 23.78 -37.88
CA LEU D 120 -46.89 23.17 -38.98
C LEU D 120 -47.32 21.73 -39.23
N ILE D 121 -47.72 21.03 -38.18
CA ILE D 121 -48.22 19.67 -38.34
C ILE D 121 -49.61 19.68 -38.98
N GLU D 122 -50.42 20.70 -38.69
CA GLU D 122 -51.78 20.79 -39.22
C GLU D 122 -51.77 20.70 -40.73
N GLY D 123 -52.67 19.87 -41.27
CA GLY D 123 -52.84 19.75 -42.69
C GLY D 123 -51.93 18.74 -43.37
N ARG D 124 -50.94 18.21 -42.66
CA ARG D 124 -50.10 17.18 -43.24
C ARG D 124 -50.77 15.81 -43.09
N ASP D 125 -50.53 14.94 -44.07
CA ASP D 125 -51.09 13.59 -44.03
C ASP D 125 -50.30 12.65 -43.12
N ARG D 126 -48.97 12.74 -43.11
CA ARG D 126 -48.13 11.80 -42.37
C ARG D 126 -47.12 12.55 -41.50
N VAL D 127 -46.84 11.98 -40.34
CA VAL D 127 -45.78 12.45 -39.47
C VAL D 127 -44.75 11.36 -39.34
N TYR D 128 -43.53 11.64 -39.78
CA TYR D 128 -42.43 10.69 -39.65
C TYR D 128 -41.66 11.01 -38.38
N TYR D 129 -41.54 10.02 -37.49
CA TYR D 129 -40.70 10.19 -36.33
C TYR D 129 -40.35 8.82 -35.77
N ALA D 130 -39.47 8.83 -34.78
CA ALA D 130 -38.92 7.60 -34.21
C ALA D 130 -39.85 7.16 -33.09
N LEU D 131 -40.92 6.47 -33.45
CA LEU D 131 -41.87 5.99 -32.46
C LEU D 131 -41.17 5.14 -31.41
N GLY D 132 -41.39 5.47 -30.15
CA GLY D 132 -40.86 4.68 -29.07
C GLY D 132 -39.42 4.97 -28.70
N ALA D 133 -38.68 5.68 -29.54
CA ALA D 133 -37.27 5.90 -29.24
C ALA D 133 -37.10 6.80 -28.03
N ASN D 134 -37.93 7.83 -27.91
CA ASN D 134 -37.86 8.79 -26.82
C ASN D 134 -39.28 9.01 -26.34
N PRO D 135 -39.72 8.24 -25.35
CA PRO D 135 -41.10 8.35 -24.87
C PRO D 135 -41.46 9.74 -24.38
N ASP D 136 -40.53 10.47 -23.77
CA ASP D 136 -40.84 11.84 -23.37
C ASP D 136 -41.22 12.69 -24.57
N PHE D 137 -40.47 12.56 -25.67
CA PHE D 137 -40.84 13.27 -26.88
C PHE D 137 -42.15 12.79 -27.45
N ASP D 138 -42.41 11.48 -27.38
CA ASP D 138 -43.65 10.95 -27.94
C ASP D 138 -44.86 11.54 -27.25
N ARG D 139 -44.75 11.86 -25.98
CA ARG D 139 -45.84 12.47 -25.24
C ARG D 139 -45.96 13.92 -25.68
N ARG D 140 -44.84 14.61 -25.74
CA ARG D 140 -44.87 15.97 -26.26
C ARG D 140 -45.56 16.03 -27.60
N LEU D 141 -45.31 15.06 -28.47
CA LEU D 141 -45.93 15.07 -29.78
C LEU D 141 -47.44 14.93 -29.68
N MET D 142 -47.90 13.95 -28.89
CA MET D 142 -49.33 13.73 -28.75
C MET D 142 -50.05 14.97 -28.23
N ASP D 143 -49.39 15.75 -27.37
CA ASP D 143 -49.99 17.00 -26.94
C ASP D 143 -50.19 17.95 -28.12
N TRP D 144 -49.16 18.14 -28.93
CA TRP D 144 -49.28 19.01 -30.09
C TRP D 144 -50.42 18.55 -30.98
N ILE D 145 -50.59 17.24 -31.12
CA ILE D 145 -51.68 16.74 -31.93
C ILE D 145 -53.02 17.05 -31.26
N ASN D 146 -53.08 16.91 -29.94
CA ASN D 146 -54.32 17.21 -29.24
C ASN D 146 -54.73 18.66 -29.42
N VAL D 147 -53.78 19.57 -29.55
CA VAL D 147 -54.10 20.95 -29.84
C VAL D 147 -54.86 21.03 -31.16
N ILE D 148 -54.36 20.34 -32.18
CA ILE D 148 -55.09 20.27 -33.45
C ILE D 148 -56.45 19.64 -33.24
N ARG D 149 -56.55 18.66 -32.34
CA ARG D 149 -57.81 17.96 -32.15
C ARG D 149 -58.88 18.91 -31.62
N SER D 150 -58.48 19.95 -30.87
CA SER D 150 -59.48 20.88 -30.34
C SER D 150 -60.14 21.66 -31.46
N LYS D 151 -59.40 22.16 -32.41
CA LYS D 151 -60.01 22.94 -33.45
C LYS D 151 -60.68 22.19 -34.60
N ALA D 152 -60.79 20.91 -34.48
CA ALA D 152 -61.34 20.13 -35.59
C ALA D 152 -62.53 20.84 -36.22
N ARG D 153 -63.38 21.48 -35.40
CA ARG D 153 -64.55 22.17 -35.95
C ARG D 153 -64.16 23.40 -36.76
N GLN D 154 -63.02 24.01 -36.46
CA GLN D 154 -62.46 25.05 -37.30
C GLN D 154 -61.94 24.50 -38.64
N GLY D 155 -62.22 23.25 -38.99
CA GLY D 155 -61.60 22.68 -40.18
C GLY D 155 -60.12 22.43 -40.08
N ALA D 156 -59.56 22.36 -38.88
CA ALA D 156 -58.19 21.91 -38.69
C ALA D 156 -58.21 20.39 -38.70
N GLN D 157 -57.47 19.79 -39.61
CA GLN D 157 -57.44 18.34 -39.67
C GLN D 157 -56.07 17.82 -39.23
N PRO D 158 -56.02 17.01 -38.19
CA PRO D 158 -54.76 16.43 -37.77
C PRO D 158 -54.35 15.35 -38.73
N PRO D 159 -53.07 14.97 -38.74
CA PRO D 159 -52.64 13.88 -39.61
C PRO D 159 -53.29 12.58 -39.17
N ASN D 160 -53.45 11.69 -40.14
CA ASN D 160 -54.05 10.41 -39.83
C ASN D 160 -53.04 9.29 -39.76
N GLU D 161 -51.77 9.57 -40.03
CA GLU D 161 -50.78 8.50 -40.13
C GLU D 161 -49.49 8.89 -39.44
N PHE D 162 -48.95 7.97 -38.66
CA PHE D 162 -47.62 8.10 -38.08
C PHE D 162 -46.78 6.99 -38.69
N VAL D 163 -45.61 7.35 -39.21
CA VAL D 163 -44.69 6.45 -39.85
C VAL D 163 -43.34 6.39 -39.15
N ALA D 164 -42.81 5.19 -38.96
CA ALA D 164 -41.58 5.03 -38.22
C ALA D 164 -40.40 5.56 -39.03
N LEU D 165 -39.73 6.56 -38.50
CA LEU D 165 -38.65 7.20 -39.23
C LEU D 165 -37.40 6.35 -39.29
N ASP D 166 -37.09 5.60 -38.22
CA ASP D 166 -35.80 4.92 -38.17
C ASP D 166 -35.63 3.94 -39.31
N HIS D 167 -36.72 3.31 -39.73
CA HIS D 167 -36.64 2.38 -40.86
C HIS D 167 -35.97 3.04 -42.08
N LEU D 168 -36.41 4.25 -42.44
CA LEU D 168 -35.85 4.93 -43.60
C LEU D 168 -34.49 5.56 -43.30
N LEU D 169 -34.37 6.27 -42.18
CA LEU D 169 -33.17 7.04 -41.93
C LEU D 169 -31.99 6.12 -41.59
N HIS D 170 -32.23 5.03 -40.88
CA HIS D 170 -31.11 4.14 -40.59
C HIS D 170 -30.61 3.46 -41.83
N ASP D 171 -31.47 3.21 -42.82
CA ASP D 171 -30.96 2.63 -44.05
C ASP D 171 -30.06 3.61 -44.80
N GLN D 172 -30.34 4.91 -44.70
CA GLN D 172 -29.41 5.90 -45.24
C GLN D 172 -28.06 5.81 -44.55
N ARG D 173 -28.05 5.87 -43.23
CA ARG D 173 -26.82 5.82 -42.48
C ARG D 173 -25.98 4.58 -42.76
N LEU D 174 -26.60 3.50 -43.24
CA LEU D 174 -25.89 2.24 -43.49
C LEU D 174 -24.90 2.37 -44.64
N TYR D 175 -25.15 3.28 -45.56
CA TYR D 175 -24.28 3.49 -46.71
C TYR D 175 -23.43 4.72 -46.46
N LYS D 176 -22.15 4.51 -46.17
CA LYS D 176 -21.26 5.60 -45.81
C LYS D 176 -20.82 6.37 -47.06
N SER D 177 -20.91 7.70 -46.98
CA SER D 177 -20.41 8.56 -48.05
C SER D 177 -18.90 8.69 -47.96
N ALA D 178 -18.31 9.20 -49.05
CA ALA D 178 -16.86 9.38 -49.07
C ALA D 178 -16.38 10.21 -47.89
N ASN D 179 -17.11 11.25 -47.51
CA ASN D 179 -16.67 12.07 -46.40
C ASN D 179 -16.80 11.34 -45.08
N GLU D 180 -17.83 10.50 -44.95
CA GLU D 180 -17.97 9.71 -43.75
C GLU D 180 -16.80 8.74 -43.61
N VAL D 181 -16.48 8.03 -44.69
CA VAL D 181 -15.31 7.16 -44.69
C VAL D 181 -14.07 7.93 -44.30
N LYS D 182 -13.94 9.15 -44.82
CA LYS D 182 -12.78 9.99 -44.47
C LYS D 182 -12.70 10.22 -42.98
N VAL D 183 -13.83 10.53 -42.34
CA VAL D 183 -13.80 10.80 -40.91
C VAL D 183 -13.50 9.52 -40.14
N MET D 184 -14.10 8.41 -40.54
CA MET D 184 -13.86 7.15 -39.85
C MET D 184 -12.42 6.70 -40.03
N ARG D 185 -11.88 6.89 -41.22
CA ARG D 185 -10.46 6.61 -41.46
C ARG D 185 -9.59 7.39 -40.49
N TYR D 186 -9.86 8.69 -40.33
CA TYR D 186 -9.08 9.49 -39.40
C TYR D 186 -9.24 8.99 -37.97
N ALA D 187 -10.46 8.76 -37.52
CA ALA D 187 -10.67 8.19 -36.19
C ALA D 187 -9.91 6.88 -36.02
N ALA D 188 -9.94 6.02 -37.03
CA ALA D 188 -9.21 4.77 -36.93
C ALA D 188 -7.72 5.01 -36.76
N GLU D 189 -7.20 6.04 -37.44
CA GLU D 189 -5.77 6.33 -37.38
C GLU D 189 -5.39 6.84 -36.00
N VAL D 190 -6.21 7.72 -35.41
CA VAL D 190 -5.98 8.16 -34.04
C VAL D 190 -5.98 6.96 -33.11
N SER D 191 -6.97 6.07 -33.27
CA SER D 191 -7.08 4.93 -32.36
C SER D 191 -5.91 3.97 -32.52
N ALA D 192 -5.46 3.76 -33.75
CA ALA D 192 -4.29 2.93 -33.99
C ALA D 192 -3.07 3.48 -33.27
N ARG D 193 -2.87 4.81 -33.32
CA ARG D 193 -1.73 5.39 -32.61
C ARG D 193 -1.87 5.18 -31.11
N ALA D 194 -3.10 5.26 -30.61
CA ALA D 194 -3.34 5.06 -29.18
C ALA D 194 -2.96 3.63 -28.77
N HIS D 195 -3.39 2.64 -29.54
CA HIS D 195 -3.09 1.26 -29.20
C HIS D 195 -1.58 1.01 -29.20
N ILE D 196 -0.87 1.58 -30.18
CA ILE D 196 0.58 1.46 -30.20
C ILE D 196 1.19 2.00 -28.93
N ARG D 197 0.75 3.18 -28.51
CA ARG D 197 1.29 3.77 -27.29
C ARG D 197 1.04 2.87 -26.10
N ALA D 198 -0.14 2.25 -26.03
CA ALA D 198 -0.40 1.33 -24.93
C ALA D 198 0.56 0.15 -24.97
N MET D 199 0.82 -0.40 -26.15
CA MET D 199 1.80 -1.48 -26.27
C MET D 199 3.18 -1.01 -25.80
N GLU D 200 3.56 0.21 -26.17
CA GLU D 200 4.93 0.66 -25.93
C GLU D 200 5.14 1.02 -24.45
N VAL D 201 4.09 1.38 -23.72
CA VAL D 201 4.26 1.78 -22.33
CA VAL D 201 4.26 1.79 -22.33
C VAL D 201 4.16 0.57 -21.41
N CYS D 202 3.48 -0.46 -21.86
CA CYS D 202 3.14 -1.55 -20.97
C CYS D 202 4.38 -2.21 -20.38
N ARG D 203 4.35 -2.44 -19.08
CA ARG D 203 5.35 -3.28 -18.41
C ARG D 203 4.73 -3.83 -17.15
N PRO D 204 5.19 -4.98 -16.66
CA PRO D 204 4.72 -5.49 -15.37
C PRO D 204 4.92 -4.45 -14.29
N GLY D 205 3.97 -4.40 -13.37
CA GLY D 205 4.00 -3.46 -12.30
C GLY D 205 3.10 -2.25 -12.52
N LEU D 206 2.79 -1.91 -13.76
CA LEU D 206 1.74 -0.93 -13.97
C LEU D 206 0.37 -1.57 -13.71
N PHE D 207 -0.64 -0.72 -13.64
CA PHE D 207 -2.02 -1.14 -13.54
C PHE D 207 -2.74 -0.94 -14.87
N GLU D 208 -3.86 -1.65 -15.01
CA GLU D 208 -4.66 -1.55 -16.22
C GLU D 208 -5.00 -0.09 -16.53
N TYR D 209 -5.21 0.73 -15.50
CA TYR D 209 -5.62 2.10 -15.78
C TYR D 209 -4.49 2.96 -16.34
N HIS D 210 -3.24 2.59 -16.08
CA HIS D 210 -2.14 3.26 -16.77
C HIS D 210 -2.29 3.12 -18.28
N LEU D 211 -2.68 1.95 -18.76
CA LEU D 211 -2.81 1.82 -20.19
C LEU D 211 -4.07 2.54 -20.69
N GLU D 212 -5.14 2.55 -19.90
CA GLU D 212 -6.29 3.35 -20.29
C GLU D 212 -5.90 4.82 -20.40
N ALA D 213 -5.06 5.30 -19.48
CA ALA D 213 -4.60 6.69 -19.56
C ALA D 213 -3.91 6.96 -20.89
N GLU D 214 -3.04 6.06 -21.35
CA GLU D 214 -2.36 6.28 -22.63
C GLU D 214 -3.37 6.39 -23.76
N LEU D 215 -4.42 5.56 -23.72
CA LEU D 215 -5.43 5.59 -24.76
C LEU D 215 -6.17 6.93 -24.78
N GLU D 216 -6.71 7.33 -23.63
CA GLU D 216 -7.42 8.60 -23.56
C GLU D 216 -6.53 9.76 -23.97
N TYR D 217 -5.25 9.70 -23.58
CA TYR D 217 -4.29 10.75 -23.94
C TYR D 217 -4.21 10.93 -25.45
N GLU D 218 -3.99 9.85 -26.17
CA GLU D 218 -3.86 9.93 -27.62
C GLU D 218 -5.20 10.26 -28.26
N PHE D 219 -6.28 9.67 -27.76
CA PHE D 219 -7.61 10.01 -28.26
C PHE D 219 -7.81 11.51 -28.26
N ARG D 220 -7.55 12.14 -27.11
CA ARG D 220 -7.90 13.55 -26.96
C ARG D 220 -6.92 14.44 -27.74
N LYS D 221 -5.65 14.09 -27.80
CA LYS D 221 -4.71 14.84 -28.63
C LYS D 221 -5.12 14.82 -30.09
N GLY D 222 -5.87 13.80 -30.50
CA GLY D 222 -6.39 13.75 -31.85
C GLY D 222 -7.65 14.57 -32.05
N GLY D 223 -8.17 15.14 -30.98
CA GLY D 223 -9.39 15.94 -31.04
C GLY D 223 -10.65 15.22 -30.60
N ALA D 224 -10.55 14.02 -30.02
CA ALA D 224 -11.75 13.29 -29.64
C ALA D 224 -12.42 13.93 -28.43
N LYS D 225 -13.74 14.12 -28.52
CA LYS D 225 -14.50 14.62 -27.37
C LYS D 225 -14.71 13.54 -26.34
N MET D 226 -14.65 12.29 -26.75
CA MET D 226 -15.01 11.15 -25.92
C MET D 226 -14.67 9.88 -26.70
N PRO D 227 -14.48 8.76 -26.02
CA PRO D 227 -14.30 7.51 -26.74
C PRO D 227 -15.60 7.11 -27.42
N ALA D 228 -15.47 6.27 -28.44
CA ALA D 228 -16.66 5.67 -29.02
C ALA D 228 -17.41 4.77 -28.05
N TYR D 229 -16.76 4.36 -26.96
CA TYR D 229 -17.32 3.46 -25.96
C TYR D 229 -16.31 3.35 -24.83
N GLY D 230 -16.80 2.99 -23.65
CA GLY D 230 -15.89 2.77 -22.53
C GLY D 230 -14.75 1.83 -22.88
N SER D 231 -13.51 2.23 -22.61
CA SER D 231 -12.35 1.41 -22.96
C SER D 231 -12.28 0.16 -22.11
N ILE D 232 -11.94 -0.96 -22.74
CA ILE D 232 -11.70 -2.24 -22.08
C ILE D 232 -10.19 -2.48 -22.05
N VAL D 233 -9.62 -2.59 -20.85
CA VAL D 233 -8.21 -2.87 -20.65
C VAL D 233 -8.11 -4.04 -19.68
N ALA D 234 -7.96 -5.24 -20.19
CA ALA D 234 -8.17 -6.44 -19.40
C ALA D 234 -6.88 -7.24 -19.37
N ALA D 235 -6.24 -7.31 -18.21
CA ALA D 235 -5.01 -8.06 -18.03
C ALA D 235 -5.33 -9.47 -17.52
N GLY D 236 -4.69 -10.45 -18.12
CA GLY D 236 -4.68 -11.79 -17.53
C GLY D 236 -6.05 -12.41 -17.60
N ARG D 237 -6.51 -12.97 -16.49
CA ARG D 237 -7.81 -13.63 -16.48
C ARG D 237 -8.93 -12.68 -16.87
N ASN D 238 -8.74 -11.38 -16.66
CA ASN D 238 -9.78 -10.41 -17.00
C ASN D 238 -10.06 -10.37 -18.49
N ALA D 239 -9.15 -10.85 -19.32
CA ALA D 239 -9.39 -10.87 -20.74
C ALA D 239 -10.50 -11.82 -21.12
N CYS D 240 -10.88 -12.73 -20.23
CA CYS D 240 -11.99 -13.63 -20.51
C CYS D 240 -13.34 -13.01 -20.19
N ILE D 241 -13.38 -11.77 -19.69
CA ILE D 241 -14.61 -11.03 -19.45
C ILE D 241 -14.82 -10.09 -20.63
N LEU D 242 -15.83 -10.36 -21.43
CA LEU D 242 -16.00 -9.69 -22.69
C LEU D 242 -16.10 -8.18 -22.65
N HIS D 243 -16.75 -7.65 -21.64
CA HIS D 243 -16.86 -6.23 -21.53
C HIS D 243 -16.31 -5.76 -20.19
N TYR D 244 -15.14 -6.26 -19.85
CA TYR D 244 -14.49 -5.91 -18.61
C TYR D 244 -14.25 -4.44 -18.59
N ARG D 245 -14.57 -3.83 -17.48
CA ARG D 245 -14.39 -2.38 -17.39
C ARG D 245 -13.83 -1.89 -16.07
N GLU D 246 -13.52 -2.77 -15.13
CA GLU D 246 -12.89 -2.32 -13.89
C GLU D 246 -11.59 -1.59 -14.18
N ASN D 247 -10.76 -2.12 -15.07
CA ASN D 247 -9.52 -1.46 -15.49
C ASN D 247 -8.69 -1.01 -14.29
N ASP D 248 -8.64 -1.84 -13.26
CA ASP D 248 -7.97 -1.44 -12.02
C ASP D 248 -7.01 -2.50 -11.47
N ALA D 249 -6.68 -3.53 -12.23
CA ALA D 249 -5.87 -4.63 -11.73
C ALA D 249 -4.39 -4.43 -12.05
N ALA D 250 -3.53 -4.91 -11.16
CA ALA D 250 -2.10 -4.85 -11.39
C ALA D 250 -1.71 -5.76 -12.54
N ILE D 251 -0.78 -5.30 -13.37
CA ILE D 251 -0.29 -6.07 -14.51
C ILE D 251 0.90 -6.92 -14.08
N LYS D 252 0.87 -8.21 -14.42
CA LYS D 252 1.87 -9.16 -13.95
C LYS D 252 2.66 -9.76 -15.10
N ASP D 253 3.93 -10.07 -14.81
CA ASP D 253 4.76 -10.72 -15.81
C ASP D 253 4.08 -12.01 -16.24
N GLY D 254 3.96 -12.22 -17.53
CA GLY D 254 3.28 -13.39 -18.04
C GLY D 254 1.84 -13.18 -18.45
N ASP D 255 1.19 -12.11 -18.00
CA ASP D 255 -0.15 -11.77 -18.45
C ASP D 255 -0.18 -11.48 -19.94
N LEU D 256 -1.28 -11.83 -20.59
CA LEU D 256 -1.67 -11.12 -21.80
C LEU D 256 -2.46 -9.88 -21.40
N ILE D 257 -2.48 -8.90 -22.29
CA ILE D 257 -3.31 -7.72 -22.14
C ILE D 257 -4.26 -7.68 -23.34
N LEU D 258 -5.55 -7.60 -23.06
CA LEU D 258 -6.55 -7.42 -24.10
C LEU D 258 -7.05 -5.98 -24.01
N ILE D 259 -6.94 -5.24 -25.10
CA ILE D 259 -7.38 -3.84 -25.14
C ILE D 259 -8.37 -3.65 -26.28
N ASP D 260 -9.61 -3.31 -25.93
CA ASP D 260 -10.66 -3.01 -26.91
C ASP D 260 -11.01 -1.54 -26.68
N ALA D 261 -10.62 -0.67 -27.60
CA ALA D 261 -10.86 0.75 -27.41
C ALA D 261 -10.78 1.47 -28.74
N GLY D 262 -11.48 2.60 -28.82
CA GLY D 262 -11.50 3.39 -30.03
C GLY D 262 -12.05 4.78 -29.77
N CYS D 263 -11.48 5.78 -30.41
CA CYS D 263 -12.05 7.10 -30.24
C CYS D 263 -13.21 7.30 -31.21
N GLU D 264 -13.89 8.41 -31.03
CA GLU D 264 -14.91 8.91 -31.95
C GLU D 264 -14.53 10.33 -32.37
N ILE D 265 -14.76 10.65 -33.64
CA ILE D 265 -14.47 11.97 -34.21
C ILE D 265 -15.72 12.48 -34.90
N ASP D 266 -16.17 13.67 -34.54
CA ASP D 266 -17.37 14.28 -35.15
C ASP D 266 -18.55 13.32 -35.13
N CYS D 267 -18.65 12.54 -34.04
CA CYS D 267 -19.71 11.56 -33.82
C CYS D 267 -19.59 10.34 -34.72
N TYR D 268 -18.40 10.00 -35.20
CA TYR D 268 -18.16 8.78 -35.95
C TYR D 268 -17.20 7.88 -35.18
N ALA D 269 -17.55 6.60 -35.05
CA ALA D 269 -16.78 5.69 -34.20
C ALA D 269 -15.60 5.06 -34.91
N SER D 270 -14.70 4.53 -34.11
CA SER D 270 -13.60 3.63 -34.46
C SER D 270 -13.68 2.54 -33.38
N ASP D 271 -13.20 1.35 -33.66
CA ASP D 271 -13.32 0.23 -32.74
C ASP D 271 -12.22 -0.79 -32.99
N ILE D 272 -11.22 -0.81 -32.16
CA ILE D 272 -10.13 -1.70 -32.31
C ILE D 272 -9.82 -2.54 -31.09
N THR D 273 -9.46 -3.79 -31.32
CA THR D 273 -8.99 -4.64 -30.22
C THR D 273 -7.66 -5.24 -30.61
N ARG D 274 -6.67 -5.08 -29.74
CA ARG D 274 -5.40 -5.79 -29.87
C ARG D 274 -5.11 -6.51 -28.56
N THR D 275 -4.37 -7.61 -28.67
CA THR D 275 -3.94 -8.39 -27.53
C THR D 275 -2.45 -8.62 -27.64
N PHE D 276 -1.73 -8.48 -26.53
CA PHE D 276 -0.27 -8.52 -26.57
C PHE D 276 0.25 -8.95 -25.22
N PRO D 277 1.48 -9.47 -25.16
CA PRO D 277 2.03 -9.94 -23.88
C PRO D 277 2.56 -8.77 -23.06
N ALA D 278 2.22 -8.77 -21.78
CA ALA D 278 2.63 -7.68 -20.90
C ALA D 278 4.15 -7.55 -20.84
N ASN D 279 4.87 -8.66 -20.96
CA ASN D 279 6.31 -8.63 -20.82
C ASN D 279 7.04 -8.59 -22.15
N GLY D 280 6.31 -8.44 -23.25
CA GLY D 280 6.93 -8.31 -24.55
C GLY D 280 7.14 -9.60 -25.34
N ARG D 281 6.83 -10.76 -24.77
CA ARG D 281 7.07 -12.02 -25.44
C ARG D 281 5.89 -12.96 -25.22
N PHE D 282 5.24 -13.35 -26.30
CA PHE D 282 4.19 -14.36 -26.22
C PHE D 282 4.78 -15.69 -25.75
N SER D 283 4.19 -16.26 -24.71
CA SER D 283 4.49 -17.64 -24.36
C SER D 283 4.06 -18.56 -25.49
N PRO D 284 4.55 -19.81 -25.50
CA PRO D 284 4.14 -20.72 -26.59
C PRO D 284 2.64 -20.95 -26.63
N GLU D 285 2.09 -21.08 -25.46
CA GLU D 285 0.56 -21.23 -25.44
C GLU D 285 -0.30 -19.93 -25.84
N GLN D 286 0.24 -18.81 -25.37
CA GLN D 286 -0.34 -17.55 -25.83
C GLN D 286 -0.18 -17.40 -27.34
N LYS D 287 1.02 -17.66 -27.85
CA LYS D 287 1.27 -17.49 -29.28
C LYS D 287 0.36 -18.37 -30.12
N ALA D 288 0.12 -19.60 -29.68
CA ALA D 288 -0.70 -20.51 -30.45
C ALA D 288 -2.15 -20.05 -30.50
N ILE D 289 -2.69 -19.66 -29.36
CA ILE D 289 -4.06 -19.15 -29.33
C ILE D 289 -4.13 -17.86 -30.14
N TYR D 290 -3.17 -16.95 -29.96
CA TYR D 290 -3.18 -15.68 -30.69
C TYR D 290 -3.16 -15.91 -32.20
N GLU D 291 -2.25 -16.75 -32.68
CA GLU D 291 -2.13 -16.89 -34.13
C GLU D 291 -3.33 -17.64 -34.72
N LEU D 292 -4.02 -18.42 -33.91
CA LEU D 292 -5.28 -18.98 -34.40
C LEU D 292 -6.31 -17.88 -34.60
N VAL D 293 -6.47 -17.00 -33.61
CA VAL D 293 -7.41 -15.89 -33.76
C VAL D 293 -7.02 -15.05 -34.96
N LEU D 294 -5.73 -14.76 -35.11
CA LEU D 294 -5.27 -13.95 -36.24
C LEU D 294 -5.63 -14.60 -37.57
N GLU D 295 -5.54 -15.93 -37.64
CA GLU D 295 -5.98 -16.65 -38.82
C GLU D 295 -7.45 -16.41 -39.10
N ALA D 296 -8.28 -16.42 -38.06
CA ALA D 296 -9.70 -16.18 -38.26
C ALA D 296 -9.96 -14.73 -38.67
N ASN D 297 -9.27 -13.79 -38.03
CA ASN D 297 -9.32 -12.38 -38.45
C ASN D 297 -9.01 -12.24 -39.94
N MET D 298 -7.92 -12.84 -40.38
CA MET D 298 -7.53 -12.66 -41.78
C MET D 298 -8.50 -13.34 -42.72
N ALA D 299 -9.06 -14.47 -42.30
CA ALA D 299 -9.97 -15.21 -43.18
C ALA D 299 -11.26 -14.44 -43.41
N ALA D 300 -11.71 -13.70 -42.40
CA ALA D 300 -12.98 -13.01 -42.51
C ALA D 300 -12.97 -11.96 -43.62
N PHE D 301 -11.80 -11.36 -43.90
CA PHE D 301 -11.79 -10.30 -44.90
C PHE D 301 -12.11 -10.83 -46.28
N ASP D 302 -11.79 -12.10 -46.53
CA ASP D 302 -12.05 -12.72 -47.81
C ASP D 302 -13.52 -12.95 -48.07
N TYR D 303 -14.37 -12.79 -47.07
CA TYR D 303 -15.81 -12.94 -47.24
C TYR D 303 -16.56 -11.63 -47.09
N ILE D 304 -15.87 -10.51 -47.23
CA ILE D 304 -16.50 -9.20 -47.19
C ILE D 304 -16.24 -8.54 -48.54
N ALA D 305 -17.27 -8.53 -49.37
CA ALA D 305 -17.20 -7.97 -50.72
C ALA D 305 -18.63 -7.84 -51.23
N PRO D 306 -18.86 -6.99 -52.25
CA PRO D 306 -20.20 -6.85 -52.79
C PRO D 306 -20.73 -8.19 -53.29
N GLY D 307 -21.94 -8.53 -52.87
CA GLY D 307 -22.56 -9.78 -53.20
C GLY D 307 -22.47 -10.82 -52.11
N ARG D 308 -21.47 -10.73 -51.24
CA ARG D 308 -21.42 -11.61 -50.07
C ARG D 308 -22.52 -11.24 -49.10
N HIS D 309 -22.94 -12.22 -48.32
CA HIS D 309 -23.94 -11.99 -47.29
C HIS D 309 -23.27 -11.68 -45.96
N TRP D 310 -24.04 -11.00 -45.10
CA TRP D 310 -23.49 -10.48 -43.84
C TRP D 310 -22.82 -11.57 -43.02
N ASN D 311 -23.45 -12.74 -42.89
CA ASN D 311 -22.99 -13.76 -41.96
C ASN D 311 -21.79 -14.54 -42.47
N GLU D 312 -21.37 -14.36 -43.72
CA GLU D 312 -20.33 -15.21 -44.26
C GLU D 312 -19.02 -15.01 -43.50
N ALA D 313 -18.69 -13.78 -43.15
CA ALA D 313 -17.47 -13.53 -42.38
C ALA D 313 -17.50 -14.25 -41.05
N HIS D 314 -18.60 -14.12 -40.31
CA HIS D 314 -18.70 -14.83 -39.04
C HIS D 314 -18.48 -16.33 -39.24
N GLU D 315 -19.17 -16.93 -40.22
CA GLU D 315 -19.10 -18.37 -40.39
C GLU D 315 -17.68 -18.82 -40.70
N ALA D 316 -16.96 -18.03 -41.49
CA ALA D 316 -15.56 -18.31 -41.73
C ALA D 316 -14.75 -18.34 -40.45
N THR D 317 -15.00 -17.41 -39.54
CA THR D 317 -14.24 -17.40 -38.30
C THR D 317 -14.58 -18.60 -37.45
N VAL D 318 -15.82 -19.08 -37.52
CA VAL D 318 -16.19 -20.27 -36.78
C VAL D 318 -15.45 -21.47 -37.32
N ARG D 319 -15.41 -21.63 -38.64
CA ARG D 319 -14.69 -22.75 -39.24
C ARG D 319 -13.23 -22.74 -38.83
N VAL D 320 -12.57 -21.58 -38.96
CA VAL D 320 -11.16 -21.48 -38.64
C VAL D 320 -10.91 -21.84 -37.19
N ILE D 321 -11.68 -21.22 -36.29
CA ILE D 321 -11.43 -21.40 -34.87
C ILE D 321 -11.71 -22.83 -34.45
N THR D 322 -12.80 -23.42 -34.93
CA THR D 322 -13.10 -24.79 -34.56
C THR D 322 -12.01 -25.73 -35.04
N ALA D 323 -11.58 -25.57 -36.29
CA ALA D 323 -10.51 -26.42 -36.81
C ALA D 323 -9.24 -26.25 -36.00
N GLY D 324 -8.89 -25.01 -35.63
CA GLY D 324 -7.71 -24.79 -34.84
C GLY D 324 -7.83 -25.38 -33.45
N LEU D 325 -9.01 -25.27 -32.84
CA LEU D 325 -9.19 -25.82 -31.51
C LEU D 325 -9.04 -27.33 -31.52
N VAL D 326 -9.42 -27.97 -32.61
CA VAL D 326 -9.20 -29.40 -32.75
C VAL D 326 -7.71 -29.69 -32.89
N ARG D 327 -7.03 -28.94 -33.73
CA ARG D 327 -5.61 -29.15 -33.94
C ARG D 327 -4.82 -29.02 -32.64
N LEU D 328 -5.29 -28.17 -31.75
CA LEU D 328 -4.60 -27.97 -30.48
C LEU D 328 -5.04 -28.95 -29.41
N GLY D 329 -6.04 -29.80 -29.67
CA GLY D 329 -6.54 -30.70 -28.67
C GLY D 329 -7.49 -30.10 -27.67
N LEU D 330 -7.90 -28.84 -27.85
CA LEU D 330 -8.84 -28.19 -26.95
CA LEU D 330 -8.84 -28.19 -26.95
C LEU D 330 -10.28 -28.58 -27.24
N LEU D 331 -10.54 -29.18 -28.39
CA LEU D 331 -11.81 -29.80 -28.73
C LEU D 331 -11.46 -31.14 -29.37
N GLU D 332 -12.30 -32.15 -29.13
CA GLU D 332 -12.13 -33.47 -29.71
C GLU D 332 -13.27 -33.76 -30.67
N GLY D 333 -12.93 -34.18 -31.87
CA GLY D 333 -13.97 -34.76 -32.68
C GLY D 333 -13.99 -34.19 -34.07
N ASP D 334 -15.15 -34.32 -34.68
CA ASP D 334 -15.38 -33.93 -36.06
C ASP D 334 -15.73 -32.46 -36.12
N VAL D 335 -14.99 -31.71 -36.94
CA VAL D 335 -15.17 -30.26 -36.99
C VAL D 335 -16.60 -29.91 -37.36
N ASP D 336 -17.13 -30.53 -38.42
CA ASP D 336 -18.51 -30.25 -38.80
C ASP D 336 -19.49 -30.61 -37.69
N GLU D 337 -19.25 -31.71 -36.98
CA GLU D 337 -20.12 -32.06 -35.86
C GLU D 337 -20.03 -31.03 -34.76
N LEU D 338 -18.82 -30.64 -34.40
CA LEU D 338 -18.64 -29.68 -33.31
C LEU D 338 -19.31 -28.35 -33.63
N ILE D 339 -19.25 -27.93 -34.89
CA ILE D 339 -19.90 -26.68 -35.28
C ILE D 339 -21.40 -26.83 -35.17
N ALA D 340 -21.96 -27.90 -35.72
CA ALA D 340 -23.39 -28.13 -35.62
C ALA D 340 -23.85 -28.23 -34.17
N HIS D 341 -23.05 -28.80 -33.30
CA HIS D 341 -23.42 -28.85 -31.90
C HIS D 341 -22.97 -27.61 -31.14
N GLU D 342 -22.35 -26.65 -31.83
CA GLU D 342 -21.92 -25.40 -31.23
C GLU D 342 -20.98 -25.65 -30.05
N ALA D 343 -20.10 -26.64 -30.19
CA ALA D 343 -19.14 -26.89 -29.13
C ALA D 343 -18.12 -25.78 -29.01
N TYR D 344 -17.88 -25.03 -30.08
CA TYR D 344 -16.90 -23.96 -30.04
C TYR D 344 -17.33 -22.81 -29.15
N LYS D 345 -18.60 -22.73 -28.75
CA LYS D 345 -19.05 -21.60 -27.96
C LYS D 345 -18.52 -21.62 -26.53
N ALA D 346 -17.92 -22.72 -26.11
CA ALA D 346 -17.15 -22.70 -24.87
C ALA D 346 -15.98 -21.73 -24.95
N PHE D 347 -15.50 -21.45 -26.15
CA PHE D 347 -14.32 -20.64 -26.34
C PHE D 347 -14.58 -19.35 -27.11
N TYR D 348 -15.60 -19.31 -27.97
CA TYR D 348 -15.84 -18.22 -28.91
C TYR D 348 -17.35 -18.03 -28.94
N MET D 349 -17.86 -17.20 -28.05
CA MET D 349 -19.27 -17.16 -27.75
C MET D 349 -19.94 -15.87 -28.20
N HIS D 350 -19.33 -15.12 -29.12
CA HIS D 350 -19.90 -13.87 -29.61
C HIS D 350 -19.75 -13.79 -31.12
N ARG D 351 -20.39 -12.79 -31.69
CA ARG D 351 -20.43 -12.65 -33.13
C ARG D 351 -19.13 -12.05 -33.63
N ALA D 352 -18.83 -12.32 -34.90
CA ALA D 352 -17.58 -11.84 -35.47
C ALA D 352 -17.59 -10.35 -35.84
N GLY D 353 -18.68 -9.64 -35.69
CA GLY D 353 -18.68 -8.24 -36.09
C GLY D 353 -20.04 -7.60 -35.97
N HIS D 354 -20.06 -6.28 -36.23
CA HIS D 354 -21.27 -5.48 -36.25
C HIS D 354 -21.08 -4.33 -37.23
N TRP D 355 -22.19 -3.71 -37.62
CA TRP D 355 -22.10 -2.49 -38.41
C TRP D 355 -21.34 -1.45 -37.59
N LEU D 356 -20.59 -0.58 -38.28
CA LEU D 356 -19.83 0.49 -37.65
C LEU D 356 -20.24 1.84 -38.25
N GLY D 357 -20.37 2.85 -37.41
CA GLY D 357 -20.75 4.16 -37.87
C GLY D 357 -20.82 5.22 -36.78
N MET D 358 -21.86 6.05 -36.80
CA MET D 358 -21.98 7.11 -35.82
C MET D 358 -22.24 6.53 -34.43
N ASP D 359 -22.80 5.33 -34.36
CA ASP D 359 -22.84 4.54 -33.14
C ASP D 359 -21.93 3.35 -33.36
N VAL D 360 -21.15 2.96 -32.34
CA VAL D 360 -20.16 1.91 -32.56
C VAL D 360 -20.85 0.61 -32.99
N HIS D 361 -21.98 0.27 -32.37
CA HIS D 361 -22.85 -0.82 -32.84
C HIS D 361 -23.89 -0.03 -33.68
N ASP D 362 -23.65 0.05 -34.97
CA ASP D 362 -24.36 1.04 -35.77
C ASP D 362 -25.72 0.52 -36.20
N VAL D 363 -26.57 1.44 -36.65
CA VAL D 363 -27.91 1.13 -37.14
C VAL D 363 -27.82 0.40 -38.47
N GLY D 364 -28.95 -0.10 -38.96
CA GLY D 364 -28.98 -0.84 -40.20
C GLY D 364 -29.45 -2.27 -40.02
N GLU D 365 -30.27 -2.75 -40.95
CA GLU D 365 -30.91 -4.06 -40.84
C GLU D 365 -29.94 -5.15 -41.28
N TYR D 366 -29.68 -6.10 -40.38
CA TYR D 366 -28.83 -7.22 -40.70
C TYR D 366 -29.53 -8.25 -41.57
N ARG D 367 -30.85 -8.28 -41.54
CA ARG D 367 -31.63 -9.23 -42.33
C ARG D 367 -32.65 -8.49 -43.17
N VAL D 368 -32.78 -8.91 -44.42
CA VAL D 368 -33.76 -8.35 -45.33
C VAL D 368 -34.43 -9.48 -46.09
N GLY D 369 -35.74 -9.56 -45.99
CA GLY D 369 -36.48 -10.57 -46.71
C GLY D 369 -36.11 -11.97 -46.25
N GLY D 370 -36.07 -12.15 -44.94
CA GLY D 370 -35.80 -13.46 -44.37
C GLY D 370 -34.47 -14.06 -44.78
N GLU D 371 -33.54 -13.19 -45.09
CA GLU D 371 -32.24 -13.58 -45.54
C GLU D 371 -31.17 -12.64 -44.93
N TRP D 372 -29.90 -13.07 -44.86
CA TRP D 372 -28.85 -12.17 -44.43
C TRP D 372 -28.65 -11.06 -45.46
N ARG D 373 -28.41 -9.85 -44.96
CA ARG D 373 -28.22 -8.68 -45.82
C ARG D 373 -27.12 -8.94 -46.83
N VAL D 374 -27.33 -8.50 -48.06
CA VAL D 374 -26.30 -8.58 -49.09
C VAL D 374 -25.41 -7.35 -48.99
N LEU D 375 -24.10 -7.56 -48.96
CA LEU D 375 -23.20 -6.44 -48.78
C LEU D 375 -23.09 -5.62 -50.06
N GLU D 376 -22.98 -4.31 -49.89
CA GLU D 376 -22.82 -3.34 -50.98
C GLU D 376 -21.76 -2.33 -50.59
N PRO D 377 -21.08 -1.72 -51.58
CA PRO D 377 -20.05 -0.73 -51.25
C PRO D 377 -20.59 0.38 -50.37
N GLY D 378 -19.77 0.82 -49.43
CA GLY D 378 -20.15 1.85 -48.49
C GLY D 378 -20.57 1.34 -47.14
N MET D 379 -20.91 0.06 -47.03
CA MET D 379 -21.22 -0.49 -45.73
C MET D 379 -19.94 -0.66 -44.91
N ALA D 380 -20.01 -0.34 -43.62
CA ALA D 380 -18.85 -0.44 -42.76
C ALA D 380 -19.16 -1.33 -41.57
N MET D 381 -18.15 -2.07 -41.11
CA MET D 381 -18.36 -3.07 -40.08
C MET D 381 -17.03 -3.42 -39.41
N THR D 382 -17.13 -4.21 -38.35
CA THR D 382 -15.96 -4.74 -37.65
C THR D 382 -15.77 -6.23 -37.96
N VAL D 383 -14.56 -6.67 -37.72
CA VAL D 383 -14.17 -8.06 -37.78
C VAL D 383 -13.44 -8.29 -36.45
N GLU D 384 -14.00 -9.08 -35.56
CA GLU D 384 -13.45 -9.32 -34.25
C GLU D 384 -13.64 -10.71 -33.62
N PRO D 385 -13.01 -11.71 -34.30
CA PRO D 385 -13.11 -13.05 -33.70
C PRO D 385 -12.27 -13.09 -32.42
N GLY D 386 -12.52 -14.05 -31.56
CA GLY D 386 -11.80 -14.17 -30.30
C GLY D 386 -11.84 -15.59 -29.78
N ILE D 387 -10.93 -15.87 -28.85
CA ILE D 387 -10.91 -17.15 -28.13
C ILE D 387 -10.69 -16.84 -26.65
N TYR D 388 -11.50 -17.42 -25.79
CA TYR D 388 -11.43 -17.16 -24.36
C TYR D 388 -11.52 -18.48 -23.60
N ILE D 389 -10.41 -18.90 -23.01
CA ILE D 389 -10.35 -20.13 -22.22
C ILE D 389 -10.47 -19.74 -20.76
N ALA D 390 -11.64 -20.00 -20.19
CA ALA D 390 -11.92 -19.55 -18.84
C ALA D 390 -10.87 -20.09 -17.88
N PRO D 391 -10.58 -19.35 -16.81
CA PRO D 391 -9.61 -19.81 -15.82
C PRO D 391 -10.02 -21.09 -15.13
N ASP D 392 -11.31 -21.44 -15.14
CA ASP D 392 -11.79 -22.64 -14.49
C ASP D 392 -12.22 -23.70 -15.49
N ASN D 393 -11.78 -23.61 -16.73
CA ASN D 393 -12.16 -24.63 -17.71
C ASN D 393 -11.30 -25.85 -17.46
N THR D 394 -11.88 -26.80 -16.75
CA THR D 394 -11.22 -28.03 -16.36
C THR D 394 -11.09 -29.02 -17.50
N THR D 395 -11.74 -28.77 -18.63
CA THR D 395 -11.66 -29.72 -19.72
C THR D 395 -10.41 -29.56 -20.56
N VAL D 396 -9.53 -28.64 -20.22
CA VAL D 396 -8.32 -28.42 -21.00
C VAL D 396 -7.13 -28.37 -20.04
N ALA D 397 -5.95 -28.59 -20.61
CA ALA D 397 -4.74 -28.62 -19.79
C ALA D 397 -4.53 -27.29 -19.10
N LYS D 398 -3.87 -27.35 -17.95
CA LYS D 398 -3.78 -26.20 -17.07
C LYS D 398 -3.07 -25.03 -17.73
N LYS D 399 -2.12 -25.29 -18.63
CA LYS D 399 -1.38 -24.21 -19.23
C LYS D 399 -2.24 -23.35 -20.16
N TRP D 400 -3.43 -23.80 -20.54
CA TRP D 400 -4.25 -23.01 -21.43
C TRP D 400 -5.23 -22.11 -20.70
N ARG D 401 -5.49 -22.36 -19.43
CA ARG D 401 -6.60 -21.70 -18.76
C ARG D 401 -6.26 -20.25 -18.47
N GLY D 402 -7.25 -19.39 -18.59
CA GLY D 402 -7.06 -17.98 -18.33
C GLY D 402 -6.49 -17.17 -19.48
N ILE D 403 -6.51 -17.71 -20.68
CA ILE D 403 -5.99 -17.01 -21.86
C ILE D 403 -7.18 -16.45 -22.63
N GLY D 404 -7.15 -15.14 -22.86
CA GLY D 404 -8.16 -14.47 -23.66
C GLY D 404 -7.54 -13.66 -24.77
N VAL D 405 -8.02 -13.80 -26.00
CA VAL D 405 -7.44 -13.10 -27.15
C VAL D 405 -8.57 -12.63 -28.05
N ARG D 406 -8.52 -11.37 -28.46
CA ARG D 406 -9.39 -10.86 -29.51
C ARG D 406 -8.59 -9.90 -30.39
N ILE D 407 -8.83 -9.96 -31.69
CA ILE D 407 -8.13 -9.13 -32.67
C ILE D 407 -9.19 -8.52 -33.58
N GLU D 408 -9.40 -7.21 -33.44
CA GLU D 408 -10.52 -6.52 -34.08
C GLU D 408 -10.01 -5.41 -34.99
N ASP D 409 -10.57 -5.38 -36.20
CA ASP D 409 -10.29 -4.39 -37.23
C ASP D 409 -11.59 -3.79 -37.76
N ASP D 410 -11.48 -2.59 -38.31
CA ASP D 410 -12.59 -1.86 -38.90
C ASP D 410 -12.45 -1.86 -40.41
N VAL D 411 -13.54 -2.10 -41.12
CA VAL D 411 -13.47 -2.30 -42.56
CA VAL D 411 -13.51 -2.37 -42.55
C VAL D 411 -14.66 -1.65 -43.25
N VAL D 412 -14.43 -1.26 -44.51
CA VAL D 412 -15.45 -0.69 -45.38
C VAL D 412 -15.51 -1.48 -46.67
N VAL D 413 -16.72 -1.83 -47.10
CA VAL D 413 -16.91 -2.56 -48.35
C VAL D 413 -16.63 -1.63 -49.52
N THR D 414 -15.83 -2.12 -50.48
CA THR D 414 -15.49 -1.38 -51.68
C THR D 414 -16.10 -2.08 -52.88
N ARG D 415 -15.94 -1.51 -54.05
CA ARG D 415 -16.51 -2.09 -55.23
C ARG D 415 -15.95 -3.45 -55.50
N ASN D 416 -14.67 -3.62 -55.29
CA ASN D 416 -14.00 -4.88 -55.62
C ASN D 416 -13.73 -5.75 -54.41
N GLY D 417 -14.02 -5.28 -53.20
CA GLY D 417 -13.76 -6.07 -52.02
C GLY D 417 -13.98 -5.27 -50.77
N CYS D 418 -12.93 -5.04 -50.00
CA CYS D 418 -13.07 -4.24 -48.81
C CYS D 418 -11.75 -3.56 -48.47
N GLU D 419 -11.84 -2.55 -47.63
CA GLU D 419 -10.71 -1.72 -47.23
C GLU D 419 -10.64 -1.74 -45.72
N VAL D 420 -9.47 -2.06 -45.19
CA VAL D 420 -9.26 -2.14 -43.76
C VAL D 420 -8.74 -0.81 -43.27
N LEU D 421 -9.37 -0.25 -42.26
CA LEU D 421 -8.98 1.08 -41.83
C LEU D 421 -7.97 1.06 -40.70
N THR D 422 -7.72 -0.10 -40.11
CA THR D 422 -7.01 -0.22 -38.85
C THR D 422 -5.70 -1.01 -38.99
N ASN D 423 -5.12 -1.01 -40.18
CA ASN D 423 -3.81 -1.61 -40.40
C ASN D 423 -2.67 -0.80 -39.79
N GLY D 424 -2.96 0.38 -39.24
CA GLY D 424 -1.95 1.24 -38.68
C GLY D 424 -1.41 0.81 -37.34
N VAL D 425 -2.01 -0.17 -36.70
CA VAL D 425 -1.45 -0.80 -35.51
C VAL D 425 -1.28 -2.29 -35.80
N PRO D 426 -0.07 -2.82 -35.68
CA PRO D 426 0.21 -4.16 -36.21
C PRO D 426 -0.50 -5.25 -35.42
N LYS D 427 -0.56 -6.42 -36.04
CA LYS D 427 -1.17 -7.56 -35.40
C LYS D 427 -0.42 -8.88 -35.58
N THR D 428 0.66 -8.94 -36.32
CA THR D 428 1.47 -10.15 -36.31
C THR D 428 2.27 -10.23 -35.02
N VAL D 429 2.56 -11.46 -34.60
CA VAL D 429 3.39 -11.68 -33.42
C VAL D 429 4.73 -10.97 -33.56
N ALA D 430 5.35 -11.08 -34.74
CA ALA D 430 6.68 -10.51 -34.92
C ALA D 430 6.66 -9.00 -34.75
N GLU D 431 5.74 -8.32 -35.42
CA GLU D 431 5.69 -6.86 -35.34
C GLU D 431 5.40 -6.41 -33.92
N ILE D 432 4.50 -7.09 -33.23
CA ILE D 432 4.18 -6.68 -31.87
C ILE D 432 5.42 -6.80 -30.99
N GLU D 433 6.07 -7.97 -31.00
CA GLU D 433 7.24 -8.15 -30.14
C GLU D 433 8.32 -7.16 -30.53
N ALA D 434 8.52 -6.95 -31.84
CA ALA D 434 9.48 -5.96 -32.28
C ALA D 434 9.14 -4.58 -31.73
N LEU D 435 7.87 -4.19 -31.83
CA LEU D 435 7.45 -2.88 -31.36
C LEU D 435 7.72 -2.70 -29.87
N MET D 436 7.46 -3.73 -29.08
CA MET D 436 7.62 -3.61 -27.64
C MET D 436 9.09 -3.64 -27.25
N ALA D 437 9.90 -4.42 -27.95
CA ALA D 437 11.32 -4.44 -27.67
C ALA D 437 11.94 -3.09 -27.97
N ALA D 438 11.62 -2.51 -29.12
CA ALA D 438 12.15 -1.19 -29.46
C ALA D 438 11.81 -0.16 -28.40
N ALA D 439 10.58 -0.17 -27.89
CA ALA D 439 10.22 0.80 -26.86
C ALA D 439 10.99 0.54 -25.58
N LYS D 440 11.18 -0.74 -25.23
CA LYS D 440 11.87 -1.07 -24.00
C LYS D 440 13.29 -0.54 -24.00
N SER D 441 13.99 -0.74 -25.11
CA SER D 441 15.39 -0.30 -25.20
C SER D 441 15.49 1.22 -25.31
N GLU D 442 14.51 1.87 -25.93
CA GLU D 442 14.53 3.33 -25.97
C GLU D 442 14.37 3.91 -24.57
N ALA D 443 13.50 3.31 -23.76
CA ALA D 443 13.28 3.81 -22.41
C ALA D 443 14.48 3.58 -21.52
N ALA D 444 15.33 2.62 -21.85
CA ALA D 444 16.50 2.35 -21.03
C ALA D 444 17.74 2.99 -21.64
#